data_1DIX
# 
_entry.id   1DIX 
# 
_audit_conform.dict_name       mmcif_pdbx.dic 
_audit_conform.dict_version    5.399 
_audit_conform.dict_location   http://mmcif.pdb.org/dictionaries/ascii/mmcif_pdbx.dic 
# 
loop_
_database_2.database_id 
_database_2.database_code 
_database_2.pdbx_database_accession 
_database_2.pdbx_DOI 
PDB   1DIX         pdb_00001dix 10.2210/pdb1dix/pdb 
RCSB  RCSB010116   ?            ?                   
WWPDB D_1000010116 ?            ?                   
# 
loop_
_pdbx_audit_revision_history.ordinal 
_pdbx_audit_revision_history.data_content_type 
_pdbx_audit_revision_history.major_revision 
_pdbx_audit_revision_history.minor_revision 
_pdbx_audit_revision_history.revision_date 
1 'Structure model' 1 0 2000-09-06 
2 'Structure model' 1 1 2008-04-27 
3 'Structure model' 1 2 2011-07-13 
4 'Structure model' 1 3 2017-10-04 
5 'Structure model' 1 4 2024-11-20 
# 
_pdbx_audit_revision_details.ordinal             1 
_pdbx_audit_revision_details.revision_ordinal    1 
_pdbx_audit_revision_details.data_content_type   'Structure model' 
_pdbx_audit_revision_details.provider            repository 
_pdbx_audit_revision_details.type                'Initial release' 
_pdbx_audit_revision_details.description         ? 
_pdbx_audit_revision_details.details             ? 
# 
loop_
_pdbx_audit_revision_group.ordinal 
_pdbx_audit_revision_group.revision_ordinal 
_pdbx_audit_revision_group.data_content_type 
_pdbx_audit_revision_group.group 
1 2 'Structure model' 'Version format compliance' 
2 3 'Structure model' 'Version format compliance' 
3 4 'Structure model' 'Refinement description'    
4 5 'Structure model' 'Data collection'           
5 5 'Structure model' 'Database references'       
6 5 'Structure model' 'Structure summary'         
# 
loop_
_pdbx_audit_revision_category.ordinal 
_pdbx_audit_revision_category.revision_ordinal 
_pdbx_audit_revision_category.data_content_type 
_pdbx_audit_revision_category.category 
1 4 'Structure model' software                  
2 5 'Structure model' chem_comp_atom            
3 5 'Structure model' chem_comp_bond            
4 5 'Structure model' database_2                
5 5 'Structure model' pdbx_entry_details        
6 5 'Structure model' pdbx_modification_feature 
7 5 'Structure model' struct_ref_seq_dif        
# 
loop_
_pdbx_audit_revision_item.ordinal 
_pdbx_audit_revision_item.revision_ordinal 
_pdbx_audit_revision_item.data_content_type 
_pdbx_audit_revision_item.item 
1 5 'Structure model' '_database_2.pdbx_DOI'                
2 5 'Structure model' '_database_2.pdbx_database_accession' 
3 5 'Structure model' '_struct_ref_seq_dif.details'         
# 
_pdbx_database_status.status_code                     REL 
_pdbx_database_status.entry_id                        1DIX 
_pdbx_database_status.recvd_initial_deposition_date   1999-11-30 
_pdbx_database_status.deposit_site                    RCSB 
_pdbx_database_status.process_site                    RCSB 
_pdbx_database_status.SG_entry                        . 
_pdbx_database_status.pdb_format_compatible           Y 
_pdbx_database_status.status_code_mr                  ? 
_pdbx_database_status.status_code_sf                  ? 
_pdbx_database_status.status_code_cs                  ? 
_pdbx_database_status.methods_development_category    ? 
_pdbx_database_status.status_code_nmr_data            ? 
# 
loop_
_audit_author.name 
_audit_author.pdbx_ordinal 
'Tanaka, N.'     1 
'Nakamura, K.T.' 2 
# 
loop_
_citation.id 
_citation.title 
_citation.journal_abbrev 
_citation.journal_volume 
_citation.page_first 
_citation.page_last 
_citation.year 
_citation.journal_id_ASTM 
_citation.country 
_citation.journal_id_ISSN 
_citation.journal_id_CSD 
_citation.book_publisher 
_citation.pdbx_database_id_PubMed 
_citation.pdbx_database_id_DOI 
primary 'Crystal structure of a plant ribonuclease, RNase LE.'                                                           
J.Mol.Biol.          298 859 873 2000 JMOBAK UK 0022-2836 0070 ? 10801354 10.1006/jmbi.2000.3707 
1       'Crystallization and Preliminary X-ray Crystallographic Studies of Ribonuclease LE from Lycopersicon esculentum' 
'Protein Pept.Lett.' 6   407 410 1999 PPELEN NE 0929-8665 2077 ? ?        ?                      
# 
loop_
_citation_author.citation_id 
_citation_author.name 
_citation_author.ordinal 
_citation_author.identifier_ORCID 
primary 'Tanaka, N.'     1  ? 
primary 'Arai, J.'       2  ? 
primary 'Inokuchi, N.'   3  ? 
primary 'Koyama, T.'     4  ? 
primary 'Ohgi, K.'       5  ? 
primary 'Irie, M.'       6  ? 
primary 'Nakamura, K.T.' 7  ? 
1       'Tanaka, N.'     8  ? 
1       'Arai, J.'       9  ? 
1       'Inokuchi, N.'   10 ? 
1       'Koyama, T.'     11 ? 
1       'Ohgi, K.'       12 ? 
1       'Irie, M.'       13 ? 
1       'Nakamura, K.T.' 14 ? 
# 
loop_
_entity.id 
_entity.type 
_entity.src_method 
_entity.pdbx_description 
_entity.formula_weight 
_entity.pdbx_number_of_molecules 
_entity.pdbx_ec 
_entity.pdbx_mutation 
_entity.pdbx_fragment 
_entity.details 
1 polymer man 'EXTRACELLULAR RIBONUCLEASE LE' 22912.193 1   3.1.27.1 ? ? ? 
2 water   nat water                           18.015    136 ?        ? ? ? 
# 
_entity_poly.entity_id                      1 
_entity_poly.type                           'polypeptide(L)' 
_entity_poly.nstd_linkage                   no 
_entity_poly.nstd_monomer                   no 
_entity_poly.pdbx_seq_one_letter_code       
;ASGSKDFDFFYFVQQWPGSYCDTKQSCCYPTTGKPAADFGIHGLWPNNNDGTYPSNCDPNSPYDQSQISDLISSMQQNWP
TLACPSGSGSTFWSHEWEKHGTCAESVLTNQHAYFKKALDLKNQIDLLSILQGADIHPDGESYDLVNIRNAIKSAIGYTP
WIQCNVDQSGNSQLYQVYICVDGSGSSLIECPIFPGGKCGTSIEFPTF
;
_entity_poly.pdbx_seq_one_letter_code_can   
;ASGSKDFDFFYFVQQWPGSYCDTKQSCCYPTTGKPAADFGIHGLWPNNNDGTYPSNCDPNSPYDQSQISDLISSMQQNWP
TLACPSGSGSTFWSHEWEKHGTCAESVLTNQHAYFKKALDLKNQIDLLSILQGADIHPDGESYDLVNIRNAIKSAIGYTP
WIQCNVDQSGNSQLYQVYICVDGSGSSLIECPIFPGGKCGTSIEFPTF
;
_entity_poly.pdbx_strand_id                 A 
_entity_poly.pdbx_target_identifier         ? 
# 
_pdbx_entity_nonpoly.entity_id   2 
_pdbx_entity_nonpoly.name        water 
_pdbx_entity_nonpoly.comp_id     HOH 
# 
loop_
_entity_poly_seq.entity_id 
_entity_poly_seq.num 
_entity_poly_seq.mon_id 
_entity_poly_seq.hetero 
1 1   ALA n 
1 2   SER n 
1 3   GLY n 
1 4   SER n 
1 5   LYS n 
1 6   ASP n 
1 7   PHE n 
1 8   ASP n 
1 9   PHE n 
1 10  PHE n 
1 11  TYR n 
1 12  PHE n 
1 13  VAL n 
1 14  GLN n 
1 15  GLN n 
1 16  TRP n 
1 17  PRO n 
1 18  GLY n 
1 19  SER n 
1 20  TYR n 
1 21  CYS n 
1 22  ASP n 
1 23  THR n 
1 24  LYS n 
1 25  GLN n 
1 26  SER n 
1 27  CYS n 
1 28  CYS n 
1 29  TYR n 
1 30  PRO n 
1 31  THR n 
1 32  THR n 
1 33  GLY n 
1 34  LYS n 
1 35  PRO n 
1 36  ALA n 
1 37  ALA n 
1 38  ASP n 
1 39  PHE n 
1 40  GLY n 
1 41  ILE n 
1 42  HIS n 
1 43  GLY n 
1 44  LEU n 
1 45  TRP n 
1 46  PRO n 
1 47  ASN n 
1 48  ASN n 
1 49  ASN n 
1 50  ASP n 
1 51  GLY n 
1 52  THR n 
1 53  TYR n 
1 54  PRO n 
1 55  SER n 
1 56  ASN n 
1 57  CYS n 
1 58  ASP n 
1 59  PRO n 
1 60  ASN n 
1 61  SER n 
1 62  PRO n 
1 63  TYR n 
1 64  ASP n 
1 65  GLN n 
1 66  SER n 
1 67  GLN n 
1 68  ILE n 
1 69  SER n 
1 70  ASP n 
1 71  LEU n 
1 72  ILE n 
1 73  SER n 
1 74  SER n 
1 75  MET n 
1 76  GLN n 
1 77  GLN n 
1 78  ASN n 
1 79  TRP n 
1 80  PRO n 
1 81  THR n 
1 82  LEU n 
1 83  ALA n 
1 84  CYS n 
1 85  PRO n 
1 86  SER n 
1 87  GLY n 
1 88  SER n 
1 89  GLY n 
1 90  SER n 
1 91  THR n 
1 92  PHE n 
1 93  TRP n 
1 94  SER n 
1 95  HIS n 
1 96  GLU n 
1 97  TRP n 
1 98  GLU n 
1 99  LYS n 
1 100 HIS n 
1 101 GLY n 
1 102 THR n 
1 103 CYS n 
1 104 ALA n 
1 105 GLU n 
1 106 SER n 
1 107 VAL n 
1 108 LEU n 
1 109 THR n 
1 110 ASN n 
1 111 GLN n 
1 112 HIS n 
1 113 ALA n 
1 114 TYR n 
1 115 PHE n 
1 116 LYS n 
1 117 LYS n 
1 118 ALA n 
1 119 LEU n 
1 120 ASP n 
1 121 LEU n 
1 122 LYS n 
1 123 ASN n 
1 124 GLN n 
1 125 ILE n 
1 126 ASP n 
1 127 LEU n 
1 128 LEU n 
1 129 SER n 
1 130 ILE n 
1 131 LEU n 
1 132 GLN n 
1 133 GLY n 
1 134 ALA n 
1 135 ASP n 
1 136 ILE n 
1 137 HIS n 
1 138 PRO n 
1 139 ASP n 
1 140 GLY n 
1 141 GLU n 
1 142 SER n 
1 143 TYR n 
1 144 ASP n 
1 145 LEU n 
1 146 VAL n 
1 147 ASN n 
1 148 ILE n 
1 149 ARG n 
1 150 ASN n 
1 151 ALA n 
1 152 ILE n 
1 153 LYS n 
1 154 SER n 
1 155 ALA n 
1 156 ILE n 
1 157 GLY n 
1 158 TYR n 
1 159 THR n 
1 160 PRO n 
1 161 TRP n 
1 162 ILE n 
1 163 GLN n 
1 164 CYS n 
1 165 ASN n 
1 166 VAL n 
1 167 ASP n 
1 168 GLN n 
1 169 SER n 
1 170 GLY n 
1 171 ASN n 
1 172 SER n 
1 173 GLN n 
1 174 LEU n 
1 175 TYR n 
1 176 GLN n 
1 177 VAL n 
1 178 TYR n 
1 179 ILE n 
1 180 CYS n 
1 181 VAL n 
1 182 ASP n 
1 183 GLY n 
1 184 SER n 
1 185 GLY n 
1 186 SER n 
1 187 SER n 
1 188 LEU n 
1 189 ILE n 
1 190 GLU n 
1 191 CYS n 
1 192 PRO n 
1 193 ILE n 
1 194 PHE n 
1 195 PRO n 
1 196 GLY n 
1 197 GLY n 
1 198 LYS n 
1 199 CYS n 
1 200 GLY n 
1 201 THR n 
1 202 SER n 
1 203 ILE n 
1 204 GLU n 
1 205 PHE n 
1 206 PRO n 
1 207 THR n 
1 208 PHE n 
# 
_entity_src_gen.entity_id                          1 
_entity_src_gen.pdbx_src_id                        1 
_entity_src_gen.pdbx_alt_source_flag               sample 
_entity_src_gen.pdbx_seq_type                      ? 
_entity_src_gen.pdbx_beg_seq_num                   ? 
_entity_src_gen.pdbx_end_seq_num                   ? 
_entity_src_gen.gene_src_common_name               ? 
_entity_src_gen.gene_src_genus                     Solanum 
_entity_src_gen.pdbx_gene_src_gene                 ? 
_entity_src_gen.gene_src_species                   ? 
_entity_src_gen.gene_src_strain                    ? 
_entity_src_gen.gene_src_tissue                    ? 
_entity_src_gen.gene_src_tissue_fraction           ? 
_entity_src_gen.gene_src_details                   ? 
_entity_src_gen.pdbx_gene_src_fragment             ? 
_entity_src_gen.pdbx_gene_src_scientific_name      'Solanum lycopersicum' 
_entity_src_gen.pdbx_gene_src_ncbi_taxonomy_id     4081 
_entity_src_gen.pdbx_gene_src_variant              ? 
_entity_src_gen.pdbx_gene_src_cell_line            ? 
_entity_src_gen.pdbx_gene_src_atcc                 ? 
_entity_src_gen.pdbx_gene_src_organ                ? 
_entity_src_gen.pdbx_gene_src_organelle            ? 
_entity_src_gen.pdbx_gene_src_cell                 ? 
_entity_src_gen.pdbx_gene_src_cellular_location    ? 
_entity_src_gen.host_org_common_name               
;baker's yeast
;
_entity_src_gen.pdbx_host_org_scientific_name      'Saccharomyces cerevisiae' 
_entity_src_gen.pdbx_host_org_ncbi_taxonomy_id     4932 
_entity_src_gen.host_org_genus                     Saccharomyces 
_entity_src_gen.pdbx_host_org_gene                 ? 
_entity_src_gen.pdbx_host_org_organ                ? 
_entity_src_gen.host_org_species                   ? 
_entity_src_gen.pdbx_host_org_tissue               ? 
_entity_src_gen.pdbx_host_org_tissue_fraction      ? 
_entity_src_gen.pdbx_host_org_strain               ? 
_entity_src_gen.pdbx_host_org_variant              ? 
_entity_src_gen.pdbx_host_org_cell_line            ? 
_entity_src_gen.pdbx_host_org_atcc                 ? 
_entity_src_gen.pdbx_host_org_culture_collection   ? 
_entity_src_gen.pdbx_host_org_cell                 ? 
_entity_src_gen.pdbx_host_org_organelle            ? 
_entity_src_gen.pdbx_host_org_cellular_location    ? 
_entity_src_gen.pdbx_host_org_vector_type          ? 
_entity_src_gen.pdbx_host_org_vector               ? 
_entity_src_gen.host_org_details                   ? 
_entity_src_gen.expression_system_id               ? 
_entity_src_gen.plasmid_name                       ? 
_entity_src_gen.plasmid_details                    ? 
_entity_src_gen.pdbx_description                   ? 
# 
loop_
_chem_comp.id 
_chem_comp.type 
_chem_comp.mon_nstd_flag 
_chem_comp.name 
_chem_comp.pdbx_synonyms 
_chem_comp.formula 
_chem_comp.formula_weight 
ALA 'L-peptide linking' y ALANINE         ? 'C3 H7 N O2'     89.093  
ARG 'L-peptide linking' y ARGININE        ? 'C6 H15 N4 O2 1' 175.209 
ASN 'L-peptide linking' y ASPARAGINE      ? 'C4 H8 N2 O3'    132.118 
ASP 'L-peptide linking' y 'ASPARTIC ACID' ? 'C4 H7 N O4'     133.103 
CYS 'L-peptide linking' y CYSTEINE        ? 'C3 H7 N O2 S'   121.158 
GLN 'L-peptide linking' y GLUTAMINE       ? 'C5 H10 N2 O3'   146.144 
GLU 'L-peptide linking' y 'GLUTAMIC ACID' ? 'C5 H9 N O4'     147.129 
GLY 'peptide linking'   y GLYCINE         ? 'C2 H5 N O2'     75.067  
HIS 'L-peptide linking' y HISTIDINE       ? 'C6 H10 N3 O2 1' 156.162 
HOH non-polymer         . WATER           ? 'H2 O'           18.015  
ILE 'L-peptide linking' y ISOLEUCINE      ? 'C6 H13 N O2'    131.173 
LEU 'L-peptide linking' y LEUCINE         ? 'C6 H13 N O2'    131.173 
LYS 'L-peptide linking' y LYSINE          ? 'C6 H15 N2 O2 1' 147.195 
MET 'L-peptide linking' y METHIONINE      ? 'C5 H11 N O2 S'  149.211 
PHE 'L-peptide linking' y PHENYLALANINE   ? 'C9 H11 N O2'    165.189 
PRO 'L-peptide linking' y PROLINE         ? 'C5 H9 N O2'     115.130 
SER 'L-peptide linking' y SERINE          ? 'C3 H7 N O3'     105.093 
THR 'L-peptide linking' y THREONINE       ? 'C4 H9 N O3'     119.119 
TRP 'L-peptide linking' y TRYPTOPHAN      ? 'C11 H12 N2 O2'  204.225 
TYR 'L-peptide linking' y TYROSINE        ? 'C9 H11 N O3'    181.189 
VAL 'L-peptide linking' y VALINE          ? 'C5 H11 N O2'    117.146 
# 
loop_
_pdbx_poly_seq_scheme.asym_id 
_pdbx_poly_seq_scheme.entity_id 
_pdbx_poly_seq_scheme.seq_id 
_pdbx_poly_seq_scheme.mon_id 
_pdbx_poly_seq_scheme.ndb_seq_num 
_pdbx_poly_seq_scheme.pdb_seq_num 
_pdbx_poly_seq_scheme.auth_seq_num 
_pdbx_poly_seq_scheme.pdb_mon_id 
_pdbx_poly_seq_scheme.auth_mon_id 
_pdbx_poly_seq_scheme.pdb_strand_id 
_pdbx_poly_seq_scheme.pdb_ins_code 
_pdbx_poly_seq_scheme.hetero 
A 1 1   ALA 1   1   1   ALA ALA A X n 
A 1 2   SER 2   2   2   SER SER A X n 
A 1 3   GLY 3   3   3   GLY GLY A X n 
A 1 4   SER 4   4   4   SER SER A X n 
A 1 5   LYS 5   2   2   LYS LYS A . n 
A 1 6   ASP 6   3   3   ASP ASP A . n 
A 1 7   PHE 7   4   4   PHE PHE A . n 
A 1 8   ASP 8   5   5   ASP ASP A . n 
A 1 9   PHE 9   6   6   PHE PHE A . n 
A 1 10  PHE 10  7   7   PHE PHE A . n 
A 1 11  TYR 11  8   8   TYR TYR A . n 
A 1 12  PHE 12  9   9   PHE PHE A . n 
A 1 13  VAL 13  10  10  VAL VAL A . n 
A 1 14  GLN 14  11  11  GLN GLN A . n 
A 1 15  GLN 15  12  12  GLN GLN A . n 
A 1 16  TRP 16  13  13  TRP TRP A . n 
A 1 17  PRO 17  14  14  PRO PRO A . n 
A 1 18  GLY 18  15  15  GLY GLY A . n 
A 1 19  SER 19  16  16  SER SER A . n 
A 1 20  TYR 20  17  17  TYR TYR A . n 
A 1 21  CYS 21  18  18  CYS CYS A . n 
A 1 22  ASP 22  19  19  ASP ASP A . n 
A 1 23  THR 23  20  20  THR THR A . n 
A 1 24  LYS 24  21  21  LYS LYS A . n 
A 1 25  GLN 25  22  22  GLN GLN A . n 
A 1 26  SER 26  23  23  SER SER A . n 
A 1 27  CYS 27  24  24  CYS CYS A . n 
A 1 28  CYS 28  25  25  CYS CYS A . n 
A 1 29  TYR 29  26  26  TYR TYR A . n 
A 1 30  PRO 30  27  27  PRO PRO A . n 
A 1 31  THR 31  28  28  THR THR A . n 
A 1 32  THR 32  29  29  THR THR A . n 
A 1 33  GLY 33  30  30  GLY GLY A . n 
A 1 34  LYS 34  31  31  LYS LYS A . n 
A 1 35  PRO 35  32  32  PRO PRO A . n 
A 1 36  ALA 36  33  33  ALA ALA A . n 
A 1 37  ALA 37  34  34  ALA ALA A . n 
A 1 38  ASP 38  35  35  ASP ASP A . n 
A 1 39  PHE 39  36  36  PHE PHE A . n 
A 1 40  GLY 40  37  37  GLY GLY A . n 
A 1 41  ILE 41  38  38  ILE ILE A . n 
A 1 42  HIS 42  39  39  HIS HIS A . n 
A 1 43  GLY 43  40  40  GLY GLY A . n 
A 1 44  LEU 44  41  41  LEU LEU A . n 
A 1 45  TRP 45  42  42  TRP TRP A . n 
A 1 46  PRO 46  43  43  PRO PRO A . n 
A 1 47  ASN 47  44  44  ASN ASN A . n 
A 1 48  ASN 48  45  45  ASN ASN A . n 
A 1 49  ASN 49  46  46  ASN ASN A . n 
A 1 50  ASP 50  47  47  ASP ASP A . n 
A 1 51  GLY 51  48  48  GLY GLY A . n 
A 1 52  THR 52  49  49  THR THR A . n 
A 1 53  TYR 53  50  50  TYR TYR A . n 
A 1 54  PRO 54  51  51  PRO PRO A . n 
A 1 55  SER 55  52  52  SER SER A . n 
A 1 56  ASN 56  53  53  ASN ASN A . n 
A 1 57  CYS 57  54  54  CYS CYS A . n 
A 1 58  ASP 58  55  55  ASP ASP A . n 
A 1 59  PRO 59  56  56  PRO PRO A . n 
A 1 60  ASN 60  57  57  ASN ASN A . n 
A 1 61  SER 61  58  58  SER SER A . n 
A 1 62  PRO 62  59  59  PRO PRO A . n 
A 1 63  TYR 63  60  60  TYR TYR A . n 
A 1 64  ASP 64  61  61  ASP ASP A . n 
A 1 65  GLN 65  62  62  GLN GLN A . n 
A 1 66  SER 66  63  63  SER SER A . n 
A 1 67  GLN 67  64  64  GLN GLN A . n 
A 1 68  ILE 68  65  65  ILE ILE A . n 
A 1 69  SER 69  66  66  SER SER A . n 
A 1 70  ASP 70  67  67  ASP ASP A . n 
A 1 71  LEU 71  68  68  LEU LEU A . n 
A 1 72  ILE 72  69  69  ILE ILE A . n 
A 1 73  SER 73  70  70  SER SER A . n 
A 1 74  SER 74  71  71  SER SER A . n 
A 1 75  MET 75  72  72  MET MET A . n 
A 1 76  GLN 76  73  73  GLN GLN A . n 
A 1 77  GLN 77  74  74  GLN GLN A . n 
A 1 78  ASN 78  75  75  ASN ASN A . n 
A 1 79  TRP 79  76  76  TRP TRP A . n 
A 1 80  PRO 80  77  77  PRO PRO A . n 
A 1 81  THR 81  78  78  THR THR A . n 
A 1 82  LEU 82  79  79  LEU LEU A . n 
A 1 83  ALA 83  80  80  ALA ALA A . n 
A 1 84  CYS 84  81  81  CYS CYS A . n 
A 1 85  PRO 85  82  82  PRO PRO A . n 
A 1 86  SER 86  83  83  SER SER A . n 
A 1 87  GLY 87  84  84  GLY GLY A . n 
A 1 88  SER 88  85  85  SER SER A . n 
A 1 89  GLY 89  86  86  GLY GLY A . n 
A 1 90  SER 90  87  87  SER SER A . n 
A 1 91  THR 91  88  88  THR THR A . n 
A 1 92  PHE 92  89  89  PHE PHE A . n 
A 1 93  TRP 93  90  90  TRP TRP A . n 
A 1 94  SER 94  91  91  SER SER A . n 
A 1 95  HIS 95  92  92  HIS HIS A . n 
A 1 96  GLU 96  93  93  GLU GLU A . n 
A 1 97  TRP 97  94  94  TRP TRP A . n 
A 1 98  GLU 98  95  95  GLU GLU A . n 
A 1 99  LYS 99  96  96  LYS LYS A . n 
A 1 100 HIS 100 97  97  HIS HIS A . n 
A 1 101 GLY 101 98  98  GLY GLY A . n 
A 1 102 THR 102 99  99  THR THR A . n 
A 1 103 CYS 103 100 100 CYS CYS A . n 
A 1 104 ALA 104 101 101 ALA ALA A . n 
A 1 105 GLU 105 102 102 GLU GLU A . n 
A 1 106 SER 106 103 103 SER SER A . n 
A 1 107 VAL 107 104 104 VAL VAL A . n 
A 1 108 LEU 108 105 105 LEU LEU A . n 
A 1 109 THR 109 106 106 THR THR A . n 
A 1 110 ASN 110 107 107 ASN ASN A . n 
A 1 111 GLN 111 108 108 GLN GLN A . n 
A 1 112 HIS 112 109 109 HIS HIS A . n 
A 1 113 ALA 113 110 110 ALA ALA A . n 
A 1 114 TYR 114 111 111 TYR TYR A . n 
A 1 115 PHE 115 112 112 PHE PHE A . n 
A 1 116 LYS 116 113 113 LYS LYS A . n 
A 1 117 LYS 117 114 114 LYS LYS A . n 
A 1 118 ALA 118 115 115 ALA ALA A . n 
A 1 119 LEU 119 116 116 LEU LEU A . n 
A 1 120 ASP 120 117 117 ASP ASP A . n 
A 1 121 LEU 121 118 118 LEU LEU A . n 
A 1 122 LYS 122 119 119 LYS LYS A . n 
A 1 123 ASN 123 120 120 ASN ASN A . n 
A 1 124 GLN 124 121 121 GLN GLN A . n 
A 1 125 ILE 125 122 122 ILE ILE A . n 
A 1 126 ASP 126 123 123 ASP ASP A . n 
A 1 127 LEU 127 124 124 LEU LEU A . n 
A 1 128 LEU 128 125 125 LEU LEU A . n 
A 1 129 SER 129 126 126 SER SER A . n 
A 1 130 ILE 130 127 127 ILE ILE A . n 
A 1 131 LEU 131 128 128 LEU LEU A . n 
A 1 132 GLN 132 129 129 GLN GLN A . n 
A 1 133 GLY 133 130 130 GLY GLY A . n 
A 1 134 ALA 134 131 131 ALA ALA A . n 
A 1 135 ASP 135 132 132 ASP ASP A . n 
A 1 136 ILE 136 133 133 ILE ILE A . n 
A 1 137 HIS 137 134 134 HIS HIS A . n 
A 1 138 PRO 138 135 135 PRO PRO A . n 
A 1 139 ASP 139 136 136 ASP ASP A . n 
A 1 140 GLY 140 137 137 GLY GLY A . n 
A 1 141 GLU 141 138 138 GLU GLU A . n 
A 1 142 SER 142 139 139 SER SER A . n 
A 1 143 TYR 143 140 140 TYR TYR A . n 
A 1 144 ASP 144 141 141 ASP ASP A . n 
A 1 145 LEU 145 142 142 LEU LEU A . n 
A 1 146 VAL 146 143 143 VAL VAL A . n 
A 1 147 ASN 147 144 144 ASN ASN A . n 
A 1 148 ILE 148 145 145 ILE ILE A . n 
A 1 149 ARG 149 146 146 ARG ARG A . n 
A 1 150 ASN 150 147 147 ASN ASN A . n 
A 1 151 ALA 151 148 148 ALA ALA A . n 
A 1 152 ILE 152 149 149 ILE ILE A . n 
A 1 153 LYS 153 150 150 LYS LYS A . n 
A 1 154 SER 154 151 151 SER SER A . n 
A 1 155 ALA 155 152 152 ALA ALA A . n 
A 1 156 ILE 156 153 153 ILE ILE A . n 
A 1 157 GLY 157 154 154 GLY GLY A . n 
A 1 158 TYR 158 155 155 TYR TYR A . n 
A 1 159 THR 159 156 156 THR THR A . n 
A 1 160 PRO 160 157 157 PRO PRO A . n 
A 1 161 TRP 161 158 158 TRP TRP A . n 
A 1 162 ILE 162 159 159 ILE ILE A . n 
A 1 163 GLN 163 160 160 GLN GLN A . n 
A 1 164 CYS 164 161 161 CYS CYS A . n 
A 1 165 ASN 165 162 162 ASN ASN A . n 
A 1 166 VAL 166 163 163 VAL VAL A . n 
A 1 167 ASP 167 164 164 ASP ASP A . n 
A 1 168 GLN 168 165 165 GLN GLN A . n 
A 1 169 SER 169 166 166 SER SER A . n 
A 1 170 GLY 170 167 167 GLY GLY A . n 
A 1 171 ASN 171 168 168 ASN ASN A . n 
A 1 172 SER 172 169 169 SER SER A . n 
A 1 173 GLN 173 170 170 GLN GLN A . n 
A 1 174 LEU 174 171 171 LEU LEU A . n 
A 1 175 TYR 175 172 172 TYR TYR A . n 
A 1 176 GLN 176 173 173 GLN GLN A . n 
A 1 177 VAL 177 174 174 VAL VAL A . n 
A 1 178 TYR 178 175 175 TYR TYR A . n 
A 1 179 ILE 179 176 176 ILE ILE A . n 
A 1 180 CYS 180 177 177 CYS CYS A . n 
A 1 181 VAL 181 178 178 VAL VAL A . n 
A 1 182 ASP 182 179 179 ASP ASP A . n 
A 1 183 GLY 183 180 180 GLY GLY A . n 
A 1 184 SER 184 181 181 SER SER A . n 
A 1 185 GLY 185 182 182 GLY GLY A . n 
A 1 186 SER 186 183 183 SER SER A . n 
A 1 187 SER 187 184 184 SER SER A . n 
A 1 188 LEU 188 185 185 LEU LEU A . n 
A 1 189 ILE 189 186 186 ILE ILE A . n 
A 1 190 GLU 190 187 187 GLU GLU A . n 
A 1 191 CYS 191 188 188 CYS CYS A . n 
A 1 192 PRO 192 189 189 PRO PRO A . n 
A 1 193 ILE 193 190 190 ILE ILE A . n 
A 1 194 PHE 194 191 191 PHE PHE A . n 
A 1 195 PRO 195 192 192 PRO PRO A . n 
A 1 196 GLY 196 193 193 GLY GLY A . n 
A 1 197 GLY 197 194 194 GLY GLY A . n 
A 1 198 LYS 198 195 195 LYS LYS A . n 
A 1 199 CYS 199 196 196 CYS CYS A . n 
A 1 200 GLY 200 197 197 GLY GLY A . n 
A 1 201 THR 201 198 198 THR THR A . n 
A 1 202 SER 202 199 199 SER SER A . n 
A 1 203 ILE 203 200 200 ILE ILE A . n 
A 1 204 GLU 204 201 201 GLU GLU A . n 
A 1 205 PHE 205 202 202 PHE PHE A . n 
A 1 206 PRO 206 203 203 PRO PRO A . n 
A 1 207 THR 207 204 204 THR THR A . n 
A 1 208 PHE 208 205 205 PHE PHE A . n 
# 
loop_
_pdbx_nonpoly_scheme.asym_id 
_pdbx_nonpoly_scheme.entity_id 
_pdbx_nonpoly_scheme.mon_id 
_pdbx_nonpoly_scheme.ndb_seq_num 
_pdbx_nonpoly_scheme.pdb_seq_num 
_pdbx_nonpoly_scheme.auth_seq_num 
_pdbx_nonpoly_scheme.pdb_mon_id 
_pdbx_nonpoly_scheme.auth_mon_id 
_pdbx_nonpoly_scheme.pdb_strand_id 
_pdbx_nonpoly_scheme.pdb_ins_code 
B 2 HOH 1   206 1   HOH WAT A . 
B 2 HOH 2   207 2   HOH WAT A . 
B 2 HOH 3   208 3   HOH WAT A . 
B 2 HOH 4   209 4   HOH WAT A . 
B 2 HOH 5   210 5   HOH WAT A . 
B 2 HOH 6   211 6   HOH WAT A . 
B 2 HOH 7   212 7   HOH WAT A . 
B 2 HOH 8   213 8   HOH WAT A . 
B 2 HOH 9   214 9   HOH WAT A . 
B 2 HOH 10  215 10  HOH WAT A . 
B 2 HOH 11  216 11  HOH WAT A . 
B 2 HOH 12  217 12  HOH WAT A . 
B 2 HOH 13  218 13  HOH WAT A . 
B 2 HOH 14  219 14  HOH WAT A . 
B 2 HOH 15  220 15  HOH WAT A . 
B 2 HOH 16  221 16  HOH WAT A . 
B 2 HOH 17  222 17  HOH WAT A . 
B 2 HOH 18  223 18  HOH WAT A . 
B 2 HOH 19  224 19  HOH WAT A . 
B 2 HOH 20  225 20  HOH WAT A . 
B 2 HOH 21  226 21  HOH WAT A . 
B 2 HOH 22  227 22  HOH WAT A . 
B 2 HOH 23  228 23  HOH WAT A . 
B 2 HOH 24  229 24  HOH WAT A . 
B 2 HOH 25  230 25  HOH WAT A . 
B 2 HOH 26  231 26  HOH WAT A . 
B 2 HOH 27  232 27  HOH WAT A . 
B 2 HOH 28  233 28  HOH WAT A . 
B 2 HOH 29  234 29  HOH WAT A . 
B 2 HOH 30  235 30  HOH WAT A . 
B 2 HOH 31  236 31  HOH WAT A . 
B 2 HOH 32  237 32  HOH WAT A . 
B 2 HOH 33  238 33  HOH WAT A . 
B 2 HOH 34  239 34  HOH WAT A . 
B 2 HOH 35  240 35  HOH WAT A . 
B 2 HOH 36  241 36  HOH WAT A . 
B 2 HOH 37  242 37  HOH WAT A . 
B 2 HOH 38  243 38  HOH WAT A . 
B 2 HOH 39  244 39  HOH WAT A . 
B 2 HOH 40  245 40  HOH WAT A . 
B 2 HOH 41  246 41  HOH WAT A . 
B 2 HOH 42  247 42  HOH WAT A . 
B 2 HOH 43  248 43  HOH WAT A . 
B 2 HOH 44  249 44  HOH WAT A . 
B 2 HOH 45  250 45  HOH WAT A . 
B 2 HOH 46  251 46  HOH WAT A . 
B 2 HOH 47  252 47  HOH WAT A . 
B 2 HOH 48  253 48  HOH WAT A . 
B 2 HOH 49  254 49  HOH WAT A . 
B 2 HOH 50  255 50  HOH WAT A . 
B 2 HOH 51  256 51  HOH WAT A . 
B 2 HOH 52  257 52  HOH WAT A . 
B 2 HOH 53  258 53  HOH WAT A . 
B 2 HOH 54  259 54  HOH WAT A . 
B 2 HOH 55  260 55  HOH WAT A . 
B 2 HOH 56  261 56  HOH WAT A . 
B 2 HOH 57  262 57  HOH WAT A . 
B 2 HOH 58  263 58  HOH WAT A . 
B 2 HOH 59  264 59  HOH WAT A . 
B 2 HOH 60  265 60  HOH WAT A . 
B 2 HOH 61  266 61  HOH WAT A . 
B 2 HOH 62  267 62  HOH WAT A . 
B 2 HOH 63  268 63  HOH WAT A . 
B 2 HOH 64  269 64  HOH WAT A . 
B 2 HOH 65  270 65  HOH WAT A . 
B 2 HOH 66  271 66  HOH WAT A . 
B 2 HOH 67  272 67  HOH WAT A . 
B 2 HOH 68  273 68  HOH WAT A . 
B 2 HOH 69  274 69  HOH WAT A . 
B 2 HOH 70  275 70  HOH WAT A . 
B 2 HOH 71  276 71  HOH WAT A . 
B 2 HOH 72  277 72  HOH WAT A . 
B 2 HOH 73  278 73  HOH WAT A . 
B 2 HOH 74  279 74  HOH WAT A . 
B 2 HOH 75  280 75  HOH WAT A . 
B 2 HOH 76  281 76  HOH WAT A . 
B 2 HOH 77  282 77  HOH WAT A . 
B 2 HOH 78  283 78  HOH WAT A . 
B 2 HOH 79  284 79  HOH WAT A . 
B 2 HOH 80  285 80  HOH WAT A . 
B 2 HOH 81  286 81  HOH WAT A . 
B 2 HOH 82  287 82  HOH WAT A . 
B 2 HOH 83  288 83  HOH WAT A . 
B 2 HOH 84  289 84  HOH WAT A . 
B 2 HOH 85  290 85  HOH WAT A . 
B 2 HOH 86  291 86  HOH WAT A . 
B 2 HOH 87  292 87  HOH WAT A . 
B 2 HOH 88  293 88  HOH WAT A . 
B 2 HOH 89  294 89  HOH WAT A . 
B 2 HOH 90  295 90  HOH WAT A . 
B 2 HOH 91  296 91  HOH WAT A . 
B 2 HOH 92  297 92  HOH WAT A . 
B 2 HOH 93  298 93  HOH WAT A . 
B 2 HOH 94  299 94  HOH WAT A . 
B 2 HOH 95  300 95  HOH WAT A . 
B 2 HOH 96  301 96  HOH WAT A . 
B 2 HOH 97  302 97  HOH WAT A . 
B 2 HOH 98  303 98  HOH WAT A . 
B 2 HOH 99  304 99  HOH WAT A . 
B 2 HOH 100 305 100 HOH WAT A . 
B 2 HOH 101 306 101 HOH WAT A . 
B 2 HOH 102 307 102 HOH WAT A . 
B 2 HOH 103 308 103 HOH WAT A . 
B 2 HOH 104 309 104 HOH WAT A . 
B 2 HOH 105 310 105 HOH WAT A . 
B 2 HOH 106 311 106 HOH WAT A . 
B 2 HOH 107 312 107 HOH WAT A . 
B 2 HOH 108 313 108 HOH WAT A . 
B 2 HOH 109 314 109 HOH WAT A . 
B 2 HOH 110 315 110 HOH WAT A . 
B 2 HOH 111 316 111 HOH WAT A . 
B 2 HOH 112 317 112 HOH WAT A . 
B 2 HOH 113 318 113 HOH WAT A . 
B 2 HOH 114 319 114 HOH WAT A . 
B 2 HOH 115 320 115 HOH WAT A . 
B 2 HOH 116 321 116 HOH WAT A . 
B 2 HOH 117 322 117 HOH WAT A . 
B 2 HOH 118 323 118 HOH WAT A . 
B 2 HOH 119 324 119 HOH WAT A . 
B 2 HOH 120 325 120 HOH WAT A . 
B 2 HOH 121 326 121 HOH WAT A . 
B 2 HOH 122 327 122 HOH WAT A . 
B 2 HOH 123 328 123 HOH WAT A . 
B 2 HOH 124 329 124 HOH WAT A . 
B 2 HOH 125 330 125 HOH WAT A . 
B 2 HOH 126 331 126 HOH WAT A . 
B 2 HOH 127 332 127 HOH WAT A . 
B 2 HOH 128 333 128 HOH WAT A . 
B 2 HOH 129 334 129 HOH WAT A . 
B 2 HOH 130 335 130 HOH WAT A . 
B 2 HOH 131 336 131 HOH WAT A . 
B 2 HOH 132 337 132 HOH WAT A . 
B 2 HOH 133 338 133 HOH WAT A . 
B 2 HOH 134 339 134 HOH WAT A . 
B 2 HOH 135 340 135 HOH WAT A . 
B 2 HOH 136 341 136 HOH WAT A . 
# 
loop_
_software.name 
_software.classification 
_software.version 
_software.citation_id 
_software.pdbx_ordinal 
MLPHARE phasing    . ? 1 
REFMAC  refinement . ? 2 
# 
_cell.entry_id           1DIX 
_cell.length_a           74.02 
_cell.length_b           78.79 
_cell.length_c           32.93 
_cell.angle_alpha        90 
_cell.angle_beta         90 
_cell.angle_gamma        90 
_cell.Z_PDB              4 
_cell.pdbx_unique_axis   ? 
# 
_symmetry.entry_id                         1DIX 
_symmetry.space_group_name_H-M             'P 21 21 21' 
_symmetry.pdbx_full_space_group_name_H-M   ? 
_symmetry.cell_setting                     ? 
_symmetry.Int_Tables_number                19 
# 
_exptl.entry_id          1DIX 
_exptl.method            'X-RAY DIFFRACTION' 
_exptl.crystals_number   2 
# 
_exptl_crystal.id                    1 
_exptl_crystal.density_meas          ? 
_exptl_crystal.density_Matthews      2.09 
_exptl_crystal.density_percent_sol   41.27 
_exptl_crystal.description           ? 
# 
_exptl_crystal_grow.crystal_id      1 
_exptl_crystal_grow.method          'VAPOR DIFFUSION, HANGING DROP' 
_exptl_crystal_grow.temp            293 
_exptl_crystal_grow.temp_details    ? 
_exptl_crystal_grow.pH              5.0 
_exptl_crystal_grow.pdbx_details    'PEG1540, CITRATE, pH 5.0, VAPOR DIFFUSION, HANGING DROP, temperature 293K' 
_exptl_crystal_grow.pdbx_pH_range   ? 
# 
_diffrn.id                     1 
_diffrn.ambient_temp           293 
_diffrn.ambient_temp_details   ? 
_diffrn.crystal_id             1 
# 
_diffrn_detector.diffrn_id              1 
_diffrn_detector.detector               'IMAGE PLATE' 
_diffrn_detector.type                   'RIGAKU RAXIS IIC' 
_diffrn_detector.pdbx_collection_date   1998-07-31 
_diffrn_detector.details                ? 
# 
_diffrn_radiation.diffrn_id                        1 
_diffrn_radiation.wavelength_id                    1 
_diffrn_radiation.pdbx_monochromatic_or_laue_m_l   M 
_diffrn_radiation.monochromator                    ? 
_diffrn_radiation.pdbx_diffrn_protocol             'SINGLE WAVELENGTH' 
_diffrn_radiation.pdbx_scattering_type             x-ray 
# 
_diffrn_radiation_wavelength.id           1 
_diffrn_radiation_wavelength.wavelength   1.5418 
_diffrn_radiation_wavelength.wt           1.0 
# 
_diffrn_source.diffrn_id                   1 
_diffrn_source.source                      'ROTATING ANODE' 
_diffrn_source.type                        'RIGAKU RU200' 
_diffrn_source.pdbx_synchrotron_site       ? 
_diffrn_source.pdbx_synchrotron_beamline   ? 
_diffrn_source.pdbx_wavelength             1.5418 
_diffrn_source.pdbx_wavelength_list        ? 
# 
_reflns.entry_id                     1DIX 
_reflns.observed_criterion_sigma_I   ? 
_reflns.observed_criterion_sigma_F   ? 
_reflns.d_resolution_low             100 
_reflns.d_resolution_high            1.65 
_reflns.number_obs                   22385 
_reflns.number_all                   144121 
_reflns.percent_possible_obs         93.4 
_reflns.pdbx_Rmerge_I_obs            0.049 
_reflns.pdbx_Rsym_value              ? 
_reflns.pdbx_netI_over_sigmaI        ? 
_reflns.B_iso_Wilson_estimate        26.0 
_reflns.pdbx_redundancy              6.4 
_reflns.R_free_details               ? 
_reflns.limit_h_max                  ? 
_reflns.limit_h_min                  ? 
_reflns.limit_k_max                  ? 
_reflns.limit_k_min                  ? 
_reflns.limit_l_max                  ? 
_reflns.limit_l_min                  ? 
_reflns.observed_criterion_F_max     ? 
_reflns.observed_criterion_F_min     ? 
_reflns.pdbx_diffrn_id               1 
_reflns.pdbx_ordinal                 1 
# 
_refine.entry_id                                 1DIX 
_refine.ls_number_reflns_obs                     22353 
_refine.ls_number_reflns_all                     ? 
_refine.pdbx_ls_sigma_I                          ? 
_refine.pdbx_ls_sigma_F                          1 
_refine.pdbx_data_cutoff_high_absF               ? 
_refine.pdbx_data_cutoff_low_absF                ? 
_refine.pdbx_data_cutoff_high_rms_absF           ? 
_refine.ls_d_res_low                             40.0 
_refine.ls_d_res_high                            1.65 
_refine.ls_percent_reflns_obs                    ? 
_refine.ls_R_factor_obs                          ? 
_refine.ls_R_factor_all                          ? 
_refine.ls_R_factor_R_work                       0.219 
_refine.ls_R_factor_R_free                       0.278 
_refine.ls_R_factor_R_free_error                 ? 
_refine.ls_R_factor_R_free_error_details         ? 
_refine.ls_percent_reflns_R_free                 ? 
_refine.ls_number_reflns_R_free                  ? 
_refine.ls_number_parameters                     ? 
_refine.ls_number_restraints                     ? 
_refine.occupancy_min                            ? 
_refine.occupancy_max                            ? 
_refine.B_iso_mean                               ? 
_refine.aniso_B[1][1]                            ? 
_refine.aniso_B[2][2]                            ? 
_refine.aniso_B[3][3]                            ? 
_refine.aniso_B[1][2]                            ? 
_refine.aniso_B[1][3]                            ? 
_refine.aniso_B[2][3]                            ? 
_refine.solvent_model_details                    ? 
_refine.solvent_model_param_ksol                 ? 
_refine.solvent_model_param_bsol                 ? 
_refine.pdbx_ls_cross_valid_method               ? 
_refine.details                                  ? 
_refine.pdbx_starting_model                      ? 
_refine.pdbx_method_to_determine_struct          MIR 
_refine.pdbx_isotropic_thermal_model             ? 
_refine.pdbx_stereochemistry_target_values       ? 
_refine.pdbx_stereochem_target_val_spec_case     ? 
_refine.pdbx_R_Free_selection_details            ? 
_refine.pdbx_overall_ESU_R                       ? 
_refine.pdbx_overall_ESU_R_Free                  ? 
_refine.overall_SU_ML                            ? 
_refine.overall_SU_B                             ? 
_refine.ls_redundancy_reflns_obs                 ? 
_refine.B_iso_min                                ? 
_refine.B_iso_max                                ? 
_refine.pdbx_refine_id                           'X-RAY DIFFRACTION' 
_refine.pdbx_diffrn_id                           1 
_refine.pdbx_TLS_residual_ADP_flag               ? 
_refine.correlation_coeff_Fo_to_Fc               ? 
_refine.correlation_coeff_Fo_to_Fc_free          ? 
_refine.pdbx_solvent_vdw_probe_radii             ? 
_refine.pdbx_solvent_ion_probe_radii             ? 
_refine.pdbx_solvent_shrinkage_radii             ? 
_refine.pdbx_overall_phase_error                 ? 
_refine.overall_SU_R_Cruickshank_DPI             ? 
_refine.pdbx_overall_SU_R_free_Cruickshank_DPI   ? 
_refine.pdbx_overall_SU_R_Blow_DPI               ? 
_refine.pdbx_overall_SU_R_free_Blow_DPI          ? 
# 
_refine_hist.pdbx_refine_id                   'X-RAY DIFFRACTION' 
_refine_hist.cycle_id                         LAST 
_refine_hist.pdbx_number_atoms_protein        1612 
_refine_hist.pdbx_number_atoms_nucleic_acid   0 
_refine_hist.pdbx_number_atoms_ligand         0 
_refine_hist.number_atoms_solvent             136 
_refine_hist.number_atoms_total               1748 
_refine_hist.d_res_high                       1.65 
_refine_hist.d_res_low                        40.0 
# 
loop_
_refine_ls_restr.type 
_refine_ls_restr.dev_ideal 
_refine_ls_restr.dev_ideal_target 
_refine_ls_restr.weight 
_refine_ls_restr.number 
_refine_ls_restr.pdbx_refine_id 
_refine_ls_restr.pdbx_restraint_function 
p_bond_d   0.020 0.020 ? ? 'X-RAY DIFFRACTION' ? 
p_angle_d  0.039 0.040 ? ? 'X-RAY DIFFRACTION' ? 
p_planar_d 0.044 0.050 ? ? 'X-RAY DIFFRACTION' ? 
# 
_struct.entry_id                  1DIX 
_struct.title                     'CRYSTAL STRUCTURE OF RNASE LE' 
_struct.pdbx_model_details        ? 
_struct.pdbx_CASP_flag            ? 
_struct.pdbx_model_type_details   ? 
# 
_struct_keywords.entry_id        1DIX 
_struct_keywords.pdbx_keywords   HYDROLASE 
_struct_keywords.text            'ALPHA PLUS BETA, HYDROLASE' 
# 
loop_
_struct_asym.id 
_struct_asym.pdbx_blank_PDB_chainid_flag 
_struct_asym.pdbx_modified 
_struct_asym.entity_id 
_struct_asym.details 
A N N 1 ? 
B N N 2 ? 
# 
_struct_ref.id                         1 
_struct_ref.db_name                    UNP 
_struct_ref.db_code                    RNLE_LYCES 
_struct_ref.entity_id                  1 
_struct_ref.pdbx_db_accession          P80022 
_struct_ref.pdbx_align_begin           ? 
_struct_ref.pdbx_seq_one_letter_code   ? 
_struct_ref.pdbx_db_isoform            ? 
# 
_struct_ref_seq.align_id                      1 
_struct_ref_seq.ref_id                        1 
_struct_ref_seq.pdbx_PDB_id_code              1DIX 
_struct_ref_seq.pdbx_strand_id                A 
_struct_ref_seq.seq_align_beg                 5 
_struct_ref_seq.pdbx_seq_align_beg_ins_code   ? 
_struct_ref_seq.seq_align_end                 208 
_struct_ref_seq.pdbx_seq_align_end_ins_code   ? 
_struct_ref_seq.pdbx_db_accession             P80022 
_struct_ref_seq.db_align_beg                  27 
_struct_ref_seq.pdbx_db_align_beg_ins_code    ? 
_struct_ref_seq.db_align_end                  230 
_struct_ref_seq.pdbx_db_align_end_ins_code    ? 
_struct_ref_seq.pdbx_auth_seq_align_beg       2 
_struct_ref_seq.pdbx_auth_seq_align_end       205 
# 
loop_
_struct_ref_seq_dif.align_id 
_struct_ref_seq_dif.pdbx_pdb_id_code 
_struct_ref_seq_dif.mon_id 
_struct_ref_seq_dif.pdbx_pdb_strand_id 
_struct_ref_seq_dif.seq_num 
_struct_ref_seq_dif.pdbx_pdb_ins_code 
_struct_ref_seq_dif.pdbx_seq_db_name 
_struct_ref_seq_dif.pdbx_seq_db_accession_code 
_struct_ref_seq_dif.db_mon_id 
_struct_ref_seq_dif.pdbx_seq_db_seq_num 
_struct_ref_seq_dif.details 
_struct_ref_seq_dif.pdbx_auth_seq_num 
_struct_ref_seq_dif.pdbx_ordinal 
1 1DIX ALA A 1 X UNP P80022 ? ? 'cloning artifact' 1 1 
1 1DIX SER A 2 X UNP P80022 ? ? 'cloning artifact' 2 2 
1 1DIX GLY A 3 X UNP P80022 ? ? 'cloning artifact' 3 3 
1 1DIX SER A 4 X UNP P80022 ? ? 'cloning artifact' 4 4 
# 
_pdbx_struct_assembly.id                   1 
_pdbx_struct_assembly.details              author_defined_assembly 
_pdbx_struct_assembly.method_details       ? 
_pdbx_struct_assembly.oligomeric_details   monomeric 
_pdbx_struct_assembly.oligomeric_count     1 
# 
_pdbx_struct_assembly_gen.assembly_id       1 
_pdbx_struct_assembly_gen.oper_expression   1 
_pdbx_struct_assembly_gen.asym_id_list      A,B 
# 
_pdbx_struct_oper_list.id                   1 
_pdbx_struct_oper_list.type                 'identity operation' 
_pdbx_struct_oper_list.name                 1_555 
_pdbx_struct_oper_list.symmetry_operation   x,y,z 
_pdbx_struct_oper_list.matrix[1][1]         1.0000000000 
_pdbx_struct_oper_list.matrix[1][2]         0.0000000000 
_pdbx_struct_oper_list.matrix[1][3]         0.0000000000 
_pdbx_struct_oper_list.vector[1]            0.0000000000 
_pdbx_struct_oper_list.matrix[2][1]         0.0000000000 
_pdbx_struct_oper_list.matrix[2][2]         1.0000000000 
_pdbx_struct_oper_list.matrix[2][3]         0.0000000000 
_pdbx_struct_oper_list.vector[2]            0.0000000000 
_pdbx_struct_oper_list.matrix[3][1]         0.0000000000 
_pdbx_struct_oper_list.matrix[3][2]         0.0000000000 
_pdbx_struct_oper_list.matrix[3][3]         1.0000000000 
_pdbx_struct_oper_list.vector[3]            0.0000000000 
# 
_struct_biol.id   1 
# 
loop_
_struct_conf.conf_type_id 
_struct_conf.id 
_struct_conf.pdbx_PDB_helix_id 
_struct_conf.beg_label_comp_id 
_struct_conf.beg_label_asym_id 
_struct_conf.beg_label_seq_id 
_struct_conf.pdbx_beg_PDB_ins_code 
_struct_conf.end_label_comp_id 
_struct_conf.end_label_asym_id 
_struct_conf.end_label_seq_id 
_struct_conf.pdbx_end_PDB_ins_code 
_struct_conf.beg_auth_comp_id 
_struct_conf.beg_auth_asym_id 
_struct_conf.beg_auth_seq_id 
_struct_conf.end_auth_comp_id 
_struct_conf.end_auth_asym_id 
_struct_conf.end_auth_seq_id 
_struct_conf.pdbx_PDB_helix_class 
_struct_conf.details 
_struct_conf.pdbx_PDB_helix_length 
HELX_P HELX_P1 1 TRP A 16  ? CYS A 21  ? TRP A 13  CYS A 18  1 ? 6  
HELX_P HELX_P2 2 ASP A 64  ? SER A 69  ? ASP A 61  SER A 66  5 ? 6  
HELX_P HELX_P3 3 ILE A 68  ? ASP A 70  ? ILE A 65  ASP A 67  5 ? 3  
HELX_P HELX_P4 4 LEU A 71  ? TRP A 79  ? LEU A 68  TRP A 76  1 ? 9  
HELX_P HELX_P5 5 GLY A 89  ? HIS A 100 ? GLY A 86  HIS A 97  1 ? 12 
HELX_P HELX_P6 6 GLY A 101 ? GLU A 105 ? GLY A 98  GLU A 102 5 ? 5  
HELX_P HELX_P7 7 ASN A 110 ? ASN A 123 ? ASN A 107 ASN A 120 1 ? 14 
HELX_P HELX_P8 8 ASP A 126 ? ALA A 134 ? ASP A 123 ALA A 131 1 ? 9  
HELX_P HELX_P9 9 LEU A 145 ? GLY A 157 ? LEU A 142 GLY A 154 1 ? 13 
# 
_struct_conf_type.id          HELX_P 
_struct_conf_type.criteria    ? 
_struct_conf_type.reference   ? 
# 
loop_
_struct_conn.id 
_struct_conn.conn_type_id 
_struct_conn.pdbx_leaving_atom_flag 
_struct_conn.pdbx_PDB_id 
_struct_conn.ptnr1_label_asym_id 
_struct_conn.ptnr1_label_comp_id 
_struct_conn.ptnr1_label_seq_id 
_struct_conn.ptnr1_label_atom_id 
_struct_conn.pdbx_ptnr1_label_alt_id 
_struct_conn.pdbx_ptnr1_PDB_ins_code 
_struct_conn.pdbx_ptnr1_standard_comp_id 
_struct_conn.ptnr1_symmetry 
_struct_conn.ptnr2_label_asym_id 
_struct_conn.ptnr2_label_comp_id 
_struct_conn.ptnr2_label_seq_id 
_struct_conn.ptnr2_label_atom_id 
_struct_conn.pdbx_ptnr2_label_alt_id 
_struct_conn.pdbx_ptnr2_PDB_ins_code 
_struct_conn.ptnr1_auth_asym_id 
_struct_conn.ptnr1_auth_comp_id 
_struct_conn.ptnr1_auth_seq_id 
_struct_conn.ptnr2_auth_asym_id 
_struct_conn.ptnr2_auth_comp_id 
_struct_conn.ptnr2_auth_seq_id 
_struct_conn.ptnr2_symmetry 
_struct_conn.pdbx_ptnr3_label_atom_id 
_struct_conn.pdbx_ptnr3_label_seq_id 
_struct_conn.pdbx_ptnr3_label_comp_id 
_struct_conn.pdbx_ptnr3_label_asym_id 
_struct_conn.pdbx_ptnr3_label_alt_id 
_struct_conn.pdbx_ptnr3_PDB_ins_code 
_struct_conn.details 
_struct_conn.pdbx_dist_value 
_struct_conn.pdbx_value_order 
_struct_conn.pdbx_role 
disulf1 disulf ? ? A CYS 21  SG ? ? ? 1_555 A CYS 27  SG ? ? A CYS 18  A CYS 24  1_555 ? ? ? ? ? ? ? 2.046 ? ? 
disulf2 disulf ? ? A CYS 28  SG ? ? ? 1_555 A CYS 84  SG ? ? A CYS 25  A CYS 81  1_555 ? ? ? ? ? ? ? 1.934 ? ? 
disulf3 disulf ? ? A CYS 57  SG ? ? ? 1_555 A CYS 103 SG ? ? A CYS 54  A CYS 100 1_555 ? ? ? ? ? ? ? 2.042 ? ? 
disulf4 disulf ? ? A CYS 164 SG ? ? ? 1_555 A CYS 199 SG ? ? A CYS 161 A CYS 196 1_555 ? ? ? ? ? ? ? 2.015 ? ? 
disulf5 disulf ? ? A CYS 180 SG ? ? ? 1_555 A CYS 191 SG ? ? A CYS 177 A CYS 188 1_555 ? ? ? ? ? ? ? 1.953 ? ? 
# 
_struct_conn_type.id          disulf 
_struct_conn_type.criteria    ? 
_struct_conn_type.reference   ? 
# 
loop_
_pdbx_modification_feature.ordinal 
_pdbx_modification_feature.label_comp_id 
_pdbx_modification_feature.label_asym_id 
_pdbx_modification_feature.label_seq_id 
_pdbx_modification_feature.label_alt_id 
_pdbx_modification_feature.modified_residue_label_comp_id 
_pdbx_modification_feature.modified_residue_label_asym_id 
_pdbx_modification_feature.modified_residue_label_seq_id 
_pdbx_modification_feature.modified_residue_label_alt_id 
_pdbx_modification_feature.auth_comp_id 
_pdbx_modification_feature.auth_asym_id 
_pdbx_modification_feature.auth_seq_id 
_pdbx_modification_feature.PDB_ins_code 
_pdbx_modification_feature.symmetry 
_pdbx_modification_feature.modified_residue_auth_comp_id 
_pdbx_modification_feature.modified_residue_auth_asym_id 
_pdbx_modification_feature.modified_residue_auth_seq_id 
_pdbx_modification_feature.modified_residue_PDB_ins_code 
_pdbx_modification_feature.modified_residue_symmetry 
_pdbx_modification_feature.comp_id_linking_atom 
_pdbx_modification_feature.modified_residue_id_linking_atom 
_pdbx_modification_feature.modified_residue_id 
_pdbx_modification_feature.ref_pcm_id 
_pdbx_modification_feature.ref_comp_id 
_pdbx_modification_feature.type 
_pdbx_modification_feature.category 
1 CYS A 21  ? CYS A 27  ? CYS A 18  ? 1_555 CYS A 24  ? 1_555 SG SG . . . None 'Disulfide bridge' 
2 CYS A 28  ? CYS A 84  ? CYS A 25  ? 1_555 CYS A 81  ? 1_555 SG SG . . . None 'Disulfide bridge' 
3 CYS A 57  ? CYS A 103 ? CYS A 54  ? 1_555 CYS A 100 ? 1_555 SG SG . . . None 'Disulfide bridge' 
4 CYS A 164 ? CYS A 199 ? CYS A 161 ? 1_555 CYS A 196 ? 1_555 SG SG . . . None 'Disulfide bridge' 
5 CYS A 180 ? CYS A 191 ? CYS A 177 ? 1_555 CYS A 188 ? 1_555 SG SG . . . None 'Disulfide bridge' 
# 
_struct_mon_prot_cis.pdbx_id                1 
_struct_mon_prot_cis.label_comp_id          CYS 
_struct_mon_prot_cis.label_seq_id           84 
_struct_mon_prot_cis.label_asym_id          A 
_struct_mon_prot_cis.label_alt_id           . 
_struct_mon_prot_cis.pdbx_PDB_ins_code      ? 
_struct_mon_prot_cis.auth_comp_id           CYS 
_struct_mon_prot_cis.auth_seq_id            81 
_struct_mon_prot_cis.auth_asym_id           A 
_struct_mon_prot_cis.pdbx_label_comp_id_2   PRO 
_struct_mon_prot_cis.pdbx_label_seq_id_2    85 
_struct_mon_prot_cis.pdbx_label_asym_id_2   A 
_struct_mon_prot_cis.pdbx_PDB_ins_code_2    ? 
_struct_mon_prot_cis.pdbx_auth_comp_id_2    PRO 
_struct_mon_prot_cis.pdbx_auth_seq_id_2     82 
_struct_mon_prot_cis.pdbx_auth_asym_id_2    A 
_struct_mon_prot_cis.pdbx_PDB_model_num     1 
_struct_mon_prot_cis.pdbx_omega_angle       7.37 
# 
loop_
_struct_sheet.id 
_struct_sheet.type 
_struct_sheet.number_strands 
_struct_sheet.details 
A ? 4 ? 
B ? 4 ? 
C ? 2 ? 
# 
loop_
_struct_sheet_order.sheet_id 
_struct_sheet_order.range_id_1 
_struct_sheet_order.range_id_2 
_struct_sheet_order.offset 
_struct_sheet_order.sense 
A 1 2 ? anti-parallel 
A 2 3 ? anti-parallel 
A 3 4 ? anti-parallel 
B 1 2 ? anti-parallel 
B 2 3 ? anti-parallel 
B 3 4 ? anti-parallel 
C 1 2 ? anti-parallel 
# 
loop_
_struct_sheet_range.sheet_id 
_struct_sheet_range.id 
_struct_sheet_range.beg_label_comp_id 
_struct_sheet_range.beg_label_asym_id 
_struct_sheet_range.beg_label_seq_id 
_struct_sheet_range.pdbx_beg_PDB_ins_code 
_struct_sheet_range.end_label_comp_id 
_struct_sheet_range.end_label_asym_id 
_struct_sheet_range.end_label_seq_id 
_struct_sheet_range.pdbx_end_PDB_ins_code 
_struct_sheet_range.beg_auth_comp_id 
_struct_sheet_range.beg_auth_asym_id 
_struct_sheet_range.beg_auth_seq_id 
_struct_sheet_range.end_auth_comp_id 
_struct_sheet_range.end_auth_asym_id 
_struct_sheet_range.end_auth_seq_id 
A 1 GLY A 40  ? ASN A 47  ? GLY A 37  ASN A 44  
A 2 PHE A 9   ? GLN A 15  ? PHE A 6   GLN A 12  
A 3 SER A 172 ? ASP A 182 ? SER A 169 ASP A 179 
A 4 TRP A 161 ? VAL A 166 ? TRP A 158 VAL A 163 
B 1 GLY A 40  ? ASN A 47  ? GLY A 37  ASN A 44  
B 2 PHE A 9   ? GLN A 15  ? PHE A 6   GLN A 12  
B 3 SER A 172 ? ASP A 182 ? SER A 169 ASP A 179 
B 4 LEU A 188 ? ILE A 189 ? LEU A 185 ILE A 186 
C 1 SER A 142 ? ASP A 144 ? SER A 139 ASP A 141 
C 2 SER A 202 ? GLU A 204 ? SER A 199 GLU A 201 
# 
loop_
_pdbx_struct_sheet_hbond.sheet_id 
_pdbx_struct_sheet_hbond.range_id_1 
_pdbx_struct_sheet_hbond.range_id_2 
_pdbx_struct_sheet_hbond.range_1_label_atom_id 
_pdbx_struct_sheet_hbond.range_1_label_comp_id 
_pdbx_struct_sheet_hbond.range_1_label_asym_id 
_pdbx_struct_sheet_hbond.range_1_label_seq_id 
_pdbx_struct_sheet_hbond.range_1_PDB_ins_code 
_pdbx_struct_sheet_hbond.range_1_auth_atom_id 
_pdbx_struct_sheet_hbond.range_1_auth_comp_id 
_pdbx_struct_sheet_hbond.range_1_auth_asym_id 
_pdbx_struct_sheet_hbond.range_1_auth_seq_id 
_pdbx_struct_sheet_hbond.range_2_label_atom_id 
_pdbx_struct_sheet_hbond.range_2_label_comp_id 
_pdbx_struct_sheet_hbond.range_2_label_asym_id 
_pdbx_struct_sheet_hbond.range_2_label_seq_id 
_pdbx_struct_sheet_hbond.range_2_PDB_ins_code 
_pdbx_struct_sheet_hbond.range_2_auth_atom_id 
_pdbx_struct_sheet_hbond.range_2_auth_comp_id 
_pdbx_struct_sheet_hbond.range_2_auth_asym_id 
_pdbx_struct_sheet_hbond.range_2_auth_seq_id 
A 1 2 N ASN A 47  ? N ASN A 44  O PHE A 9   ? O PHE A 6   
A 2 3 N GLN A 14  ? N GLN A 11  O VAL A 177 ? O VAL A 174 
A 3 4 N TYR A 178 ? N TYR A 175 O TRP A 161 ? O TRP A 158 
B 1 2 N ASN A 47  ? N ASN A 44  O PHE A 9   ? O PHE A 6   
B 2 3 N GLN A 14  ? N GLN A 11  O VAL A 177 ? O VAL A 174 
B 3 4 O CYS A 180 ? O CYS A 177 N ILE A 189 ? N ILE A 186 
C 1 2 N TYR A 143 ? N TYR A 140 O ILE A 203 ? O ILE A 200 
# 
_pdbx_entry_details.entry_id                   1DIX 
_pdbx_entry_details.compound_details           ? 
_pdbx_entry_details.source_details             ? 
_pdbx_entry_details.nonpolymer_details         ? 
_pdbx_entry_details.sequence_details           ? 
_pdbx_entry_details.has_ligand_of_interest     ? 
_pdbx_entry_details.has_protein_modification   Y 
# 
_pdbx_validate_rmsd_bond.id                        1 
_pdbx_validate_rmsd_bond.PDB_model_num             1 
_pdbx_validate_rmsd_bond.auth_atom_id_1            CA 
_pdbx_validate_rmsd_bond.auth_asym_id_1            A 
_pdbx_validate_rmsd_bond.auth_comp_id_1            ASN 
_pdbx_validate_rmsd_bond.auth_seq_id_1             44 
_pdbx_validate_rmsd_bond.PDB_ins_code_1            ? 
_pdbx_validate_rmsd_bond.label_alt_id_1            ? 
_pdbx_validate_rmsd_bond.auth_atom_id_2            C 
_pdbx_validate_rmsd_bond.auth_asym_id_2            A 
_pdbx_validate_rmsd_bond.auth_comp_id_2            ASN 
_pdbx_validate_rmsd_bond.auth_seq_id_2             44 
_pdbx_validate_rmsd_bond.PDB_ins_code_2            ? 
_pdbx_validate_rmsd_bond.label_alt_id_2            ? 
_pdbx_validate_rmsd_bond.bond_value                1.701 
_pdbx_validate_rmsd_bond.bond_target_value         1.525 
_pdbx_validate_rmsd_bond.bond_deviation            0.176 
_pdbx_validate_rmsd_bond.bond_standard_deviation   0.026 
_pdbx_validate_rmsd_bond.linker_flag               N 
# 
loop_
_pdbx_validate_rmsd_angle.id 
_pdbx_validate_rmsd_angle.PDB_model_num 
_pdbx_validate_rmsd_angle.auth_atom_id_1 
_pdbx_validate_rmsd_angle.auth_asym_id_1 
_pdbx_validate_rmsd_angle.auth_comp_id_1 
_pdbx_validate_rmsd_angle.auth_seq_id_1 
_pdbx_validate_rmsd_angle.PDB_ins_code_1 
_pdbx_validate_rmsd_angle.label_alt_id_1 
_pdbx_validate_rmsd_angle.auth_atom_id_2 
_pdbx_validate_rmsd_angle.auth_asym_id_2 
_pdbx_validate_rmsd_angle.auth_comp_id_2 
_pdbx_validate_rmsd_angle.auth_seq_id_2 
_pdbx_validate_rmsd_angle.PDB_ins_code_2 
_pdbx_validate_rmsd_angle.label_alt_id_2 
_pdbx_validate_rmsd_angle.auth_atom_id_3 
_pdbx_validate_rmsd_angle.auth_asym_id_3 
_pdbx_validate_rmsd_angle.auth_comp_id_3 
_pdbx_validate_rmsd_angle.auth_seq_id_3 
_pdbx_validate_rmsd_angle.PDB_ins_code_3 
_pdbx_validate_rmsd_angle.label_alt_id_3 
_pdbx_validate_rmsd_angle.angle_value 
_pdbx_validate_rmsd_angle.angle_target_value 
_pdbx_validate_rmsd_angle.angle_deviation 
_pdbx_validate_rmsd_angle.angle_standard_deviation 
_pdbx_validate_rmsd_angle.linker_flag 
1  1 CB  A PHE 6   ? ? CG  A PHE 6   ? ? CD2 A PHE 6   ? ? 128.01 120.80 7.21   0.70 N 
2  1 CB  A PHE 6   ? ? CG  A PHE 6   ? ? CD1 A PHE 6   ? ? 116.50 120.80 -4.30  0.70 N 
3  1 O   A PHE 6   ? ? C   A PHE 6   ? ? N   A PHE 7   ? ? 133.92 122.70 11.22  1.60 Y 
4  1 CB  A PHE 9   ? ? CG  A PHE 9   ? ? CD2 A PHE 9   ? ? 115.56 120.80 -5.24  0.70 N 
5  1 CH2 A TRP 13  ? ? CZ2 A TRP 13  ? ? CE2 A TRP 13  ? ? 123.91 117.40 6.51   1.00 N 
6  1 CB  A PHE 36  ? ? CG  A PHE 36  ? ? CD2 A PHE 36  ? ? 128.03 120.80 7.23   0.70 N 
7  1 O   A GLY 40  ? ? C   A GLY 40  ? ? N   A LEU 41  ? ? 134.94 122.70 12.24  1.60 Y 
8  1 CA  A ASN 44  ? ? C   A ASN 44  ? ? N   A ASN 45  ? ? 99.26  117.20 -17.94 2.20 Y 
9  1 O   A ASN 44  ? ? C   A ASN 44  ? ? N   A ASN 45  ? ? 149.02 122.70 26.32  1.60 Y 
10 1 C   A ASN 44  ? ? N   A ASN 45  ? ? CA  A ASN 45  ? ? 106.14 121.70 -15.56 2.50 Y 
11 1 CB  A ASP 47  ? ? CG  A ASP 47  ? ? OD1 A ASP 47  ? ? 123.88 118.30 5.58   0.90 N 
12 1 CB  A TYR 60  ? ? CG  A TYR 60  ? ? CD2 A TYR 60  ? ? 125.91 121.00 4.91   0.60 N 
13 1 N   A PRO 77  ? ? CA  A PRO 77  ? ? CB  A PRO 77  ? ? 94.54  103.30 -8.76  1.20 N 
14 1 O   A PRO 77  ? ? C   A PRO 77  ? ? N   A THR 78  ? ? 113.08 122.70 -9.62  1.60 Y 
15 1 CA  A THR 99  ? ? CB  A THR 99  ? ? CG2 A THR 99  ? ? 103.24 112.40 -9.16  1.40 N 
16 1 CB  A ASP 123 ? ? CG  A ASP 123 ? ? OD2 A ASP 123 ? ? 108.78 118.30 -9.52  0.90 N 
17 1 OE1 A GLU 138 ? ? CD  A GLU 138 ? ? OE2 A GLU 138 ? ? 114.15 123.30 -9.15  1.20 N 
18 1 CB  A ASP 141 ? ? CG  A ASP 141 ? ? OD2 A ASP 141 ? ? 124.99 118.30 6.69   0.90 N 
19 1 NE  A ARG 146 ? ? CZ  A ARG 146 ? ? NH1 A ARG 146 ? ? 117.25 120.30 -3.05  0.50 N 
20 1 O   A ILE 149 ? ? C   A ILE 149 ? ? N   A LYS 150 ? ? 135.43 122.70 12.73  1.60 Y 
21 1 O   A TRP 158 ? ? C   A TRP 158 ? ? N   A ILE 159 ? ? 134.32 122.70 11.62  1.60 Y 
22 1 O   A GLN 160 ? ? C   A GLN 160 ? ? N   A CYS 161 ? ? 139.07 122.70 16.37  1.60 Y 
23 1 CB  A ASP 164 ? ? CG  A ASP 164 ? ? OD2 A ASP 164 ? ? 128.03 118.30 9.73   0.90 N 
24 1 CA  A TYR 172 ? ? C   A TYR 172 ? ? O   A TYR 172 ? ? 135.03 120.10 14.93  2.10 N 
25 1 O   A TYR 172 ? ? C   A TYR 172 ? ? N   A GLN 173 ? ? 110.85 122.70 -11.85 1.60 Y 
26 1 O   A GLN 173 ? ? C   A GLN 173 ? ? N   A VAL 174 ? ? 136.50 122.70 13.80  1.60 Y 
27 1 CB  A TYR 175 ? ? CG  A TYR 175 ? ? CD2 A TYR 175 ? ? 133.53 121.00 12.53  0.60 N 
28 1 CB  A TYR 175 ? ? CG  A TYR 175 ? ? CD1 A TYR 175 ? ? 114.47 121.00 -6.53  0.60 N 
29 1 CB  A ASP 179 ? ? CG  A ASP 179 ? ? OD1 A ASP 179 ? ? 128.03 118.30 9.73   0.90 N 
30 1 CA  A CYS 196 ? ? CB  A CYS 196 ? ? SG  A CYS 196 ? ? 126.41 114.20 12.21  1.10 N 
# 
_pdbx_validate_torsion.id              1 
_pdbx_validate_torsion.PDB_model_num   1 
_pdbx_validate_torsion.auth_comp_id    ASP 
_pdbx_validate_torsion.auth_asym_id    A 
_pdbx_validate_torsion.auth_seq_id     55 
_pdbx_validate_torsion.PDB_ins_code    ? 
_pdbx_validate_torsion.label_alt_id    ? 
_pdbx_validate_torsion.phi             -152.42 
_pdbx_validate_torsion.psi             79.89 
# 
_pdbx_validate_peptide_omega.id               1 
_pdbx_validate_peptide_omega.PDB_model_num    1 
_pdbx_validate_peptide_omega.auth_comp_id_1   GLY 
_pdbx_validate_peptide_omega.auth_asym_id_1   A 
_pdbx_validate_peptide_omega.auth_seq_id_1    197 
_pdbx_validate_peptide_omega.PDB_ins_code_1   ? 
_pdbx_validate_peptide_omega.label_alt_id_1   ? 
_pdbx_validate_peptide_omega.auth_comp_id_2   THR 
_pdbx_validate_peptide_omega.auth_asym_id_2   A 
_pdbx_validate_peptide_omega.auth_seq_id_2    198 
_pdbx_validate_peptide_omega.PDB_ins_code_2   ? 
_pdbx_validate_peptide_omega.label_alt_id_2   ? 
_pdbx_validate_peptide_omega.omega            -145.28 
# 
loop_
_chem_comp_atom.comp_id 
_chem_comp_atom.atom_id 
_chem_comp_atom.type_symbol 
_chem_comp_atom.pdbx_aromatic_flag 
_chem_comp_atom.pdbx_stereo_config 
_chem_comp_atom.pdbx_ordinal 
ALA N    N N N 1   
ALA CA   C N S 2   
ALA C    C N N 3   
ALA O    O N N 4   
ALA CB   C N N 5   
ALA OXT  O N N 6   
ALA H    H N N 7   
ALA H2   H N N 8   
ALA HA   H N N 9   
ALA HB1  H N N 10  
ALA HB2  H N N 11  
ALA HB3  H N N 12  
ALA HXT  H N N 13  
ARG N    N N N 14  
ARG CA   C N S 15  
ARG C    C N N 16  
ARG O    O N N 17  
ARG CB   C N N 18  
ARG CG   C N N 19  
ARG CD   C N N 20  
ARG NE   N N N 21  
ARG CZ   C N N 22  
ARG NH1  N N N 23  
ARG NH2  N N N 24  
ARG OXT  O N N 25  
ARG H    H N N 26  
ARG H2   H N N 27  
ARG HA   H N N 28  
ARG HB2  H N N 29  
ARG HB3  H N N 30  
ARG HG2  H N N 31  
ARG HG3  H N N 32  
ARG HD2  H N N 33  
ARG HD3  H N N 34  
ARG HE   H N N 35  
ARG HH11 H N N 36  
ARG HH12 H N N 37  
ARG HH21 H N N 38  
ARG HH22 H N N 39  
ARG HXT  H N N 40  
ASN N    N N N 41  
ASN CA   C N S 42  
ASN C    C N N 43  
ASN O    O N N 44  
ASN CB   C N N 45  
ASN CG   C N N 46  
ASN OD1  O N N 47  
ASN ND2  N N N 48  
ASN OXT  O N N 49  
ASN H    H N N 50  
ASN H2   H N N 51  
ASN HA   H N N 52  
ASN HB2  H N N 53  
ASN HB3  H N N 54  
ASN HD21 H N N 55  
ASN HD22 H N N 56  
ASN HXT  H N N 57  
ASP N    N N N 58  
ASP CA   C N S 59  
ASP C    C N N 60  
ASP O    O N N 61  
ASP CB   C N N 62  
ASP CG   C N N 63  
ASP OD1  O N N 64  
ASP OD2  O N N 65  
ASP OXT  O N N 66  
ASP H    H N N 67  
ASP H2   H N N 68  
ASP HA   H N N 69  
ASP HB2  H N N 70  
ASP HB3  H N N 71  
ASP HD2  H N N 72  
ASP HXT  H N N 73  
CYS N    N N N 74  
CYS CA   C N R 75  
CYS C    C N N 76  
CYS O    O N N 77  
CYS CB   C N N 78  
CYS SG   S N N 79  
CYS OXT  O N N 80  
CYS H    H N N 81  
CYS H2   H N N 82  
CYS HA   H N N 83  
CYS HB2  H N N 84  
CYS HB3  H N N 85  
CYS HG   H N N 86  
CYS HXT  H N N 87  
GLN N    N N N 88  
GLN CA   C N S 89  
GLN C    C N N 90  
GLN O    O N N 91  
GLN CB   C N N 92  
GLN CG   C N N 93  
GLN CD   C N N 94  
GLN OE1  O N N 95  
GLN NE2  N N N 96  
GLN OXT  O N N 97  
GLN H    H N N 98  
GLN H2   H N N 99  
GLN HA   H N N 100 
GLN HB2  H N N 101 
GLN HB3  H N N 102 
GLN HG2  H N N 103 
GLN HG3  H N N 104 
GLN HE21 H N N 105 
GLN HE22 H N N 106 
GLN HXT  H N N 107 
GLU N    N N N 108 
GLU CA   C N S 109 
GLU C    C N N 110 
GLU O    O N N 111 
GLU CB   C N N 112 
GLU CG   C N N 113 
GLU CD   C N N 114 
GLU OE1  O N N 115 
GLU OE2  O N N 116 
GLU OXT  O N N 117 
GLU H    H N N 118 
GLU H2   H N N 119 
GLU HA   H N N 120 
GLU HB2  H N N 121 
GLU HB3  H N N 122 
GLU HG2  H N N 123 
GLU HG3  H N N 124 
GLU HE2  H N N 125 
GLU HXT  H N N 126 
GLY N    N N N 127 
GLY CA   C N N 128 
GLY C    C N N 129 
GLY O    O N N 130 
GLY OXT  O N N 131 
GLY H    H N N 132 
GLY H2   H N N 133 
GLY HA2  H N N 134 
GLY HA3  H N N 135 
GLY HXT  H N N 136 
HIS N    N N N 137 
HIS CA   C N S 138 
HIS C    C N N 139 
HIS O    O N N 140 
HIS CB   C N N 141 
HIS CG   C Y N 142 
HIS ND1  N Y N 143 
HIS CD2  C Y N 144 
HIS CE1  C Y N 145 
HIS NE2  N Y N 146 
HIS OXT  O N N 147 
HIS H    H N N 148 
HIS H2   H N N 149 
HIS HA   H N N 150 
HIS HB2  H N N 151 
HIS HB3  H N N 152 
HIS HD1  H N N 153 
HIS HD2  H N N 154 
HIS HE1  H N N 155 
HIS HE2  H N N 156 
HIS HXT  H N N 157 
HOH O    O N N 158 
HOH H1   H N N 159 
HOH H2   H N N 160 
ILE N    N N N 161 
ILE CA   C N S 162 
ILE C    C N N 163 
ILE O    O N N 164 
ILE CB   C N S 165 
ILE CG1  C N N 166 
ILE CG2  C N N 167 
ILE CD1  C N N 168 
ILE OXT  O N N 169 
ILE H    H N N 170 
ILE H2   H N N 171 
ILE HA   H N N 172 
ILE HB   H N N 173 
ILE HG12 H N N 174 
ILE HG13 H N N 175 
ILE HG21 H N N 176 
ILE HG22 H N N 177 
ILE HG23 H N N 178 
ILE HD11 H N N 179 
ILE HD12 H N N 180 
ILE HD13 H N N 181 
ILE HXT  H N N 182 
LEU N    N N N 183 
LEU CA   C N S 184 
LEU C    C N N 185 
LEU O    O N N 186 
LEU CB   C N N 187 
LEU CG   C N N 188 
LEU CD1  C N N 189 
LEU CD2  C N N 190 
LEU OXT  O N N 191 
LEU H    H N N 192 
LEU H2   H N N 193 
LEU HA   H N N 194 
LEU HB2  H N N 195 
LEU HB3  H N N 196 
LEU HG   H N N 197 
LEU HD11 H N N 198 
LEU HD12 H N N 199 
LEU HD13 H N N 200 
LEU HD21 H N N 201 
LEU HD22 H N N 202 
LEU HD23 H N N 203 
LEU HXT  H N N 204 
LYS N    N N N 205 
LYS CA   C N S 206 
LYS C    C N N 207 
LYS O    O N N 208 
LYS CB   C N N 209 
LYS CG   C N N 210 
LYS CD   C N N 211 
LYS CE   C N N 212 
LYS NZ   N N N 213 
LYS OXT  O N N 214 
LYS H    H N N 215 
LYS H2   H N N 216 
LYS HA   H N N 217 
LYS HB2  H N N 218 
LYS HB3  H N N 219 
LYS HG2  H N N 220 
LYS HG3  H N N 221 
LYS HD2  H N N 222 
LYS HD3  H N N 223 
LYS HE2  H N N 224 
LYS HE3  H N N 225 
LYS HZ1  H N N 226 
LYS HZ2  H N N 227 
LYS HZ3  H N N 228 
LYS HXT  H N N 229 
MET N    N N N 230 
MET CA   C N S 231 
MET C    C N N 232 
MET O    O N N 233 
MET CB   C N N 234 
MET CG   C N N 235 
MET SD   S N N 236 
MET CE   C N N 237 
MET OXT  O N N 238 
MET H    H N N 239 
MET H2   H N N 240 
MET HA   H N N 241 
MET HB2  H N N 242 
MET HB3  H N N 243 
MET HG2  H N N 244 
MET HG3  H N N 245 
MET HE1  H N N 246 
MET HE2  H N N 247 
MET HE3  H N N 248 
MET HXT  H N N 249 
PHE N    N N N 250 
PHE CA   C N S 251 
PHE C    C N N 252 
PHE O    O N N 253 
PHE CB   C N N 254 
PHE CG   C Y N 255 
PHE CD1  C Y N 256 
PHE CD2  C Y N 257 
PHE CE1  C Y N 258 
PHE CE2  C Y N 259 
PHE CZ   C Y N 260 
PHE OXT  O N N 261 
PHE H    H N N 262 
PHE H2   H N N 263 
PHE HA   H N N 264 
PHE HB2  H N N 265 
PHE HB3  H N N 266 
PHE HD1  H N N 267 
PHE HD2  H N N 268 
PHE HE1  H N N 269 
PHE HE2  H N N 270 
PHE HZ   H N N 271 
PHE HXT  H N N 272 
PRO N    N N N 273 
PRO CA   C N S 274 
PRO C    C N N 275 
PRO O    O N N 276 
PRO CB   C N N 277 
PRO CG   C N N 278 
PRO CD   C N N 279 
PRO OXT  O N N 280 
PRO H    H N N 281 
PRO HA   H N N 282 
PRO HB2  H N N 283 
PRO HB3  H N N 284 
PRO HG2  H N N 285 
PRO HG3  H N N 286 
PRO HD2  H N N 287 
PRO HD3  H N N 288 
PRO HXT  H N N 289 
SER N    N N N 290 
SER CA   C N S 291 
SER C    C N N 292 
SER O    O N N 293 
SER CB   C N N 294 
SER OG   O N N 295 
SER OXT  O N N 296 
SER H    H N N 297 
SER H2   H N N 298 
SER HA   H N N 299 
SER HB2  H N N 300 
SER HB3  H N N 301 
SER HG   H N N 302 
SER HXT  H N N 303 
THR N    N N N 304 
THR CA   C N S 305 
THR C    C N N 306 
THR O    O N N 307 
THR CB   C N R 308 
THR OG1  O N N 309 
THR CG2  C N N 310 
THR OXT  O N N 311 
THR H    H N N 312 
THR H2   H N N 313 
THR HA   H N N 314 
THR HB   H N N 315 
THR HG1  H N N 316 
THR HG21 H N N 317 
THR HG22 H N N 318 
THR HG23 H N N 319 
THR HXT  H N N 320 
TRP N    N N N 321 
TRP CA   C N S 322 
TRP C    C N N 323 
TRP O    O N N 324 
TRP CB   C N N 325 
TRP CG   C Y N 326 
TRP CD1  C Y N 327 
TRP CD2  C Y N 328 
TRP NE1  N Y N 329 
TRP CE2  C Y N 330 
TRP CE3  C Y N 331 
TRP CZ2  C Y N 332 
TRP CZ3  C Y N 333 
TRP CH2  C Y N 334 
TRP OXT  O N N 335 
TRP H    H N N 336 
TRP H2   H N N 337 
TRP HA   H N N 338 
TRP HB2  H N N 339 
TRP HB3  H N N 340 
TRP HD1  H N N 341 
TRP HE1  H N N 342 
TRP HE3  H N N 343 
TRP HZ2  H N N 344 
TRP HZ3  H N N 345 
TRP HH2  H N N 346 
TRP HXT  H N N 347 
TYR N    N N N 348 
TYR CA   C N S 349 
TYR C    C N N 350 
TYR O    O N N 351 
TYR CB   C N N 352 
TYR CG   C Y N 353 
TYR CD1  C Y N 354 
TYR CD2  C Y N 355 
TYR CE1  C Y N 356 
TYR CE2  C Y N 357 
TYR CZ   C Y N 358 
TYR OH   O N N 359 
TYR OXT  O N N 360 
TYR H    H N N 361 
TYR H2   H N N 362 
TYR HA   H N N 363 
TYR HB2  H N N 364 
TYR HB3  H N N 365 
TYR HD1  H N N 366 
TYR HD2  H N N 367 
TYR HE1  H N N 368 
TYR HE2  H N N 369 
TYR HH   H N N 370 
TYR HXT  H N N 371 
VAL N    N N N 372 
VAL CA   C N S 373 
VAL C    C N N 374 
VAL O    O N N 375 
VAL CB   C N N 376 
VAL CG1  C N N 377 
VAL CG2  C N N 378 
VAL OXT  O N N 379 
VAL H    H N N 380 
VAL H2   H N N 381 
VAL HA   H N N 382 
VAL HB   H N N 383 
VAL HG11 H N N 384 
VAL HG12 H N N 385 
VAL HG13 H N N 386 
VAL HG21 H N N 387 
VAL HG22 H N N 388 
VAL HG23 H N N 389 
VAL HXT  H N N 390 
# 
loop_
_chem_comp_bond.comp_id 
_chem_comp_bond.atom_id_1 
_chem_comp_bond.atom_id_2 
_chem_comp_bond.value_order 
_chem_comp_bond.pdbx_aromatic_flag 
_chem_comp_bond.pdbx_stereo_config 
_chem_comp_bond.pdbx_ordinal 
ALA N   CA   sing N N 1   
ALA N   H    sing N N 2   
ALA N   H2   sing N N 3   
ALA CA  C    sing N N 4   
ALA CA  CB   sing N N 5   
ALA CA  HA   sing N N 6   
ALA C   O    doub N N 7   
ALA C   OXT  sing N N 8   
ALA CB  HB1  sing N N 9   
ALA CB  HB2  sing N N 10  
ALA CB  HB3  sing N N 11  
ALA OXT HXT  sing N N 12  
ARG N   CA   sing N N 13  
ARG N   H    sing N N 14  
ARG N   H2   sing N N 15  
ARG CA  C    sing N N 16  
ARG CA  CB   sing N N 17  
ARG CA  HA   sing N N 18  
ARG C   O    doub N N 19  
ARG C   OXT  sing N N 20  
ARG CB  CG   sing N N 21  
ARG CB  HB2  sing N N 22  
ARG CB  HB3  sing N N 23  
ARG CG  CD   sing N N 24  
ARG CG  HG2  sing N N 25  
ARG CG  HG3  sing N N 26  
ARG CD  NE   sing N N 27  
ARG CD  HD2  sing N N 28  
ARG CD  HD3  sing N N 29  
ARG NE  CZ   sing N N 30  
ARG NE  HE   sing N N 31  
ARG CZ  NH1  sing N N 32  
ARG CZ  NH2  doub N N 33  
ARG NH1 HH11 sing N N 34  
ARG NH1 HH12 sing N N 35  
ARG NH2 HH21 sing N N 36  
ARG NH2 HH22 sing N N 37  
ARG OXT HXT  sing N N 38  
ASN N   CA   sing N N 39  
ASN N   H    sing N N 40  
ASN N   H2   sing N N 41  
ASN CA  C    sing N N 42  
ASN CA  CB   sing N N 43  
ASN CA  HA   sing N N 44  
ASN C   O    doub N N 45  
ASN C   OXT  sing N N 46  
ASN CB  CG   sing N N 47  
ASN CB  HB2  sing N N 48  
ASN CB  HB3  sing N N 49  
ASN CG  OD1  doub N N 50  
ASN CG  ND2  sing N N 51  
ASN ND2 HD21 sing N N 52  
ASN ND2 HD22 sing N N 53  
ASN OXT HXT  sing N N 54  
ASP N   CA   sing N N 55  
ASP N   H    sing N N 56  
ASP N   H2   sing N N 57  
ASP CA  C    sing N N 58  
ASP CA  CB   sing N N 59  
ASP CA  HA   sing N N 60  
ASP C   O    doub N N 61  
ASP C   OXT  sing N N 62  
ASP CB  CG   sing N N 63  
ASP CB  HB2  sing N N 64  
ASP CB  HB3  sing N N 65  
ASP CG  OD1  doub N N 66  
ASP CG  OD2  sing N N 67  
ASP OD2 HD2  sing N N 68  
ASP OXT HXT  sing N N 69  
CYS N   CA   sing N N 70  
CYS N   H    sing N N 71  
CYS N   H2   sing N N 72  
CYS CA  C    sing N N 73  
CYS CA  CB   sing N N 74  
CYS CA  HA   sing N N 75  
CYS C   O    doub N N 76  
CYS C   OXT  sing N N 77  
CYS CB  SG   sing N N 78  
CYS CB  HB2  sing N N 79  
CYS CB  HB3  sing N N 80  
CYS SG  HG   sing N N 81  
CYS OXT HXT  sing N N 82  
GLN N   CA   sing N N 83  
GLN N   H    sing N N 84  
GLN N   H2   sing N N 85  
GLN CA  C    sing N N 86  
GLN CA  CB   sing N N 87  
GLN CA  HA   sing N N 88  
GLN C   O    doub N N 89  
GLN C   OXT  sing N N 90  
GLN CB  CG   sing N N 91  
GLN CB  HB2  sing N N 92  
GLN CB  HB3  sing N N 93  
GLN CG  CD   sing N N 94  
GLN CG  HG2  sing N N 95  
GLN CG  HG3  sing N N 96  
GLN CD  OE1  doub N N 97  
GLN CD  NE2  sing N N 98  
GLN NE2 HE21 sing N N 99  
GLN NE2 HE22 sing N N 100 
GLN OXT HXT  sing N N 101 
GLU N   CA   sing N N 102 
GLU N   H    sing N N 103 
GLU N   H2   sing N N 104 
GLU CA  C    sing N N 105 
GLU CA  CB   sing N N 106 
GLU CA  HA   sing N N 107 
GLU C   O    doub N N 108 
GLU C   OXT  sing N N 109 
GLU CB  CG   sing N N 110 
GLU CB  HB2  sing N N 111 
GLU CB  HB3  sing N N 112 
GLU CG  CD   sing N N 113 
GLU CG  HG2  sing N N 114 
GLU CG  HG3  sing N N 115 
GLU CD  OE1  doub N N 116 
GLU CD  OE2  sing N N 117 
GLU OE2 HE2  sing N N 118 
GLU OXT HXT  sing N N 119 
GLY N   CA   sing N N 120 
GLY N   H    sing N N 121 
GLY N   H2   sing N N 122 
GLY CA  C    sing N N 123 
GLY CA  HA2  sing N N 124 
GLY CA  HA3  sing N N 125 
GLY C   O    doub N N 126 
GLY C   OXT  sing N N 127 
GLY OXT HXT  sing N N 128 
HIS N   CA   sing N N 129 
HIS N   H    sing N N 130 
HIS N   H2   sing N N 131 
HIS CA  C    sing N N 132 
HIS CA  CB   sing N N 133 
HIS CA  HA   sing N N 134 
HIS C   O    doub N N 135 
HIS C   OXT  sing N N 136 
HIS CB  CG   sing N N 137 
HIS CB  HB2  sing N N 138 
HIS CB  HB3  sing N N 139 
HIS CG  ND1  sing Y N 140 
HIS CG  CD2  doub Y N 141 
HIS ND1 CE1  doub Y N 142 
HIS ND1 HD1  sing N N 143 
HIS CD2 NE2  sing Y N 144 
HIS CD2 HD2  sing N N 145 
HIS CE1 NE2  sing Y N 146 
HIS CE1 HE1  sing N N 147 
HIS NE2 HE2  sing N N 148 
HIS OXT HXT  sing N N 149 
HOH O   H1   sing N N 150 
HOH O   H2   sing N N 151 
ILE N   CA   sing N N 152 
ILE N   H    sing N N 153 
ILE N   H2   sing N N 154 
ILE CA  C    sing N N 155 
ILE CA  CB   sing N N 156 
ILE CA  HA   sing N N 157 
ILE C   O    doub N N 158 
ILE C   OXT  sing N N 159 
ILE CB  CG1  sing N N 160 
ILE CB  CG2  sing N N 161 
ILE CB  HB   sing N N 162 
ILE CG1 CD1  sing N N 163 
ILE CG1 HG12 sing N N 164 
ILE CG1 HG13 sing N N 165 
ILE CG2 HG21 sing N N 166 
ILE CG2 HG22 sing N N 167 
ILE CG2 HG23 sing N N 168 
ILE CD1 HD11 sing N N 169 
ILE CD1 HD12 sing N N 170 
ILE CD1 HD13 sing N N 171 
ILE OXT HXT  sing N N 172 
LEU N   CA   sing N N 173 
LEU N   H    sing N N 174 
LEU N   H2   sing N N 175 
LEU CA  C    sing N N 176 
LEU CA  CB   sing N N 177 
LEU CA  HA   sing N N 178 
LEU C   O    doub N N 179 
LEU C   OXT  sing N N 180 
LEU CB  CG   sing N N 181 
LEU CB  HB2  sing N N 182 
LEU CB  HB3  sing N N 183 
LEU CG  CD1  sing N N 184 
LEU CG  CD2  sing N N 185 
LEU CG  HG   sing N N 186 
LEU CD1 HD11 sing N N 187 
LEU CD1 HD12 sing N N 188 
LEU CD1 HD13 sing N N 189 
LEU CD2 HD21 sing N N 190 
LEU CD2 HD22 sing N N 191 
LEU CD2 HD23 sing N N 192 
LEU OXT HXT  sing N N 193 
LYS N   CA   sing N N 194 
LYS N   H    sing N N 195 
LYS N   H2   sing N N 196 
LYS CA  C    sing N N 197 
LYS CA  CB   sing N N 198 
LYS CA  HA   sing N N 199 
LYS C   O    doub N N 200 
LYS C   OXT  sing N N 201 
LYS CB  CG   sing N N 202 
LYS CB  HB2  sing N N 203 
LYS CB  HB3  sing N N 204 
LYS CG  CD   sing N N 205 
LYS CG  HG2  sing N N 206 
LYS CG  HG3  sing N N 207 
LYS CD  CE   sing N N 208 
LYS CD  HD2  sing N N 209 
LYS CD  HD3  sing N N 210 
LYS CE  NZ   sing N N 211 
LYS CE  HE2  sing N N 212 
LYS CE  HE3  sing N N 213 
LYS NZ  HZ1  sing N N 214 
LYS NZ  HZ2  sing N N 215 
LYS NZ  HZ3  sing N N 216 
LYS OXT HXT  sing N N 217 
MET N   CA   sing N N 218 
MET N   H    sing N N 219 
MET N   H2   sing N N 220 
MET CA  C    sing N N 221 
MET CA  CB   sing N N 222 
MET CA  HA   sing N N 223 
MET C   O    doub N N 224 
MET C   OXT  sing N N 225 
MET CB  CG   sing N N 226 
MET CB  HB2  sing N N 227 
MET CB  HB3  sing N N 228 
MET CG  SD   sing N N 229 
MET CG  HG2  sing N N 230 
MET CG  HG3  sing N N 231 
MET SD  CE   sing N N 232 
MET CE  HE1  sing N N 233 
MET CE  HE2  sing N N 234 
MET CE  HE3  sing N N 235 
MET OXT HXT  sing N N 236 
PHE N   CA   sing N N 237 
PHE N   H    sing N N 238 
PHE N   H2   sing N N 239 
PHE CA  C    sing N N 240 
PHE CA  CB   sing N N 241 
PHE CA  HA   sing N N 242 
PHE C   O    doub N N 243 
PHE C   OXT  sing N N 244 
PHE CB  CG   sing N N 245 
PHE CB  HB2  sing N N 246 
PHE CB  HB3  sing N N 247 
PHE CG  CD1  doub Y N 248 
PHE CG  CD2  sing Y N 249 
PHE CD1 CE1  sing Y N 250 
PHE CD1 HD1  sing N N 251 
PHE CD2 CE2  doub Y N 252 
PHE CD2 HD2  sing N N 253 
PHE CE1 CZ   doub Y N 254 
PHE CE1 HE1  sing N N 255 
PHE CE2 CZ   sing Y N 256 
PHE CE2 HE2  sing N N 257 
PHE CZ  HZ   sing N N 258 
PHE OXT HXT  sing N N 259 
PRO N   CA   sing N N 260 
PRO N   CD   sing N N 261 
PRO N   H    sing N N 262 
PRO CA  C    sing N N 263 
PRO CA  CB   sing N N 264 
PRO CA  HA   sing N N 265 
PRO C   O    doub N N 266 
PRO C   OXT  sing N N 267 
PRO CB  CG   sing N N 268 
PRO CB  HB2  sing N N 269 
PRO CB  HB3  sing N N 270 
PRO CG  CD   sing N N 271 
PRO CG  HG2  sing N N 272 
PRO CG  HG3  sing N N 273 
PRO CD  HD2  sing N N 274 
PRO CD  HD3  sing N N 275 
PRO OXT HXT  sing N N 276 
SER N   CA   sing N N 277 
SER N   H    sing N N 278 
SER N   H2   sing N N 279 
SER CA  C    sing N N 280 
SER CA  CB   sing N N 281 
SER CA  HA   sing N N 282 
SER C   O    doub N N 283 
SER C   OXT  sing N N 284 
SER CB  OG   sing N N 285 
SER CB  HB2  sing N N 286 
SER CB  HB3  sing N N 287 
SER OG  HG   sing N N 288 
SER OXT HXT  sing N N 289 
THR N   CA   sing N N 290 
THR N   H    sing N N 291 
THR N   H2   sing N N 292 
THR CA  C    sing N N 293 
THR CA  CB   sing N N 294 
THR CA  HA   sing N N 295 
THR C   O    doub N N 296 
THR C   OXT  sing N N 297 
THR CB  OG1  sing N N 298 
THR CB  CG2  sing N N 299 
THR CB  HB   sing N N 300 
THR OG1 HG1  sing N N 301 
THR CG2 HG21 sing N N 302 
THR CG2 HG22 sing N N 303 
THR CG2 HG23 sing N N 304 
THR OXT HXT  sing N N 305 
TRP N   CA   sing N N 306 
TRP N   H    sing N N 307 
TRP N   H2   sing N N 308 
TRP CA  C    sing N N 309 
TRP CA  CB   sing N N 310 
TRP CA  HA   sing N N 311 
TRP C   O    doub N N 312 
TRP C   OXT  sing N N 313 
TRP CB  CG   sing N N 314 
TRP CB  HB2  sing N N 315 
TRP CB  HB3  sing N N 316 
TRP CG  CD1  doub Y N 317 
TRP CG  CD2  sing Y N 318 
TRP CD1 NE1  sing Y N 319 
TRP CD1 HD1  sing N N 320 
TRP CD2 CE2  doub Y N 321 
TRP CD2 CE3  sing Y N 322 
TRP NE1 CE2  sing Y N 323 
TRP NE1 HE1  sing N N 324 
TRP CE2 CZ2  sing Y N 325 
TRP CE3 CZ3  doub Y N 326 
TRP CE3 HE3  sing N N 327 
TRP CZ2 CH2  doub Y N 328 
TRP CZ2 HZ2  sing N N 329 
TRP CZ3 CH2  sing Y N 330 
TRP CZ3 HZ3  sing N N 331 
TRP CH2 HH2  sing N N 332 
TRP OXT HXT  sing N N 333 
TYR N   CA   sing N N 334 
TYR N   H    sing N N 335 
TYR N   H2   sing N N 336 
TYR CA  C    sing N N 337 
TYR CA  CB   sing N N 338 
TYR CA  HA   sing N N 339 
TYR C   O    doub N N 340 
TYR C   OXT  sing N N 341 
TYR CB  CG   sing N N 342 
TYR CB  HB2  sing N N 343 
TYR CB  HB3  sing N N 344 
TYR CG  CD1  doub Y N 345 
TYR CG  CD2  sing Y N 346 
TYR CD1 CE1  sing Y N 347 
TYR CD1 HD1  sing N N 348 
TYR CD2 CE2  doub Y N 349 
TYR CD2 HD2  sing N N 350 
TYR CE1 CZ   doub Y N 351 
TYR CE1 HE1  sing N N 352 
TYR CE2 CZ   sing Y N 353 
TYR CE2 HE2  sing N N 354 
TYR CZ  OH   sing N N 355 
TYR OH  HH   sing N N 356 
TYR OXT HXT  sing N N 357 
VAL N   CA   sing N N 358 
VAL N   H    sing N N 359 
VAL N   H2   sing N N 360 
VAL CA  C    sing N N 361 
VAL CA  CB   sing N N 362 
VAL CA  HA   sing N N 363 
VAL C   O    doub N N 364 
VAL C   OXT  sing N N 365 
VAL CB  CG1  sing N N 366 
VAL CB  CG2  sing N N 367 
VAL CB  HB   sing N N 368 
VAL CG1 HG11 sing N N 369 
VAL CG1 HG12 sing N N 370 
VAL CG1 HG13 sing N N 371 
VAL CG2 HG21 sing N N 372 
VAL CG2 HG22 sing N N 373 
VAL CG2 HG23 sing N N 374 
VAL OXT HXT  sing N N 375 
# 
_atom_sites.entry_id                    1DIX 
_atom_sites.fract_transf_matrix[1][1]   0.00901298 
_atom_sites.fract_transf_matrix[1][2]   0.00011036 
_atom_sites.fract_transf_matrix[1][3]   0.01006351 
_atom_sites.fract_transf_matrix[2][1]   -0.00844343 
_atom_sites.fract_transf_matrix[2][2]   0.00579380 
_atom_sites.fract_transf_matrix[2][3]   0.00749848 
_atom_sites.fract_transf_matrix[3][1]   -0.01017939 
_atom_sites.fract_transf_matrix[3][2]   -0.02701721 
_atom_sites.fract_transf_matrix[3][3]   0.00941304 
_atom_sites.fract_transf_vector[1]      0.530421 
_atom_sites.fract_transf_vector[2]      0.125794 
_atom_sites.fract_transf_vector[3]      0.395032 
# 
loop_
_atom_type.symbol 
C 
N 
O 
S 
# 
loop_
_atom_site.group_PDB 
_atom_site.id 
_atom_site.type_symbol 
_atom_site.label_atom_id 
_atom_site.label_alt_id 
_atom_site.label_comp_id 
_atom_site.label_asym_id 
_atom_site.label_entity_id 
_atom_site.label_seq_id 
_atom_site.pdbx_PDB_ins_code 
_atom_site.Cartn_x 
_atom_site.Cartn_y 
_atom_site.Cartn_z 
_atom_site.occupancy 
_atom_site.B_iso_or_equiv 
_atom_site.pdbx_formal_charge 
_atom_site.auth_seq_id 
_atom_site.auth_comp_id 
_atom_site.auth_asym_id 
_atom_site.auth_atom_id 
_atom_site.pdbx_PDB_model_num 
ATOM   1    N N   . ALA A 1 1   X 8.005   -2.204  -20.569 1.00 23.51 ? 1   ALA A N   1 
ATOM   2    C CA  . ALA A 1 1   X 7.483   -3.558  -20.897 1.00 23.92 ? 1   ALA A CA  1 
ATOM   3    C C   . ALA A 1 1   X 7.553   -3.773  -22.424 1.00 25.17 ? 1   ALA A C   1 
ATOM   4    O O   . ALA A 1 1   X 6.960   -2.879  -23.051 1.00 24.14 ? 1   ALA A O   1 
ATOM   5    C CB  . ALA A 1 1   X 6.085   -3.815  -20.420 1.00 26.27 ? 1   ALA A CB  1 
ATOM   6    N N   . SER A 1 2   X 8.132   -4.862  -22.875 1.00 23.57 ? 2   SER A N   1 
ATOM   7    C CA  . SER A 1 2   X 8.215   -4.980  -24.328 1.00 24.85 ? 2   SER A CA  1 
ATOM   8    C C   . SER A 1 2   X 7.288   -6.051  -24.805 1.00 19.68 ? 2   SER A C   1 
ATOM   9    O O   . SER A 1 2   X 6.792   -6.931  -24.152 1.00 22.00 ? 2   SER A O   1 
ATOM   10   C CB  . SER A 1 2   X 9.652   -5.258  -24.902 1.00 26.06 ? 2   SER A CB  1 
ATOM   11   O OG  . SER A 1 2   X 10.355  -4.088  -24.445 1.00 32.13 ? 2   SER A OG  1 
ATOM   12   N N   . GLY A 1 3   X 7.216   -6.155  -26.187 1.00 22.86 ? 3   GLY A N   1 
ATOM   13   C CA  . GLY A 1 3   X 6.547   -7.311  -26.764 1.00 22.20 ? 3   GLY A CA  1 
ATOM   14   C C   . GLY A 1 3   X 5.109   -7.465  -26.249 1.00 25.29 ? 3   GLY A C   1 
ATOM   15   O O   . GLY A 1 3   X 4.429   -6.446  -26.302 1.00 26.24 ? 3   GLY A O   1 
ATOM   16   N N   . SER A 1 4   X 4.701   -8.648  -25.852 1.00 25.58 ? 4   SER A N   1 
ATOM   17   C CA  . SER A 1 4   X 3.319   -8.739  -25.401 1.00 29.40 ? 4   SER A CA  1 
ATOM   18   C C   . SER A 1 4   X 3.289   -8.658  -23.873 1.00 28.99 ? 4   SER A C   1 
ATOM   19   O O   . SER A 1 4   X 2.218   -8.994  -23.350 1.00 30.43 ? 4   SER A O   1 
ATOM   20   C CB  . SER A 1 4   X 2.612   -10.018 -25.842 1.00 30.43 ? 4   SER A CB  1 
ATOM   21   O OG  . SER A 1 4   X 3.235   -11.037 -25.061 1.00 32.99 ? 4   SER A OG  1 
ATOM   22   N N   . LYS A 1 5   ? 4.361   -8.230  -23.234 1.00 25.95 ? 2   LYS A N   1 
ATOM   23   C CA  . LYS A 1 5   ? 4.328   -8.130  -21.755 1.00 27.36 ? 2   LYS A CA  1 
ATOM   24   C C   . LYS A 1 5   ? 3.639   -6.812  -21.465 1.00 25.39 ? 2   LYS A C   1 
ATOM   25   O O   . LYS A 1 5   ? 3.967   -5.755  -21.983 1.00 25.12 ? 2   LYS A O   1 
ATOM   26   C CB  . LYS A 1 5   ? 5.745   -8.182  -21.217 1.00 25.92 ? 2   LYS A CB  1 
ATOM   27   C CG  . LYS A 1 5   ? 5.852   -8.148  -19.690 1.00 30.52 ? 2   LYS A CG  1 
ATOM   28   C CD  . LYS A 1 5   ? 7.341   -8.154  -19.305 1.00 32.30 ? 2   LYS A CD  1 
ATOM   29   C CE  . LYS A 1 5   ? 7.459   -8.702  -17.874 1.00 36.70 ? 2   LYS A CE  1 
ATOM   30   N NZ  . LYS A 1 5   ? 8.713   -8.160  -17.251 1.00 39.78 ? 2   LYS A NZ  1 
ATOM   31   N N   . ASP A 1 6   ? 2.555   -6.819  -20.676 1.00 26.07 ? 3   ASP A N   1 
ATOM   32   C CA  . ASP A 1 6   ? 1.775   -5.616  -20.398 1.00 27.72 ? 3   ASP A CA  1 
ATOM   33   C C   . ASP A 1 6   ? 2.387   -4.570  -19.497 1.00 26.49 ? 3   ASP A C   1 
ATOM   34   O O   . ASP A 1 6   ? 2.161   -3.347  -19.648 1.00 28.08 ? 3   ASP A O   1 
ATOM   35   C CB  . ASP A 1 6   ? 0.460   -6.152  -19.704 1.00 30.74 ? 3   ASP A CB  1 
ATOM   36   C CG  . ASP A 1 6   ? -0.511  -6.616  -20.783 1.00 34.74 ? 3   ASP A CG  1 
ATOM   37   O OD1 . ASP A 1 6   ? -0.306  -6.298  -21.981 1.00 36.31 ? 3   ASP A OD1 1 
ATOM   38   O OD2 . ASP A 1 6   ? -1.478  -7.324  -20.456 1.00 37.15 ? 3   ASP A OD2 1 
ATOM   39   N N   . PHE A 1 7   ? 3.167   -4.979  -18.511 1.00 25.71 ? 4   PHE A N   1 
ATOM   40   C CA  . PHE A 1 7   ? 3.824   -4.064  -17.577 1.00 23.29 ? 4   PHE A CA  1 
ATOM   41   C C   . PHE A 1 7   ? 5.027   -4.784  -16.937 1.00 21.91 ? 4   PHE A C   1 
ATOM   42   O O   . PHE A 1 7   ? 5.105   -6.020  -17.031 1.00 22.72 ? 4   PHE A O   1 
ATOM   43   C CB  . PHE A 1 7   ? 2.864   -3.619  -16.395 1.00 23.08 ? 4   PHE A CB  1 
ATOM   44   C CG  . PHE A 1 7   ? 2.393   -4.791  -15.630 1.00 20.31 ? 4   PHE A CG  1 
ATOM   45   C CD1 . PHE A 1 7   ? 2.946   -5.166  -14.416 1.00 19.70 ? 4   PHE A CD1 1 
ATOM   46   C CD2 . PHE A 1 7   ? 1.358   -5.573  -16.066 1.00 20.36 ? 4   PHE A CD2 1 
ATOM   47   C CE1 . PHE A 1 7   ? 2.553   -6.273  -13.716 1.00 17.48 ? 4   PHE A CE1 1 
ATOM   48   C CE2 . PHE A 1 7   ? 0.920   -6.660  -15.371 1.00 19.35 ? 4   PHE A CE2 1 
ATOM   49   C CZ  . PHE A 1 7   ? 1.486   -7.037  -14.186 1.00 19.55 ? 4   PHE A CZ  1 
ATOM   50   N N   . ASP A 1 8   ? 5.841   -3.990  -16.280 1.00 23.24 ? 5   ASP A N   1 
ATOM   51   C CA  . ASP A 1 8   ? 7.174   -4.493  -15.869 1.00 24.32 ? 5   ASP A CA  1 
ATOM   52   C C   . ASP A 1 8   ? 7.197   -4.996  -14.448 1.00 24.50 ? 5   ASP A C   1 
ATOM   53   O O   . ASP A 1 8   ? 7.791   -6.015  -14.190 1.00 24.87 ? 5   ASP A O   1 
ATOM   54   C CB  . ASP A 1 8   ? 8.234   -3.422  -16.062 1.00 25.08 ? 5   ASP A CB  1 
ATOM   55   C CG  . ASP A 1 8   ? 8.475   -3.035  -17.493 1.00 27.75 ? 5   ASP A CG  1 
ATOM   56   O OD1 . ASP A 1 8   ? 8.429   -1.855  -17.872 1.00 27.84 ? 5   ASP A OD1 1 
ATOM   57   O OD2 . ASP A 1 8   ? 8.743   -4.011  -18.234 1.00 30.57 ? 5   ASP A OD2 1 
ATOM   58   N N   . PHE A 1 9   ? 6.490   -4.336  -13.490 1.00 19.50 ? 6   PHE A N   1 
ATOM   59   C CA  . PHE A 1 9   ? 6.525   -4.879  -12.137 1.00 18.03 ? 6   PHE A CA  1 
ATOM   60   C C   . PHE A 1 9   ? 5.322   -4.204  -11.326 1.00 18.01 ? 6   PHE A C   1 
ATOM   61   O O   . PHE A 1 9   ? 4.700   -3.329  -11.948 1.00 16.95 ? 6   PHE A O   1 
ATOM   62   C CB  . PHE A 1 9   ? 7.833   -4.478  -11.483 1.00 18.65 ? 6   PHE A CB  1 
ATOM   63   C CG  . PHE A 1 9   ? 8.060   -3.018  -11.335 1.00 20.48 ? 6   PHE A CG  1 
ATOM   64   C CD1 . PHE A 1 9   ? 7.707   -2.447  -10.088 1.00 21.50 ? 6   PHE A CD1 1 
ATOM   65   C CD2 . PHE A 1 9   ? 8.484   -2.143  -12.272 1.00 19.98 ? 6   PHE A CD2 1 
ATOM   66   C CE1 . PHE A 1 9   ? 7.846   -1.130  -9.842  1.00 17.67 ? 6   PHE A CE1 1 
ATOM   67   C CE2 . PHE A 1 9   ? 8.634   -0.800  -12.038 1.00 23.72 ? 6   PHE A CE2 1 
ATOM   68   C CZ  . PHE A 1 9   ? 8.233   -0.242  -10.792 1.00 21.57 ? 6   PHE A CZ  1 
ATOM   69   N N   . PHE A 1 10  ? 5.366   -4.572  -10.055 1.00 19.29 ? 7   PHE A N   1 
ATOM   70   C CA  . PHE A 1 10  ? 4.257   -3.930  -9.217  1.00 18.26 ? 7   PHE A CA  1 
ATOM   71   C C   . PHE A 1 10  ? 4.916   -3.125  -8.133  1.00 20.13 ? 7   PHE A C   1 
ATOM   72   O O   . PHE A 1 10  ? 5.945   -3.477  -7.498  1.00 18.48 ? 7   PHE A O   1 
ATOM   73   C CB  . PHE A 1 10  ? 3.489   -5.022  -8.484  1.00 19.38 ? 7   PHE A CB  1 
ATOM   74   C CG  . PHE A 1 10  ? 2.618   -5.916  -9.306  1.00 21.75 ? 7   PHE A CG  1 
ATOM   75   C CD1 . PHE A 1 10  ? 3.170   -7.044  -9.865  1.00 22.50 ? 7   PHE A CD1 1 
ATOM   76   C CD2 . PHE A 1 10  ? 1.250   -5.654  -9.521  1.00 22.21 ? 7   PHE A CD2 1 
ATOM   77   C CE1 . PHE A 1 10  ? 2.409   -7.902  -10.618 1.00 22.47 ? 7   PHE A CE1 1 
ATOM   78   C CE2 . PHE A 1 10  ? 0.479   -6.530  -10.247 1.00 22.48 ? 7   PHE A CE2 1 
ATOM   79   C CZ  . PHE A 1 10  ? 1.060   -7.645  -10.823 1.00 23.21 ? 7   PHE A CZ  1 
ATOM   80   N N   . TYR A 1 11  ? 4.247   -1.993  -7.760  1.00 17.64 ? 8   TYR A N   1 
ATOM   81   C CA  . TYR A 1 11  ? 4.489   -1.568  -6.365  1.00 16.74 ? 8   TYR A CA  1 
ATOM   82   C C   . TYR A 1 11  ? 3.404   -2.090  -5.404  1.00 20.28 ? 8   TYR A C   1 
ATOM   83   O O   . TYR A 1 11  ? 2.222   -2.135  -5.811  1.00 20.21 ? 8   TYR A O   1 
ATOM   84   C CB  . TYR A 1 11  ? 4.343   -0.054  -6.400  1.00 17.10 ? 8   TYR A CB  1 
ATOM   85   C CG  . TYR A 1 11  ? 5.396   0.766   -7.040  1.00 17.05 ? 8   TYR A CG  1 
ATOM   86   C CD1 . TYR A 1 11  ? 5.055   1.647   -8.058  1.00 17.22 ? 8   TYR A CD1 1 
ATOM   87   C CD2 . TYR A 1 11  ? 6.729   0.724   -6.638  1.00 20.06 ? 8   TYR A CD2 1 
ATOM   88   C CE1 . TYR A 1 11  ? 5.957   2.518   -8.619  1.00 21.33 ? 8   TYR A CE1 1 
ATOM   89   C CE2 . TYR A 1 11  ? 7.637   1.595   -7.187  1.00 19.31 ? 8   TYR A CE2 1 
ATOM   90   C CZ  . TYR A 1 11  ? 7.280   2.432   -8.217  1.00 21.44 ? 8   TYR A CZ  1 
ATOM   91   O OH  . TYR A 1 11  ? 8.220   3.246   -8.799  1.00 22.55 ? 8   TYR A OH  1 
ATOM   92   N N   . PHE A 1 12  ? 3.889   -2.540  -4.229  1.00 16.92 ? 9   PHE A N   1 
ATOM   93   C CA  . PHE A 1 12  ? 2.923   -3.066  -3.251  1.00 18.08 ? 9   PHE A CA  1 
ATOM   94   C C   . PHE A 1 12  ? 2.972   -1.992  -2.157  1.00 16.37 ? 9   PHE A C   1 
ATOM   95   O O   . PHE A 1 12  ? 4.030   -1.791  -1.591  1.00 16.34 ? 9   PHE A O   1 
ATOM   96   C CB  . PHE A 1 12  ? 3.396   -4.409  -2.719  1.00 18.98 ? 9   PHE A CB  1 
ATOM   97   C CG  . PHE A 1 12  ? 2.502   -4.864  -1.575  1.00 21.60 ? 9   PHE A CG  1 
ATOM   98   C CD1 . PHE A 1 12  ? 1.145   -4.984  -1.755  1.00 19.88 ? 9   PHE A CD1 1 
ATOM   99   C CD2 . PHE A 1 12  ? 3.135   -5.036  -0.354  1.00 19.85 ? 9   PHE A CD2 1 
ATOM   100  C CE1 . PHE A 1 12  ? 0.385   -5.374  -0.655  1.00 22.83 ? 9   PHE A CE1 1 
ATOM   101  C CE2 . PHE A 1 12  ? 2.377   -5.432  0.741   1.00 22.27 ? 9   PHE A CE2 1 
ATOM   102  C CZ  . PHE A 1 12  ? 1.019   -5.583  0.591   1.00 20.80 ? 9   PHE A CZ  1 
ATOM   103  N N   . VAL A 1 13  ? 1.844   -1.300  -1.831  1.00 17.23 ? 10  VAL A N   1 
ATOM   104  C CA  . VAL A 1 13  ? 2.034   -0.031  -1.118  1.00 14.93 ? 10  VAL A CA  1 
ATOM   105  C C   . VAL A 1 13  ? 1.184   -0.195  0.197   1.00 15.88 ? 10  VAL A C   1 
ATOM   106  O O   . VAL A 1 13  ? 0.085   -0.718  0.021   1.00 16.27 ? 10  VAL A O   1 
ATOM   107  C CB  . VAL A 1 13  ? 1.387   1.077   -1.959  1.00 17.45 ? 10  VAL A CB  1 
ATOM   108  C CG1 . VAL A 1 13  ? 1.424   2.443   -1.285  1.00 18.09 ? 10  VAL A CG1 1 
ATOM   109  C CG2 . VAL A 1 13  ? 2.047   1.245   -3.353  1.00 18.00 ? 10  VAL A CG2 1 
ATOM   110  N N   . GLN A 1 14  ? 1.766   0.190   1.310   1.00 14.52 ? 11  GLN A N   1 
ATOM   111  C CA  . GLN A 1 14  ? 0.998   0.028   2.590   1.00 18.23 ? 11  GLN A CA  1 
ATOM   112  C C   . GLN A 1 14  ? 1.013   1.390   3.212   1.00 15.30 ? 11  GLN A C   1 
ATOM   113  O O   . GLN A 1 14  ? 1.802   2.220   2.943   1.00 15.03 ? 11  GLN A O   1 
ATOM   114  C CB  . GLN A 1 14  ? 1.635   -0.950  3.573   1.00 18.88 ? 11  GLN A CB  1 
ATOM   115  C CG  . GLN A 1 14  ? 1.558   -2.373  2.970   1.00 19.26 ? 11  GLN A CG  1 
ATOM   116  C CD  . GLN A 1 14  ? 2.133   -3.330  3.968   1.00 23.73 ? 11  GLN A CD  1 
ATOM   117  O OE1 . GLN A 1 14  ? 1.618   -3.515  5.070   1.00 24.67 ? 11  GLN A OE1 1 
ATOM   118  N NE2 . GLN A 1 14  ? 3.349   -3.863  3.622   1.00 23.62 ? 11  GLN A NE2 1 
ATOM   119  N N   . GLN A 1 15  ? -0.030  1.639   4.063   1.00 16.69 ? 12  GLN A N   1 
ATOM   120  C CA  . GLN A 1 15  ? -0.204  3.044   4.485   1.00 16.79 ? 12  GLN A CA  1 
ATOM   121  C C   . GLN A 1 15  ? -0.360  3.096   6.042   1.00 11.51 ? 12  GLN A C   1 
ATOM   122  O O   . GLN A 1 15  ? -0.897  2.109   6.511   1.00 15.11 ? 12  GLN A O   1 
ATOM   123  C CB  . GLN A 1 15  ? -1.518  3.548   3.833   1.00 20.23 ? 12  GLN A CB  1 
ATOM   124  C CG  . GLN A 1 15  ? -1.803  4.998   4.104   1.00 29.27 ? 12  GLN A CG  1 
ATOM   125  C CD  . GLN A 1 15  ? -3.254  5.345   3.668   1.00 33.95 ? 12  GLN A CD  1 
ATOM   126  O OE1 . GLN A 1 15  ? -3.348  5.914   2.588   1.00 35.21 ? 12  GLN A OE1 1 
ATOM   127  N NE2 . GLN A 1 15  ? -4.228  4.949   4.488   1.00 34.25 ? 12  GLN A NE2 1 
ATOM   128  N N   . TRP A 1 16  ? 0.208   4.119   6.665   1.00 14.41 ? 13  TRP A N   1 
ATOM   129  C CA  . TRP A 1 16  ? -0.042  4.145   8.138   1.00 15.53 ? 13  TRP A CA  1 
ATOM   130  C C   . TRP A 1 16  ? -1.283  5.014   8.480   1.00 14.36 ? 13  TRP A C   1 
ATOM   131  O O   . TRP A 1 16  ? -1.243  6.157   8.130   1.00 16.98 ? 13  TRP A O   1 
ATOM   132  C CB  . TRP A 1 16  ? 1.227   4.651   8.808   1.00 14.86 ? 13  TRP A CB  1 
ATOM   133  C CG  . TRP A 1 16  ? 1.088   4.836   10.304  1.00 16.34 ? 13  TRP A CG  1 
ATOM   134  C CD1 . TRP A 1 16  ? 1.048   6.068   10.957  1.00 18.42 ? 13  TRP A CD1 1 
ATOM   135  C CD2 . TRP A 1 16  ? 0.897   3.792   11.228  1.00 18.00 ? 13  TRP A CD2 1 
ATOM   136  N NE1 . TRP A 1 16  ? 0.820   5.753   12.312  1.00 17.22 ? 13  TRP A NE1 1 
ATOM   137  C CE2 . TRP A 1 16  ? 0.720   4.437   12.525  1.00 17.76 ? 13  TRP A CE2 1 
ATOM   138  C CE3 . TRP A 1 16  ? 0.854   2.410   11.161  1.00 16.24 ? 13  TRP A CE3 1 
ATOM   139  C CZ2 . TRP A 1 16  ? 0.546   3.641   13.610  1.00 18.55 ? 13  TRP A CZ2 1 
ATOM   140  C CZ3 . TRP A 1 16  ? 0.669   1.611   12.299  1.00 18.40 ? 13  TRP A CZ3 1 
ATOM   141  C CH2 . TRP A 1 16  ? 0.471   2.290   13.552  1.00 20.78 ? 13  TRP A CH2 1 
ATOM   142  N N   . PRO A 1 17  ? -2.191  4.425   9.227   1.00 16.31 ? 14  PRO A N   1 
ATOM   143  C CA  . PRO A 1 17  ? -3.512  5.091   9.388   1.00 17.16 ? 14  PRO A CA  1 
ATOM   144  C C   . PRO A 1 17  ? -3.374  6.360   10.185  1.00 18.71 ? 14  PRO A C   1 
ATOM   145  O O   . PRO A 1 17  ? -4.092  7.361   9.982   1.00 22.33 ? 14  PRO A O   1 
ATOM   146  C CB  . PRO A 1 17  ? -4.356  4.042   10.089  1.00 18.12 ? 14  PRO A CB  1 
ATOM   147  C CG  . PRO A 1 17  ? -3.447  3.019   10.667  1.00 22.17 ? 14  PRO A CG  1 
ATOM   148  C CD  . PRO A 1 17  ? -2.275  3.058   9.655   1.00 17.26 ? 14  PRO A CD  1 
ATOM   149  N N   . GLY A 1 18  ? -2.431  6.430   11.143  1.00 19.74 ? 15  GLY A N   1 
ATOM   150  C CA  . GLY A 1 18  ? -2.224  7.645   11.948  1.00 17.60 ? 15  GLY A CA  1 
ATOM   151  C C   . GLY A 1 18  ? -1.779  8.747   11.077  1.00 19.17 ? 15  GLY A C   1 
ATOM   152  O O   . GLY A 1 18  ? -1.928  9.912   11.406  1.00 19.89 ? 15  GLY A O   1 
ATOM   153  N N   . SER A 1 19  ? -1.107  8.525   9.872   1.00 16.90 ? 16  SER A N   1 
ATOM   154  C CA  . SER A 1 19  ? -0.816  9.672   9.031   1.00 13.56 ? 16  SER A CA  1 
ATOM   155  C C   . SER A 1 19  ? -1.850  10.011  7.985   1.00 13.93 ? 16  SER A C   1 
ATOM   156  O O   . SER A 1 19  ? -1.753  11.000  7.258   1.00 18.56 ? 16  SER A O   1 
ATOM   157  C CB  . SER A 1 19  ? 0.463   9.172   8.200   1.00 18.31 ? 16  SER A CB  1 
ATOM   158  O OG  . SER A 1 19  ? 1.512   9.173   9.160   1.00 19.97 ? 16  SER A OG  1 
ATOM   159  N N   . TYR A 1 20  ? -2.890  9.185   7.935   1.00 19.24 ? 17  TYR A N   1 
ATOM   160  C CA  . TYR A 1 20  ? -4.138  9.525   7.244   1.00 23.07 ? 17  TYR A CA  1 
ATOM   161  C C   . TYR A 1 20  ? -5.108  10.373  8.168   1.00 22.99 ? 17  TYR A C   1 
ATOM   162  O O   . TYR A 1 20  ? -5.712  11.254  7.589   1.00 24.02 ? 17  TYR A O   1 
ATOM   163  C CB  . TYR A 1 20  ? -4.850  8.269   6.734   1.00 26.26 ? 17  TYR A CB  1 
ATOM   164  C CG  . TYR A 1 20  ? -5.880  8.581   5.645   1.00 31.35 ? 17  TYR A CG  1 
ATOM   165  C CD1 . TYR A 1 20  ? -5.531  8.636   4.308   1.00 34.90 ? 17  TYR A CD1 1 
ATOM   166  C CD2 . TYR A 1 20  ? -7.197  8.863   5.984   1.00 34.15 ? 17  TYR A CD2 1 
ATOM   167  C CE1 . TYR A 1 20  ? -6.457  8.934   3.321   1.00 37.77 ? 17  TYR A CE1 1 
ATOM   168  C CE2 . TYR A 1 20  ? -8.126  9.188   5.022   1.00 36.34 ? 17  TYR A CE2 1 
ATOM   169  C CZ  . TYR A 1 20  ? -7.771  9.236   3.705   1.00 38.21 ? 17  TYR A CZ  1 
ATOM   170  O OH  . TYR A 1 20  ? -8.668  9.526   2.699   1.00 40.93 ? 17  TYR A OH  1 
ATOM   171  N N   . CYS A 1 21  ? -5.012  10.082  9.448   1.00 22.50 ? 18  CYS A N   1 
ATOM   172  C CA  . CYS A 1 21  ? -6.007  10.792  10.329  1.00 23.68 ? 18  CYS A CA  1 
ATOM   173  C C   . CYS A 1 21  ? -5.421  11.933  11.119  1.00 25.02 ? 18  CYS A C   1 
ATOM   174  O O   . CYS A 1 21  ? -6.213  12.454  12.028  1.00 25.36 ? 18  CYS A O   1 
ATOM   175  C CB  . CYS A 1 21  ? -6.611  9.690   11.155  1.00 24.19 ? 18  CYS A CB  1 
ATOM   176  S SG  . CYS A 1 21  ? -7.683  8.503   10.295  1.00 25.94 ? 18  CYS A SG  1 
ATOM   177  N N   . ASP A 1 22  ? -4.293  12.538  10.811  1.00 22.35 ? 19  ASP A N   1 
ATOM   178  C CA  . ASP A 1 22  ? -3.781  13.736  11.493  1.00 19.59 ? 19  ASP A CA  1 
ATOM   179  C C   . ASP A 1 22  ? -3.588  14.899  10.573  1.00 20.65 ? 19  ASP A C   1 
ATOM   180  O O   . ASP A 1 22  ? -2.851  15.857  10.861  1.00 23.24 ? 19  ASP A O   1 
ATOM   181  C CB  . ASP A 1 22  ? -2.518  13.322  12.283  1.00 20.32 ? 19  ASP A CB  1 
ATOM   182  C CG  . ASP A 1 22  ? -1.295  13.049  11.380  1.00 23.69 ? 19  ASP A CG  1 
ATOM   183  O OD1 . ASP A 1 22  ? -1.506  12.980  10.147  1.00 22.24 ? 19  ASP A OD1 1 
ATOM   184  O OD2 . ASP A 1 22  ? -0.192  12.899  11.956  1.00 20.63 ? 19  ASP A OD2 1 
ATOM   185  N N   . THR A 1 23  ? -4.191  14.938  9.378   1.00 22.83 ? 20  THR A N   1 
ATOM   186  C CA  . THR A 1 23  ? -3.938  15.914  8.339   1.00 26.19 ? 20  THR A CA  1 
ATOM   187  C C   . THR A 1 23  ? -5.004  17.014  8.421   1.00 30.31 ? 20  THR A C   1 
ATOM   188  O O   . THR A 1 23  ? -5.859  16.961  9.312   1.00 29.06 ? 20  THR A O   1 
ATOM   189  C CB  . THR A 1 23  ? -4.063  15.331  6.872   1.00 26.44 ? 20  THR A CB  1 
ATOM   190  O OG1 . THR A 1 23  ? -5.361  14.938  6.571   1.00 25.61 ? 20  THR A OG1 1 
ATOM   191  C CG2 . THR A 1 23  ? -3.099  14.118  6.853   1.00 26.56 ? 20  THR A CG2 1 
ATOM   192  N N   . LYS A 1 24  ? -4.977  17.998  7.537   1.00 33.25 ? 21  LYS A N   1 
ATOM   193  C CA  . LYS A 1 24  ? -6.020  19.016  7.462   1.00 39.25 ? 21  LYS A CA  1 
ATOM   194  C C   . LYS A 1 24  ? -7.407  18.545  7.094   1.00 42.23 ? 21  LYS A C   1 
ATOM   195  O O   . LYS A 1 24  ? -8.353  19.343  7.203   1.00 46.45 ? 21  LYS A O   1 
ATOM   196  C CB  . LYS A 1 24  ? -5.616  20.134  6.494   1.00 39.58 ? 21  LYS A CB  1 
ATOM   197  C CG  . LYS A 1 24  ? -4.514  21.000  7.085   1.00 42.74 ? 21  LYS A CG  1 
ATOM   198  C CD  . LYS A 1 24  ? -4.163  22.171  6.204   1.00 43.54 ? 21  LYS A CD  1 
ATOM   199  C CE  . LYS A 1 24  ? -3.195  23.137  6.861   1.00 45.78 ? 21  LYS A CE  1 
ATOM   200  N NZ  . LYS A 1 24  ? -3.506  23.335  8.314   1.00 47.40 ? 21  LYS A NZ  1 
ATOM   201  N N   . GLN A 1 25  ? -7.568  17.351  6.547   1.00 43.60 ? 22  GLN A N   1 
ATOM   202  C CA  . GLN A 1 25  ? -8.877  16.797  6.274   1.00 46.12 ? 22  GLN A CA  1 
ATOM   203  C C   . GLN A 1 25  ? -9.334  15.801  7.328   1.00 45.19 ? 22  GLN A C   1 
ATOM   204  O O   . GLN A 1 25  ? -8.489  15.249  8.019   1.00 43.09 ? 22  GLN A O   1 
ATOM   205  C CB  . GLN A 1 25  ? -8.893  16.115  4.897   1.00 49.32 ? 22  GLN A CB  1 
ATOM   206  C CG  . GLN A 1 25  ? -7.764  15.115  4.692   1.00 54.98 ? 22  GLN A CG  1 
ATOM   207  C CD  . GLN A 1 25  ? -8.261  13.884  3.934   1.00 58.54 ? 22  GLN A CD  1 
ATOM   208  O OE1 . GLN A 1 25  ? -7.859  13.607  2.794   1.00 59.85 ? 22  GLN A OE1 1 
ATOM   209  N NE2 . GLN A 1 25  ? -9.154  13.182  4.637   1.00 59.28 ? 22  GLN A NE2 1 
ATOM   210  N N   . SER A 1 26  ? -10.645 15.603  7.481   1.00 43.54 ? 23  SER A N   1 
ATOM   211  C CA  . SER A 1 26  ? -11.121 14.544  8.373   1.00 42.43 ? 23  SER A CA  1 
ATOM   212  C C   . SER A 1 26  ? -10.954 13.212  7.642   1.00 40.08 ? 23  SER A C   1 
ATOM   213  O O   . SER A 1 26  ? -11.087 13.110  6.420   1.00 42.60 ? 23  SER A O   1 
ATOM   214  C CB  . SER A 1 26  ? -12.550 14.772  8.848   1.00 45.16 ? 23  SER A CB  1 
ATOM   215  O OG  . SER A 1 26  ? -12.963 13.925  9.909   1.00 44.74 ? 23  SER A OG  1 
ATOM   216  N N   . CYS A 1 27  ? -10.491 12.200  8.355   1.00 35.34 ? 24  CYS A N   1 
ATOM   217  C CA  . CYS A 1 27  ? -10.631 10.825  7.932   1.00 32.65 ? 24  CYS A CA  1 
ATOM   218  C C   . CYS A 1 27  ? -11.874 10.309  8.631   1.00 31.95 ? 24  CYS A C   1 
ATOM   219  O O   . CYS A 1 27  ? -12.322 10.899  9.628   1.00 32.18 ? 24  CYS A O   1 
ATOM   220  C CB  . CYS A 1 27  ? -9.411  10.005  8.361   1.00 29.75 ? 24  CYS A CB  1 
ATOM   221  S SG  . CYS A 1 27  ? -9.396  9.609   10.130  1.00 26.98 ? 24  CYS A SG  1 
ATOM   222  N N   . CYS A 1 28  ? -12.477 9.268   8.153   1.00 28.29 ? 25  CYS A N   1 
ATOM   223  C CA  . CYS A 1 28  ? -13.608 8.605   8.738   1.00 25.97 ? 25  CYS A CA  1 
ATOM   224  C C   . CYS A 1 28  ? -13.298 7.152   9.027   1.00 29.36 ? 25  CYS A C   1 
ATOM   225  O O   . CYS A 1 28  ? -12.555 6.557   8.215   1.00 32.10 ? 25  CYS A O   1 
ATOM   226  C CB  . CYS A 1 28  ? -14.790 8.619   7.744   1.00 28.34 ? 25  CYS A CB  1 
ATOM   227  S SG  . CYS A 1 28  ? -15.455 10.303  7.507   1.00 27.02 ? 25  CYS A SG  1 
ATOM   228  N N   . TYR A 1 29  ? -13.871 6.562   10.046  1.00 26.34 ? 26  TYR A N   1 
ATOM   229  C CA  . TYR A 1 29  ? -13.682 5.139   10.305  1.00 27.81 ? 26  TYR A CA  1 
ATOM   230  C C   . TYR A 1 29  ? -14.677 4.367   9.454   1.00 29.48 ? 26  TYR A C   1 
ATOM   231  O O   . TYR A 1 29  ? -15.725 4.916   9.068   1.00 28.49 ? 26  TYR A O   1 
ATOM   232  C CB  . TYR A 1 29  ? -13.814 4.930   11.797  1.00 29.11 ? 26  TYR A CB  1 
ATOM   233  C CG  . TYR A 1 29  ? -12.729 5.569   12.650  1.00 29.71 ? 26  TYR A CG  1 
ATOM   234  C CD1 . TYR A 1 29  ? -11.535 6.021   12.136  1.00 30.92 ? 26  TYR A CD1 1 
ATOM   235  C CD2 . TYR A 1 29  ? -12.931 5.668   14.021  1.00 32.50 ? 26  TYR A CD2 1 
ATOM   236  C CE1 . TYR A 1 29  ? -10.553 6.572   12.949  1.00 32.27 ? 26  TYR A CE1 1 
ATOM   237  C CE2 . TYR A 1 29  ? -11.976 6.227   14.855  1.00 31.42 ? 26  TYR A CE2 1 
ATOM   238  C CZ  . TYR A 1 29  ? -10.794 6.667   14.311  1.00 32.08 ? 26  TYR A CZ  1 
ATOM   239  O OH  . TYR A 1 29  ? -9.832  7.243   15.113  1.00 31.88 ? 26  TYR A OH  1 
ATOM   240  N N   . PRO A 1 30  ? -14.370 3.142   9.033   1.00 29.80 ? 27  PRO A N   1 
ATOM   241  C CA  . PRO A 1 30  ? -15.305 2.291   8.299   1.00 29.74 ? 27  PRO A CA  1 
ATOM   242  C C   . PRO A 1 30  ? -16.394 1.809   9.247   1.00 32.83 ? 27  PRO A C   1 
ATOM   243  O O   . PRO A 1 30  ? -16.250 1.913   10.469  1.00 31.84 ? 27  PRO A O   1 
ATOM   244  C CB  . PRO A 1 30  ? -14.465 1.090   7.878   1.00 28.36 ? 27  PRO A CB  1 
ATOM   245  C CG  . PRO A 1 30  ? -13.232 1.120   8.714   1.00 28.20 ? 27  PRO A CG  1 
ATOM   246  C CD  . PRO A 1 30  ? -13.060 2.494   9.279   1.00 27.57 ? 27  PRO A CD  1 
ATOM   247  N N   . THR A 1 31  ? -17.398 1.128   8.729   1.00 34.06 ? 28  THR A N   1 
ATOM   248  C CA  . THR A 1 31  ? -18.575 0.735   9.500   1.00 36.88 ? 28  THR A CA  1 
ATOM   249  C C   . THR A 1 31  ? -18.320 -0.469  10.394  1.00 37.97 ? 28  THR A C   1 
ATOM   250  O O   . THR A 1 31  ? -19.201 -0.921  11.122  1.00 40.43 ? 28  THR A O   1 
ATOM   251  C CB  . THR A 1 31  ? -19.717 0.283   8.559   1.00 38.09 ? 28  THR A CB  1 
ATOM   252  O OG1 . THR A 1 31  ? -19.389 -0.974  7.960   1.00 39.86 ? 28  THR A OG1 1 
ATOM   253  C CG2 . THR A 1 31  ? -19.927 1.319   7.484   1.00 35.51 ? 28  THR A CG2 1 
ATOM   254  N N   . THR A 1 32  ? -17.157 -1.123  10.221  1.00 38.10 ? 29  THR A N   1 
ATOM   255  C CA  . THR A 1 32  ? -16.849 -2.204  11.154  1.00 39.04 ? 29  THR A CA  1 
ATOM   256  C C   . THR A 1 32  ? -16.061 -1.703  12.355  1.00 38.61 ? 29  THR A C   1 
ATOM   257  O O   . THR A 1 32  ? -15.797 -2.561  13.206  1.00 40.14 ? 29  THR A O   1 
ATOM   258  C CB  . THR A 1 32  ? -16.147 -3.379  10.489  1.00 40.96 ? 29  THR A CB  1 
ATOM   259  O OG1 . THR A 1 32  ? -14.852 -2.934  10.054  1.00 40.85 ? 29  THR A OG1 1 
ATOM   260  C CG2 . THR A 1 32  ? -16.933 -3.859  9.280   1.00 41.12 ? 29  THR A CG2 1 
ATOM   261  N N   . GLY A 1 33  ? -15.644 -0.451  12.412  1.00 36.39 ? 30  GLY A N   1 
ATOM   262  C CA  . GLY A 1 33  ? -14.984 0.092   13.591  1.00 35.26 ? 30  GLY A CA  1 
ATOM   263  C C   . GLY A 1 33  ? -13.653 0.771   13.260  1.00 32.77 ? 30  GLY A C   1 
ATOM   264  O O   . GLY A 1 33  ? -13.179 0.705   12.120  1.00 28.15 ? 30  GLY A O   1 
ATOM   265  N N   . LYS A 1 34  ? -13.095 1.491   14.236  1.00 28.33 ? 31  LYS A N   1 
ATOM   266  C CA  . LYS A 1 34  ? -11.721 1.961   14.119  1.00 28.86 ? 31  LYS A CA  1 
ATOM   267  C C   . LYS A 1 34  ? -10.834 0.743   13.788  1.00 24.50 ? 31  LYS A C   1 
ATOM   268  O O   . LYS A 1 34  ? -10.871 -0.267  14.463  1.00 21.58 ? 31  LYS A O   1 
ATOM   269  C CB  . LYS A 1 34  ? -11.176 2.484   15.456  1.00 31.36 ? 31  LYS A CB  1 
ATOM   270  C CG  . LYS A 1 34  ? -9.930  3.358   15.416  1.00 33.83 ? 31  LYS A CG  1 
ATOM   271  C CD  . LYS A 1 34  ? -9.587  3.960   16.765  1.00 36.81 ? 31  LYS A CD  1 
ATOM   272  C CE  . LYS A 1 34  ? -8.315  4.776   16.879  1.00 40.75 ? 31  LYS A CE  1 
ATOM   273  N NZ  . LYS A 1 34  ? -7.695  4.748   18.253  1.00 42.56 ? 31  LYS A NZ  1 
ATOM   274  N N   . PRO A 1 35  ? -9.986  0.915   12.778  1.00 25.54 ? 32  PRO A N   1 
ATOM   275  C CA  . PRO A 1 35  ? -9.090  -0.205  12.419  1.00 24.13 ? 32  PRO A CA  1 
ATOM   276  C C   . PRO A 1 35  ? -8.022  -0.476  13.464  1.00 25.13 ? 32  PRO A C   1 
ATOM   277  O O   . PRO A 1 35  ? -7.616  0.420   14.196  1.00 22.72 ? 32  PRO A O   1 
ATOM   278  C CB  . PRO A 1 35  ? -8.426  0.325   11.146  1.00 26.64 ? 32  PRO A CB  1 
ATOM   279  C CG  . PRO A 1 35  ? -9.239  1.450   10.648  1.00 25.91 ? 32  PRO A CG  1 
ATOM   280  C CD  . PRO A 1 35  ? -9.911  2.052   11.852  1.00 23.92 ? 32  PRO A CD  1 
ATOM   281  N N   . ALA A 1 36  ? -7.451  -1.670  13.488  1.00 26.58 ? 33  ALA A N   1 
ATOM   282  C CA  . ALA A 1 36  ? -6.287  -1.979  14.335  1.00 25.42 ? 33  ALA A CA  1 
ATOM   283  C C   . ALA A 1 36  ? -5.169  -1.016  14.056  1.00 24.09 ? 33  ALA A C   1 
ATOM   284  O O   . ALA A 1 36  ? -5.082  -0.490  12.932  1.00 24.78 ? 33  ALA A O   1 
ATOM   285  C CB  . ALA A 1 36  ? -5.822  -3.404  14.035  1.00 28.31 ? 33  ALA A CB  1 
ATOM   286  N N   . ALA A 1 37  ? -4.270  -0.720  14.965  1.00 21.52 ? 34  ALA A N   1 
ATOM   287  C CA  . ALA A 1 37  ? -3.184  0.214   14.766  1.00 23.14 ? 34  ALA A CA  1 
ATOM   288  C C   . ALA A 1 37  ? -1.959  -0.467  14.138  1.00 22.91 ? 34  ALA A C   1 
ATOM   289  O O   . ALA A 1 37  ? -0.984  -0.896  14.724  1.00 20.48 ? 34  ALA A O   1 
ATOM   290  C CB  . ALA A 1 37  ? -2.708  0.754   16.132  1.00 23.95 ? 34  ALA A CB  1 
ATOM   291  N N   . ASP A 1 38  ? -2.099  -0.562  12.808  1.00 20.19 ? 35  ASP A N   1 
ATOM   292  C CA  . ASP A 1 38  ? -1.218  -1.349  11.958  1.00 21.09 ? 35  ASP A CA  1 
ATOM   293  C C   . ASP A 1 38  ? -1.227  -0.776  10.543  1.00 21.04 ? 35  ASP A C   1 
ATOM   294  O O   . ASP A 1 38  ? -2.084  0.031   10.228  1.00 18.40 ? 35  ASP A O   1 
ATOM   295  C CB  . ASP A 1 38  ? -1.705  -2.792  11.917  1.00 21.85 ? 35  ASP A CB  1 
ATOM   296  C CG  . ASP A 1 38  ? -0.678  -3.793  11.412  1.00 27.48 ? 35  ASP A CG  1 
ATOM   297  O OD1 . ASP A 1 38  ? 0.465   -3.416  11.141  1.00 25.66 ? 35  ASP A OD1 1 
ATOM   298  O OD2 . ASP A 1 38  ? -1.107  -4.968  11.267  1.00 32.09 ? 35  ASP A OD2 1 
ATOM   299  N N   . PHE A 1 39  ? -0.164  -1.017  9.767   1.00 18.31 ? 36  PHE A N   1 
ATOM   300  C CA  . PHE A 1 39  ? -0.257  -0.616  8.357   1.00 17.28 ? 36  PHE A CA  1 
ATOM   301  C C   . PHE A 1 39  ? -1.393  -1.385  7.656   1.00 12.85 ? 36  PHE A C   1 
ATOM   302  O O   . PHE A 1 39  ? -1.643  -2.513  8.042   1.00 17.71 ? 36  PHE A O   1 
ATOM   303  C CB  . PHE A 1 39  ? 1.108   -0.984  7.706   1.00 15.54 ? 36  PHE A CB  1 
ATOM   304  C CG  . PHE A 1 39  ? 2.181   -0.018  8.024   1.00 15.14 ? 36  PHE A CG  1 
ATOM   305  C CD1 . PHE A 1 39  ? 2.919   -0.231  9.212   1.00 19.12 ? 36  PHE A CD1 1 
ATOM   306  C CD2 . PHE A 1 39  ? 2.553   1.095   7.314   1.00 13.82 ? 36  PHE A CD2 1 
ATOM   307  C CE1 . PHE A 1 39  ? 3.957   0.619   9.601   1.00 18.63 ? 36  PHE A CE1 1 
ATOM   308  C CE2 . PHE A 1 39  ? 3.566   1.933   7.683   1.00 15.30 ? 36  PHE A CE2 1 
ATOM   309  C CZ  . PHE A 1 39  ? 4.295   1.702   8.838   1.00 17.42 ? 36  PHE A CZ  1 
ATOM   310  N N   . GLY A 1 40  ? -1.962  -0.612  6.720   1.00 16.60 ? 37  GLY A N   1 
ATOM   311  C CA  . GLY A 1 40  ? -2.974  -1.331  5.921   1.00 17.40 ? 37  GLY A CA  1 
ATOM   312  C C   . GLY A 1 40  ? -2.526  -1.288  4.440   1.00 14.41 ? 37  GLY A C   1 
ATOM   313  O O   . GLY A 1 40  ? -1.758  -0.421  4.114   1.00 17.10 ? 37  GLY A O   1 
ATOM   314  N N   . ILE A 1 41  ? -3.068  -2.209  3.670   1.00 17.97 ? 38  ILE A N   1 
ATOM   315  C CA  . ILE A 1 41  ? -2.879  -2.114  2.199   1.00 17.61 ? 38  ILE A CA  1 
ATOM   316  C C   . ILE A 1 41  ? -3.501  -0.879  1.633   1.00 19.00 ? 38  ILE A C   1 
ATOM   317  O O   . ILE A 1 41  ? -4.671  -0.583  2.004   1.00 18.47 ? 38  ILE A O   1 
ATOM   318  C CB  . ILE A 1 41  ? -3.351  -3.365  1.463   1.00 20.70 ? 38  ILE A CB  1 
ATOM   319  C CG1 . ILE A 1 41  ? -2.559  -4.585  1.956   1.00 23.88 ? 38  ILE A CG1 1 
ATOM   320  C CG2 . ILE A 1 41  ? -3.288  -3.154  -0.063  1.00 18.08 ? 38  ILE A CG2 1 
ATOM   321  C CD1 . ILE A 1 41  ? -3.520  -5.762  2.074   1.00 25.02 ? 38  ILE A CD1 1 
ATOM   322  N N   . HIS A 1 42  ? -2.706  -0.178  0.823   1.00 17.33 ? 39  HIS A N   1 
ATOM   323  C CA  . HIS A 1 42  ? -3.272  0.833   -0.063  1.00 17.26 ? 39  HIS A CA  1 
ATOM   324  C C   . HIS A 1 42  ? -3.568  0.212   -1.440  1.00 19.87 ? 39  HIS A C   1 
ATOM   325  O O   . HIS A 1 42  ? -4.689  0.199   -1.950  1.00 20.08 ? 39  HIS A O   1 
ATOM   326  C CB  . HIS A 1 42  ? -2.409  2.062   -0.174  1.00 19.76 ? 39  HIS A CB  1 
ATOM   327  C CG  . HIS A 1 42  ? -3.054  3.176   -0.950  1.00 25.05 ? 39  HIS A CG  1 
ATOM   328  N ND1 . HIS A 1 42  ? -2.664  4.473   -0.947  1.00 28.24 ? 39  HIS A ND1 1 
ATOM   329  C CD2 . HIS A 1 42  ? -4.186  3.175   -1.717  1.00 28.64 ? 39  HIS A CD2 1 
ATOM   330  C CE1 . HIS A 1 42  ? -3.452  5.241   -1.666  1.00 27.84 ? 39  HIS A CE1 1 
ATOM   331  N NE2 . HIS A 1 42  ? -4.385  4.452   -2.147  1.00 29.08 ? 39  HIS A NE2 1 
ATOM   332  N N   . GLY A 1 43  ? -2.511  -0.426  -2.035  1.00 18.86 ? 40  GLY A N   1 
ATOM   333  C CA  . GLY A 1 43  ? -2.842  -1.124  -3.276  1.00 17.52 ? 40  GLY A CA  1 
ATOM   334  C C   . GLY A 1 43  ? -1.585  -1.896  -3.858  1.00 16.02 ? 40  GLY A C   1 
ATOM   335  O O   . GLY A 1 43  ? -0.526  -1.825  -3.251  1.00 16.84 ? 40  GLY A O   1 
ATOM   336  N N   . LEU A 1 44  ? -2.014  -2.559  -4.947  1.00 17.25 ? 41  LEU A N   1 
ATOM   337  C CA  . LEU A 1 44  ? -0.896  -3.371  -5.619  1.00 17.68 ? 41  LEU A CA  1 
ATOM   338  C C   . LEU A 1 44  ? -0.907  -2.913  -7.057  1.00 15.84 ? 41  LEU A C   1 
ATOM   339  O O   . LEU A 1 44  ? -1.937  -3.091  -7.719  1.00 18.80 ? 41  LEU A O   1 
ATOM   340  C CB  . LEU A 1 44  ? -1.266  -4.839  -5.491  1.00 18.75 ? 41  LEU A CB  1 
ATOM   341  C CG  . LEU A 1 44  ? -0.316  -5.814  -6.221  1.00 22.07 ? 41  LEU A CG  1 
ATOM   342  C CD1 . LEU A 1 44  ? 1.104   -5.646  -5.683  1.00 20.28 ? 41  LEU A CD1 1 
ATOM   343  C CD2 . LEU A 1 44  ? -0.862  -7.229  -6.149  1.00 23.59 ? 41  LEU A CD2 1 
ATOM   344  N N   . TRP A 1 45  ? -0.001  -2.115  -7.499  1.00 16.59 ? 42  TRP A N   1 
ATOM   345  C CA  . TRP A 1 45  ? -0.082  -1.297  -8.688  1.00 19.05 ? 42  TRP A CA  1 
ATOM   346  C C   . TRP A 1 45  ? 0.943   -1.756  -9.768  1.00 20.67 ? 42  TRP A C   1 
ATOM   347  O O   . TRP A 1 45  ? 2.141   -1.617  -9.590  1.00 18.80 ? 42  TRP A O   1 
ATOM   348  C CB  . TRP A 1 45  ? 0.162   0.181   -8.413  1.00 19.82 ? 42  TRP A CB  1 
ATOM   349  C CG  . TRP A 1 45  ? -0.762  0.797   -7.359  1.00 18.69 ? 42  TRP A CG  1 
ATOM   350  C CD1 . TRP A 1 45  ? -1.985  0.337   -6.986  1.00 19.53 ? 42  TRP A CD1 1 
ATOM   351  C CD2 . TRP A 1 45  ? -0.488  1.951   -6.594  1.00 19.99 ? 42  TRP A CD2 1 
ATOM   352  N NE1 . TRP A 1 45  ? -2.497  1.190   -6.028  1.00 20.60 ? 42  TRP A NE1 1 
ATOM   353  C CE2 . TRP A 1 45  ? -1.618  2.166   -5.740  1.00 18.74 ? 42  TRP A CE2 1 
ATOM   354  C CE3 . TRP A 1 45  ? 0.571   2.823   -6.456  1.00 17.59 ? 42  TRP A CE3 1 
ATOM   355  C CZ2 . TRP A 1 45  ? -1.632  3.237   -4.820  1.00 21.52 ? 42  TRP A CZ2 1 
ATOM   356  C CZ3 . TRP A 1 45  ? 0.593   3.871   -5.604  1.00 24.37 ? 42  TRP A CZ3 1 
ATOM   357  C CH2 . TRP A 1 45  ? -0.547  4.067   -4.771  1.00 23.02 ? 42  TRP A CH2 1 
ATOM   358  N N   . PRO A 1 46  ? 0.380   -2.194  -10.906 1.00 21.63 ? 43  PRO A N   1 
ATOM   359  C CA  . PRO A 1 46  ? 1.234   -2.465  -12.085 1.00 19.89 ? 43  PRO A CA  1 
ATOM   360  C C   . PRO A 1 46  ? 1.931   -1.223  -12.474 1.00 19.60 ? 43  PRO A C   1 
ATOM   361  O O   . PRO A 1 46  ? 1.326   -0.123  -12.556 1.00 17.61 ? 43  PRO A O   1 
ATOM   362  C CB  . PRO A 1 46  ? 0.215   -2.889  -13.174 1.00 20.05 ? 43  PRO A CB  1 
ATOM   363  C CG  . PRO A 1 46  ? -0.918  -3.499  -12.401 1.00 22.51 ? 43  PRO A CG  1 
ATOM   364  C CD  . PRO A 1 46  ? -1.004  -2.548  -11.180 1.00 18.90 ? 43  PRO A CD  1 
ATOM   365  N N   . ASN A 1 47  ? 3.238   -1.306  -12.885 1.00 18.78 ? 44  ASN A N   1 
ATOM   366  C CA  . ASN A 1 47  ? 4.012   -0.152  -13.205 1.00 17.19 ? 44  ASN A CA  1 
ATOM   367  C C   . ASN A 1 47  ? 5.204   -0.675  -14.301 1.00 15.45 ? 44  ASN A C   1 
ATOM   368  O O   . ASN A 1 47  ? 5.277   -1.864  -14.325 1.00 19.45 ? 44  ASN A O   1 
ATOM   369  C CB  . ASN A 1 47  ? 4.649   0.567   -12.054 1.00 21.61 ? 44  ASN A CB  1 
ATOM   370  C CG  . ASN A 1 47  ? 5.021   2.023   -12.144 1.00 26.51 ? 44  ASN A CG  1 
ATOM   371  O OD1 . ASN A 1 47  ? 4.162   2.778   -11.575 1.00 24.88 ? 44  ASN A OD1 1 
ATOM   372  N ND2 . ASN A 1 47  ? 6.110   2.575   -12.678 1.00 24.76 ? 44  ASN A ND2 1 
ATOM   373  N N   . ASN A 1 48  ? 5.537   0.497   -14.831 1.00 20.79 ? 45  ASN A N   1 
ATOM   374  C CA  . ASN A 1 48  ? 6.588   0.197   -15.904 1.00 24.12 ? 45  ASN A CA  1 
ATOM   375  C C   . ASN A 1 48  ? 7.911   0.831   -15.562 1.00 25.87 ? 45  ASN A C   1 
ATOM   376  O O   . ASN A 1 48  ? 8.068   1.722   -14.726 1.00 25.20 ? 45  ASN A O   1 
ATOM   377  C CB  . ASN A 1 48  ? 6.178   0.896   -17.189 1.00 25.17 ? 45  ASN A CB  1 
ATOM   378  C CG  . ASN A 1 48  ? 4.882   0.408   -17.778 1.00 23.10 ? 45  ASN A CG  1 
ATOM   379  O OD1 . ASN A 1 48  ? 4.162   1.227   -18.354 1.00 30.76 ? 45  ASN A OD1 1 
ATOM   380  N ND2 . ASN A 1 48  ? 4.458   -0.828  -17.578 1.00 21.89 ? 45  ASN A ND2 1 
ATOM   381  N N   . ASN A 1 49  ? 8.928   0.477   -16.415 1.00 26.73 ? 46  ASN A N   1 
ATOM   382  C CA  . ASN A 1 49  ? 10.311  0.807   -16.021 1.00 29.06 ? 46  ASN A CA  1 
ATOM   383  C C   . ASN A 1 49  ? 10.751  2.187   -16.441 1.00 31.26 ? 46  ASN A C   1 
ATOM   384  O O   . ASN A 1 49  ? 11.852  2.614   -16.030 1.00 34.95 ? 46  ASN A O   1 
ATOM   385  C CB  . ASN A 1 49  ? 11.236  -0.346  -16.486 1.00 30.83 ? 46  ASN A CB  1 
ATOM   386  C CG  . ASN A 1 49  ? 11.300  -0.491  -17.993 1.00 34.36 ? 46  ASN A CG  1 
ATOM   387  O OD1 . ASN A 1 49  ? 10.845  0.375   -18.751 1.00 34.08 ? 46  ASN A OD1 1 
ATOM   388  N ND2 . ASN A 1 49  ? 11.838  -1.599  -18.522 1.00 31.62 ? 46  ASN A ND2 1 
ATOM   389  N N   . ASP A 1 50  ? 9.872   2.937   -17.074 1.00 30.89 ? 47  ASP A N   1 
ATOM   390  C CA  . ASP A 1 50  ? 10.092  4.339   -17.339 1.00 33.22 ? 47  ASP A CA  1 
ATOM   391  C C   . ASP A 1 50  ? 9.319   5.274   -16.417 1.00 34.55 ? 47  ASP A C   1 
ATOM   392  O O   . ASP A 1 50  ? 9.273   6.462   -16.744 1.00 35.06 ? 47  ASP A O   1 
ATOM   393  C CB  . ASP A 1 50  ? 9.694   4.670   -18.778 1.00 35.07 ? 47  ASP A CB  1 
ATOM   394  C CG  . ASP A 1 50  ? 8.283   4.375   -19.219 1.00 38.08 ? 47  ASP A CG  1 
ATOM   395  O OD1 . ASP A 1 50  ? 7.826   4.661   -20.366 1.00 39.66 ? 47  ASP A OD1 1 
ATOM   396  O OD2 . ASP A 1 50  ? 7.503   3.810   -18.414 1.00 35.14 ? 47  ASP A OD2 1 
ATOM   397  N N   . GLY A 1 51  ? 8.696   4.797   -15.350 1.00 33.75 ? 48  GLY A N   1 
ATOM   398  C CA  . GLY A 1 51  ? 7.981   5.691   -14.448 1.00 35.57 ? 48  GLY A CA  1 
ATOM   399  C C   . GLY A 1 51  ? 6.529   5.917   -14.912 1.00 36.51 ? 48  GLY A C   1 
ATOM   400  O O   . GLY A 1 51  ? 5.898   6.748   -14.237 1.00 36.03 ? 48  GLY A O   1 
ATOM   401  N N   . THR A 1 52  ? 6.037   5.279   -15.960 1.00 33.85 ? 49  THR A N   1 
ATOM   402  C CA  . THR A 1 52  ? 4.634   5.315   -16.347 1.00 34.24 ? 49  THR A CA  1 
ATOM   403  C C   . THR A 1 52  ? 3.915   4.054   -15.866 1.00 31.28 ? 49  THR A C   1 
ATOM   404  O O   . THR A 1 52  ? 4.570   3.107   -15.410 1.00 30.80 ? 49  THR A O   1 
ATOM   405  C CB  . THR A 1 52  ? 4.399   5.435   -17.868 1.00 35.83 ? 49  THR A CB  1 
ATOM   406  O OG1 . THR A 1 52  ? 4.592   4.164   -18.503 1.00 36.04 ? 49  THR A OG1 1 
ATOM   407  C CG2 . THR A 1 52  ? 5.365   6.439   -18.478 1.00 35.92 ? 49  THR A CG2 1 
ATOM   408  N N   . TYR A 1 53  ? 2.582   4.032   -15.921 1.00 29.01 ? 50  TYR A N   1 
ATOM   409  C CA  . TYR A 1 53  ? 1.866   2.840   -15.484 1.00 29.13 ? 50  TYR A CA  1 
ATOM   410  C C   . TYR A 1 53  ? 0.535   2.688   -16.212 1.00 27.99 ? 50  TYR A C   1 
ATOM   411  O O   . TYR A 1 53  ? 0.051   3.758   -16.569 1.00 27.70 ? 50  TYR A O   1 
ATOM   412  C CB  . TYR A 1 53  ? 1.600   3.002   -13.984 1.00 31.25 ? 50  TYR A CB  1 
ATOM   413  C CG  . TYR A 1 53  ? 0.867   4.231   -13.507 1.00 32.59 ? 50  TYR A CG  1 
ATOM   414  C CD1 . TYR A 1 53  ? -0.512  4.238   -13.326 1.00 35.51 ? 50  TYR A CD1 1 
ATOM   415  C CD2 . TYR A 1 53  ? 1.569   5.392   -13.239 1.00 33.14 ? 50  TYR A CD2 1 
ATOM   416  C CE1 . TYR A 1 53  ? -1.168  5.376   -12.869 1.00 36.79 ? 50  TYR A CE1 1 
ATOM   417  C CE2 . TYR A 1 53  ? 0.941   6.545   -12.810 1.00 37.89 ? 50  TYR A CE2 1 
ATOM   418  C CZ  . TYR A 1 53  ? -0.432  6.509   -12.617 1.00 38.92 ? 50  TYR A CZ  1 
ATOM   419  O OH  . TYR A 1 53  ? -1.047  7.660   -12.170 1.00 42.19 ? 50  TYR A OH  1 
ATOM   420  N N   . PRO A 1 54  ? 0.045   1.474   -16.333 1.00 29.58 ? 51  PRO A N   1 
ATOM   421  C CA  . PRO A 1 54  ? -1.231  1.221   -16.993 1.00 30.62 ? 51  PRO A CA  1 
ATOM   422  C C   . PRO A 1 54  ? -2.370  1.503   -16.009 1.00 32.82 ? 51  PRO A C   1 
ATOM   423  O O   . PRO A 1 54  ? -2.108  1.321   -14.818 1.00 30.79 ? 51  PRO A O   1 
ATOM   424  C CB  . PRO A 1 54  ? -1.135  -0.247  -17.388 1.00 31.89 ? 51  PRO A CB  1 
ATOM   425  C CG  . PRO A 1 54  ? -0.149  -0.834  -16.416 1.00 31.04 ? 51  PRO A CG  1 
ATOM   426  C CD  . PRO A 1 54  ? 0.915   0.245   -16.345 1.00 30.87 ? 51  PRO A CD  1 
ATOM   427  N N   . SER A 1 55  ? -3.602  1.821   -16.368 1.00 34.06 ? 52  SER A N   1 
ATOM   428  C CA  . SER A 1 55  ? -4.652  2.279   -15.420 1.00 33.25 ? 52  SER A CA  1 
ATOM   429  C C   . SER A 1 55  ? -6.013  2.160   -16.107 1.00 34.16 ? 52  SER A C   1 
ATOM   430  O O   . SER A 1 55  ? -6.031  2.152   -17.351 1.00 34.78 ? 52  SER A O   1 
ATOM   431  C CB  . SER A 1 55  ? -4.406  3.679   -14.892 1.00 33.86 ? 52  SER A CB  1 
ATOM   432  O OG  . SER A 1 55  ? -4.616  4.676   -15.872 1.00 36.20 ? 52  SER A OG  1 
ATOM   433  N N   . ASN A 1 56  ? -7.079  1.823   -15.424 1.00 31.58 ? 53  ASN A N   1 
ATOM   434  C CA  . ASN A 1 56  ? -8.376  1.701   -16.061 1.00 32.04 ? 53  ASN A CA  1 
ATOM   435  C C   . ASN A 1 56  ? -8.281  0.840   -17.323 1.00 31.98 ? 53  ASN A C   1 
ATOM   436  O O   . ASN A 1 56  ? -8.826  1.314   -18.326 1.00 32.38 ? 53  ASN A O   1 
ATOM   437  C CB  . ASN A 1 56  ? -8.917  3.084   -16.451 1.00 31.25 ? 53  ASN A CB  1 
ATOM   438  C CG  . ASN A 1 56  ? -8.847  4.090   -15.315 1.00 34.76 ? 53  ASN A CG  1 
ATOM   439  O OD1 . ASN A 1 56  ? -8.295  5.174   -15.493 1.00 39.45 ? 53  ASN A OD1 1 
ATOM   440  N ND2 . ASN A 1 56  ? -9.357  3.678   -14.174 1.00 33.73 ? 53  ASN A ND2 1 
ATOM   441  N N   . CYS A 1 57  ? -7.817  -0.391  -17.266 1.00 30.89 ? 54  CYS A N   1 
ATOM   442  C CA  . CYS A 1 57  ? -7.526  -1.190  -18.449 1.00 30.95 ? 54  CYS A CA  1 
ATOM   443  C C   . CYS A 1 57  ? -8.638  -2.053  -18.999 1.00 31.52 ? 54  CYS A C   1 
ATOM   444  O O   . CYS A 1 57  ? -8.502  -2.638  -20.094 1.00 30.32 ? 54  CYS A O   1 
ATOM   445  C CB  . CYS A 1 57  ? -6.333  -2.128  -18.119 1.00 28.71 ? 54  CYS A CB  1 
ATOM   446  S SG  . CYS A 1 57  ? -4.771  -1.257  -17.940 1.00 26.66 ? 54  CYS A SG  1 
ATOM   447  N N   . ASP A 1 58  ? -9.726  -2.264  -18.273 1.00 30.62 ? 55  ASP A N   1 
ATOM   448  C CA  . ASP A 1 58  ? -10.807 -3.150  -18.636 1.00 31.26 ? 55  ASP A CA  1 
ATOM   449  C C   . ASP A 1 58  ? -12.140 -2.702  -18.019 1.00 33.36 ? 55  ASP A C   1 
ATOM   450  O O   . ASP A 1 58  ? -12.668 -3.282  -17.065 1.00 32.36 ? 55  ASP A O   1 
ATOM   451  C CB  . ASP A 1 58  ? -10.523 -4.578  -18.211 1.00 31.97 ? 55  ASP A CB  1 
ATOM   452  C CG  . ASP A 1 58  ? -11.545 -5.560  -18.779 1.00 32.85 ? 55  ASP A CG  1 
ATOM   453  O OD1 . ASP A 1 58  ? -12.443 -5.028  -19.450 1.00 32.66 ? 55  ASP A OD1 1 
ATOM   454  O OD2 . ASP A 1 58  ? -11.409 -6.765  -18.503 1.00 34.06 ? 55  ASP A OD2 1 
ATOM   455  N N   . PRO A 1 59  ? -12.767 -1.725  -18.631 1.00 34.62 ? 56  PRO A N   1 
ATOM   456  C CA  . PRO A 1 59  ? -14.079 -1.231  -18.220 1.00 37.00 ? 56  PRO A CA  1 
ATOM   457  C C   . PRO A 1 59  ? -15.184 -2.231  -18.458 1.00 37.50 ? 56  PRO A C   1 
ATOM   458  O O   . PRO A 1 59  ? -16.266 -2.121  -17.852 1.00 40.12 ? 56  PRO A O   1 
ATOM   459  C CB  . PRO A 1 59  ? -14.299 0.046   -19.024 1.00 37.09 ? 56  PRO A CB  1 
ATOM   460  C CG  . PRO A 1 59  ? -13.535 -0.233  -20.279 1.00 38.35 ? 56  PRO A CG  1 
ATOM   461  C CD  . PRO A 1 59  ? -12.302 -0.996  -19.840 1.00 36.71 ? 56  PRO A CD  1 
ATOM   462  N N   . ASN A 1 60  ? -14.977 -3.297  -19.208 1.00 36.17 ? 57  ASN A N   1 
ATOM   463  C CA  . ASN A 1 60  ? -15.919 -4.394  -19.268 1.00 38.78 ? 57  ASN A CA  1 
ATOM   464  C C   . ASN A 1 60  ? -15.629 -5.474  -18.259 1.00 37.29 ? 57  ASN A C   1 
ATOM   465  O O   . ASN A 1 60  ? -15.970 -6.649  -18.411 1.00 40.29 ? 57  ASN A O   1 
ATOM   466  C CB  . ASN A 1 60  ? -15.997 -4.907  -20.724 1.00 42.25 ? 57  ASN A CB  1 
ATOM   467  C CG  . ASN A 1 60  ? -16.665 -3.819  -21.568 1.00 44.75 ? 57  ASN A CG  1 
ATOM   468  O OD1 . ASN A 1 60  ? -17.870 -3.597  -21.429 1.00 47.02 ? 57  ASN A OD1 1 
ATOM   469  N ND2 . ASN A 1 60  ? -15.915 -3.116  -22.407 1.00 46.20 ? 57  ASN A ND2 1 
ATOM   470  N N   . SER A 1 61  ? -14.929 -5.139  -17.134 1.00 32.98 ? 58  SER A N   1 
ATOM   471  C CA  . SER A 1 61  ? -14.948 -6.071  -16.017 1.00 32.90 ? 58  SER A CA  1 
ATOM   472  C C   . SER A 1 61  ? -14.999 -5.350  -14.671 1.00 32.03 ? 58  SER A C   1 
ATOM   473  O O   . SER A 1 61  ? -14.046 -5.322  -13.899 1.00 31.56 ? 58  SER A O   1 
ATOM   474  C CB  . SER A 1 61  ? -13.665 -6.918  -16.083 1.00 35.34 ? 58  SER A CB  1 
ATOM   475  O OG  . SER A 1 61  ? -13.514 -7.670  -14.903 1.00 40.53 ? 58  SER A OG  1 
ATOM   476  N N   . PRO A 1 62  ? -16.157 -4.733  -14.415 1.00 30.22 ? 59  PRO A N   1 
ATOM   477  C CA  . PRO A 1 62  ? -16.306 -4.016  -13.153 1.00 26.21 ? 59  PRO A CA  1 
ATOM   478  C C   . PRO A 1 62  ? -16.192 -4.919  -11.952 1.00 22.09 ? 59  PRO A C   1 
ATOM   479  O O   . PRO A 1 62  ? -16.358 -6.130  -11.886 1.00 24.33 ? 59  PRO A O   1 
ATOM   480  C CB  . PRO A 1 62  ? -17.706 -3.428  -13.245 1.00 28.36 ? 59  PRO A CB  1 
ATOM   481  C CG  . PRO A 1 62  ? -18.445 -4.353  -14.152 1.00 29.88 ? 59  PRO A CG  1 
ATOM   482  C CD  . PRO A 1 62  ? -17.441 -4.860  -15.158 1.00 30.27 ? 59  PRO A CD  1 
ATOM   483  N N   . TYR A 1 63  ? -15.838 -4.238  -10.856 1.00 20.28 ? 60  TYR A N   1 
ATOM   484  C CA  . TYR A 1 63  ? -15.578 -4.956  -9.615  1.00 19.34 ? 60  TYR A CA  1 
ATOM   485  C C   . TYR A 1 63  ? -16.793 -5.744  -9.175  1.00 20.46 ? 60  TYR A C   1 
ATOM   486  O O   . TYR A 1 63  ? -17.863 -5.166  -9.260  1.00 20.25 ? 60  TYR A O   1 
ATOM   487  C CB  . TYR A 1 63  ? -15.222 -3.966  -8.515  1.00 20.80 ? 60  TYR A CB  1 
ATOM   488  C CG  . TYR A 1 63  ? -15.296 -4.400  -7.091  1.00 20.29 ? 60  TYR A CG  1 
ATOM   489  C CD1 . TYR A 1 63  ? -14.221 -5.117  -6.564  1.00 20.24 ? 60  TYR A CD1 1 
ATOM   490  C CD2 . TYR A 1 63  ? -16.303 -4.071  -6.189  1.00 22.89 ? 60  TYR A CD2 1 
ATOM   491  C CE1 . TYR A 1 63  ? -14.130 -5.505  -5.256  1.00 21.32 ? 60  TYR A CE1 1 
ATOM   492  C CE2 . TYR A 1 63  ? -16.230 -4.469  -4.863  1.00 21.75 ? 60  TYR A CE2 1 
ATOM   493  C CZ  . TYR A 1 63  ? -15.146 -5.188  -4.372  1.00 22.59 ? 60  TYR A CZ  1 
ATOM   494  O OH  . TYR A 1 63  ? -15.037 -5.631  -3.087  1.00 22.41 ? 60  TYR A OH  1 
ATOM   495  N N   . ASP A 1 64  ? -16.595 -6.952  -8.705  1.00 18.26 ? 61  ASP A N   1 
ATOM   496  C CA  . ASP A 1 64  ? -17.684 -7.811  -8.309  1.00 21.68 ? 61  ASP A CA  1 
ATOM   497  C C   . ASP A 1 64  ? -17.312 -8.531  -7.021  1.00 20.75 ? 61  ASP A C   1 
ATOM   498  O O   . ASP A 1 64  ? -16.742 -9.598  -6.988  1.00 21.74 ? 61  ASP A O   1 
ATOM   499  C CB  . ASP A 1 64  ? -18.160 -8.803  -9.336  1.00 22.94 ? 61  ASP A CB  1 
ATOM   500  C CG  . ASP A 1 64  ? -19.421 -9.558  -9.034  1.00 26.85 ? 61  ASP A CG  1 
ATOM   501  O OD1 . ASP A 1 64  ? -20.143 -10.001 -9.947  1.00 28.03 ? 61  ASP A OD1 1 
ATOM   502  O OD2 . ASP A 1 64  ? -19.767 -9.757  -7.874  1.00 26.13 ? 61  ASP A OD2 1 
ATOM   503  N N   . GLN A 1 65  ? -17.971 -8.003  -5.906  1.00 20.39 ? 62  GLN A N   1 
ATOM   504  C CA  . GLN A 1 65  ? -17.623 -8.556  -4.604  1.00 18.47 ? 62  GLN A CA  1 
ATOM   505  C C   . GLN A 1 65  ? -18.035 -9.945  -4.366  1.00 19.49 ? 62  GLN A C   1 
ATOM   506  O O   . GLN A 1 65  ? -17.479 -10.600 -3.492  1.00 21.35 ? 62  GLN A O   1 
ATOM   507  C CB  . GLN A 1 65  ? -18.267 -7.603  -3.507  1.00 18.80 ? 62  GLN A CB  1 
ATOM   508  C CG  . GLN A 1 65  ? -17.621 -7.889  -2.155  1.00 19.30 ? 62  GLN A CG  1 
ATOM   509  C CD  . GLN A 1 65  ? -17.726 -6.708  -1.188  1.00 17.08 ? 62  GLN A CD  1 
ATOM   510  O OE1 . GLN A 1 65  ? -18.222 -6.911  -0.050  1.00 25.21 ? 62  GLN A OE1 1 
ATOM   511  N NE2 . GLN A 1 65  ? -17.230 -5.558  -1.603  1.00 16.61 ? 62  GLN A NE2 1 
ATOM   512  N N   . SER A 1 66  ? -19.032 -10.458 -5.154  1.00 21.51 ? 63  SER A N   1 
ATOM   513  C CA  . SER A 1 66  ? -19.423 -11.834 -4.933  1.00 24.13 ? 63  SER A CA  1 
ATOM   514  C C   . SER A 1 66  ? -18.277 -12.756 -5.417  1.00 25.87 ? 63  SER A C   1 
ATOM   515  O O   . SER A 1 66  ? -18.231 -13.870 -4.945  1.00 27.70 ? 63  SER A O   1 
ATOM   516  C CB  . SER A 1 66  ? -20.730 -12.221 -5.621  1.00 26.92 ? 63  SER A CB  1 
ATOM   517  O OG  . SER A 1 66  ? -20.559 -12.201 -7.036  1.00 27.97 ? 63  SER A OG  1 
ATOM   518  N N   . GLN A 1 67  ? -17.359 -12.276 -6.245  1.00 25.87 ? 64  GLN A N   1 
ATOM   519  C CA  . GLN A 1 67  ? -16.204 -13.107 -6.599  1.00 27.66 ? 64  GLN A CA  1 
ATOM   520  C C   . GLN A 1 67  ? -15.167 -13.210 -5.509  1.00 28.42 ? 64  GLN A C   1 
ATOM   521  O O   . GLN A 1 67  ? -14.249 -14.061 -5.663  1.00 26.92 ? 64  GLN A O   1 
ATOM   522  C CB  . GLN A 1 67  ? -15.537 -12.502 -7.864  1.00 28.09 ? 64  GLN A CB  1 
ATOM   523  C CG  . GLN A 1 67  ? -16.442 -12.805 -9.063  1.00 28.10 ? 64  GLN A CG  1 
ATOM   524  C CD  . GLN A 1 67  ? -15.880 -12.226 -10.341 1.00 31.11 ? 64  GLN A CD  1 
ATOM   525  O OE1 . GLN A 1 67  ? -16.629 -11.753 -11.219 1.00 32.07 ? 64  GLN A OE1 1 
ATOM   526  N NE2 . GLN A 1 67  ? -14.563 -12.228 -10.475 1.00 28.32 ? 64  GLN A NE2 1 
ATOM   527  N N   . ILE A 1 68  ? -15.189 -12.298 -4.530  1.00 26.02 ? 65  ILE A N   1 
ATOM   528  C CA  . ILE A 1 68  ? -14.205 -12.377 -3.457  1.00 25.62 ? 65  ILE A CA  1 
ATOM   529  C C   . ILE A 1 68  ? -14.841 -12.488 -2.070  1.00 26.98 ? 65  ILE A C   1 
ATOM   530  O O   . ILE A 1 68  ? -14.265 -12.146 -1.035  1.00 26.11 ? 65  ILE A O   1 
ATOM   531  C CB  . ILE A 1 68  ? -13.258 -11.180 -3.441  1.00 25.89 ? 65  ILE A CB  1 
ATOM   532  C CG1 . ILE A 1 68  ? -14.055 -9.875  -3.408  1.00 23.48 ? 65  ILE A CG1 1 
ATOM   533  C CG2 . ILE A 1 68  ? -12.407 -11.152 -4.720  1.00 24.39 ? 65  ILE A CG2 1 
ATOM   534  C CD1 . ILE A 1 68  ? -13.181 -8.667  -3.143  1.00 24.39 ? 65  ILE A CD1 1 
ATOM   535  N N   . SER A 1 69  ? -15.952 -13.215 -2.045  1.00 28.61 ? 66  SER A N   1 
ATOM   536  C CA  . SER A 1 69  ? -16.726 -13.258 -0.802  1.00 31.81 ? 66  SER A CA  1 
ATOM   537  C C   . SER A 1 69  ? -15.923 -13.945 0.294   1.00 32.21 ? 66  SER A C   1 
ATOM   538  O O   . SER A 1 69  ? -16.067 -13.612 1.472   1.00 32.25 ? 66  SER A O   1 
ATOM   539  C CB  . SER A 1 69  ? -18.084 -13.951 -1.035  1.00 32.22 ? 66  SER A CB  1 
ATOM   540  O OG  . SER A 1 69  ? -17.926 -15.302 -0.651  1.00 36.25 ? 66  SER A OG  1 
ATOM   541  N N   . ASP A 1 70  ? -15.119 -14.965 -0.034  1.00 30.65 ? 67  ASP A N   1 
ATOM   542  C CA  . ASP A 1 70  ? -14.266 -15.638 0.905   1.00 29.65 ? 67  ASP A CA  1 
ATOM   543  C C   . ASP A 1 70  ? -13.127 -14.770 1.471   1.00 28.53 ? 67  ASP A C   1 
ATOM   544  O O   . ASP A 1 70  ? -12.640 -15.175 2.508   1.00 28.24 ? 67  ASP A O   1 
ATOM   545  C CB  . ASP A 1 70  ? -13.575 -16.881 0.323   1.00 31.15 ? 67  ASP A CB  1 
ATOM   546  C CG  . ASP A 1 70  ? -12.836 -16.534 -0.963  1.00 32.83 ? 67  ASP A CG  1 
ATOM   547  O OD1 . ASP A 1 70  ? -13.367 -15.841 -1.852  1.00 34.33 ? 67  ASP A OD1 1 
ATOM   548  O OD2 . ASP A 1 70  ? -11.674 -16.943 -1.085  1.00 34.61 ? 67  ASP A OD2 1 
ATOM   549  N N   . LEU A 1 71  ? -12.728 -13.687 0.857   1.00 26.98 ? 68  LEU A N   1 
ATOM   550  C CA  . LEU A 1 71  ? -11.656 -12.849 1.310   1.00 25.28 ? 68  LEU A CA  1 
ATOM   551  C C   . LEU A 1 71  ? -12.111 -11.670 2.130   1.00 26.12 ? 68  LEU A C   1 
ATOM   552  O O   . LEU A 1 71  ? -11.307 -10.900 2.636   1.00 24.12 ? 68  LEU A O   1 
ATOM   553  C CB  . LEU A 1 71  ? -10.960 -12.308 0.035   1.00 26.24 ? 68  LEU A CB  1 
ATOM   554  C CG  . LEU A 1 71  ? -10.428 -13.395 -0.943  1.00 25.96 ? 68  LEU A CG  1 
ATOM   555  C CD1 . LEU A 1 71  ? -9.728  -12.641 -2.066  1.00 24.70 ? 68  LEU A CD1 1 
ATOM   556  C CD2 . LEU A 1 71  ? -9.458  -14.358 -0.285  1.00 27.74 ? 68  LEU A CD2 1 
ATOM   557  N N   . ILE A 1 72  ? -13.423 -11.397 2.137   1.00 24.07 ? 69  ILE A N   1 
ATOM   558  C CA  . ILE A 1 72  ? -13.872 -10.120 2.695   1.00 24.69 ? 69  ILE A CA  1 
ATOM   559  C C   . ILE A 1 72  ? -13.484 -9.922  4.150   1.00 25.16 ? 69  ILE A C   1 
ATOM   560  O O   . ILE A 1 72  ? -13.055 -8.804  4.495   1.00 24.04 ? 69  ILE A O   1 
ATOM   561  C CB  . ILE A 1 72  ? -15.414 -10.011 2.497   1.00 26.83 ? 69  ILE A CB  1 
ATOM   562  C CG1 . ILE A 1 72  ? -15.690 -9.694  1.018   1.00 26.73 ? 69  ILE A CG1 1 
ATOM   563  C CG2 . ILE A 1 72  ? -16.003 -8.906  3.374   1.00 27.34 ? 69  ILE A CG2 1 
ATOM   564  C CD1 . ILE A 1 72  ? -15.050 -8.411  0.515   1.00 26.20 ? 69  ILE A CD1 1 
ATOM   565  N N   . SER A 1 73  ? -13.546 -10.915 5.026   1.00 27.83 ? 70  SER A N   1 
ATOM   566  C CA  . SER A 1 73  ? -13.194 -10.575 6.423   1.00 29.09 ? 70  SER A CA  1 
ATOM   567  C C   . SER A 1 73  ? -11.709 -10.233 6.562   1.00 29.79 ? 70  SER A C   1 
ATOM   568  O O   . SER A 1 73  ? -11.348 -9.478  7.457   1.00 29.03 ? 70  SER A O   1 
ATOM   569  C CB  . SER A 1 73  ? -13.448 -11.666 7.428   1.00 30.62 ? 70  SER A CB  1 
ATOM   570  O OG  . SER A 1 73  ? -13.284 -12.918 6.825   1.00 36.83 ? 70  SER A OG  1 
ATOM   571  N N   . SER A 1 74  ? -10.859 -10.848 5.746   1.00 27.91 ? 71  SER A N   1 
ATOM   572  C CA  . SER A 1 74  ? -9.450  -10.493 5.716   1.00 25.58 ? 71  SER A CA  1 
ATOM   573  C C   . SER A 1 74  ? -9.220  -9.127  5.146   1.00 23.08 ? 71  SER A C   1 
ATOM   574  O O   . SER A 1 74  ? -8.457  -8.294  5.664   1.00 24.52 ? 71  SER A O   1 
ATOM   575  C CB  . SER A 1 74  ? -8.685  -11.600 4.982   1.00 28.18 ? 71  SER A CB  1 
ATOM   576  O OG  . SER A 1 74  ? -7.309  -11.191 4.911   1.00 32.09 ? 71  SER A OG  1 
ATOM   577  N N   . MET A 1 75  ? -9.933  -8.752  4.111   1.00 20.64 ? 72  MET A N   1 
ATOM   578  C CA  . MET A 1 75  ? -10.013 -7.445  3.513   1.00 21.52 ? 72  MET A CA  1 
ATOM   579  C C   . MET A 1 75  ? -10.551 -6.386  4.493   1.00 22.71 ? 72  MET A C   1 
ATOM   580  O O   . MET A 1 75  ? -9.956  -5.304  4.524   1.00 17.58 ? 72  MET A O   1 
ATOM   581  C CB  . MET A 1 75  ? -10.877 -7.538  2.228   1.00 24.06 ? 72  MET A CB  1 
ATOM   582  C CG  . MET A 1 75  ? -10.019 -8.301  1.139   1.00 29.06 ? 72  MET A CG  1 
ATOM   583  S SD  . MET A 1 75  ? -10.906 -8.438  -0.428  1.00 33.57 ? 72  MET A SD  1 
ATOM   584  C CE  . MET A 1 75  ? -10.911 -6.727  -0.959  1.00 32.55 ? 72  MET A CE  1 
ATOM   585  N N   . GLN A 1 76  ? -11.542 -6.689  5.320   1.00 22.39 ? 73  GLN A N   1 
ATOM   586  C CA  . GLN A 1 76  ? -11.957 -5.781  6.381   1.00 23.56 ? 73  GLN A CA  1 
ATOM   587  C C   . GLN A 1 76  ? -10.868 -5.455  7.386   1.00 26.06 ? 73  GLN A C   1 
ATOM   588  O O   . GLN A 1 76  ? -10.661 -4.299  7.739   1.00 23.75 ? 73  GLN A O   1 
ATOM   589  C CB  . GLN A 1 76  ? -13.173 -6.371  7.142   1.00 27.43 ? 73  GLN A CB  1 
ATOM   590  C CG  . GLN A 1 76  ? -14.428 -6.158  6.283   1.00 30.75 ? 73  GLN A CG  1 
ATOM   591  C CD  . GLN A 1 76  ? -15.639 -6.840  6.906   1.00 32.84 ? 73  GLN A CD  1 
ATOM   592  O OE1 . GLN A 1 76  ? -16.733 -6.457  6.506   1.00 36.11 ? 73  GLN A OE1 1 
ATOM   593  N NE2 . GLN A 1 76  ? -15.462 -7.797  7.802   1.00 34.56 ? 73  GLN A NE2 1 
ATOM   594  N N   . GLN A 1 77  ? -10.132 -6.514  7.772   1.00 24.52 ? 74  GLN A N   1 
ATOM   595  C CA  . GLN A 1 77  ? -9.054  -6.267  8.742   1.00 27.01 ? 74  GLN A CA  1 
ATOM   596  C C   . GLN A 1 77  ? -7.833  -5.617  8.112   1.00 27.20 ? 74  GLN A C   1 
ATOM   597  O O   . GLN A 1 77  ? -7.181  -4.729  8.667   1.00 22.56 ? 74  GLN A O   1 
ATOM   598  C CB  . GLN A 1 77  ? -8.625  -7.584  9.386   1.00 31.98 ? 74  GLN A CB  1 
ATOM   599  C CG  . GLN A 1 77  ? -9.750  -8.230  10.191  1.00 39.08 ? 74  GLN A CG  1 
ATOM   600  C CD  . GLN A 1 77  ? -9.299  -9.661  10.520  1.00 44.00 ? 74  GLN A CD  1 
ATOM   601  O OE1 . GLN A 1 77  ? -8.068  -9.846  10.697  1.00 46.31 ? 74  GLN A OE1 1 
ATOM   602  N NE2 . GLN A 1 77  ? -10.280 -10.557 10.579  1.00 44.00 ? 74  GLN A NE2 1 
ATOM   603  N N   . ASN A 1 78  ? -7.375  -6.105  6.941   1.00 23.82 ? 75  ASN A N   1 
ATOM   604  C CA  . ASN A 1 78  ? -6.066  -5.728  6.437   1.00 22.70 ? 75  ASN A CA  1 
ATOM   605  C C   . ASN A 1 78  ? -6.010  -4.690  5.329   1.00 20.79 ? 75  ASN A C   1 
ATOM   606  O O   . ASN A 1 78  ? -4.981  -4.089  5.021   1.00 19.20 ? 75  ASN A O   1 
ATOM   607  C CB  . ASN A 1 78  ? -5.216  -6.943  5.911   1.00 24.96 ? 75  ASN A CB  1 
ATOM   608  C CG  . ASN A 1 78  ? -5.055  -8.016  6.965   1.00 27.83 ? 75  ASN A CG  1 
ATOM   609  O OD1 . ASN A 1 78  ? -5.641  -9.098  6.864   1.00 30.26 ? 75  ASN A OD1 1 
ATOM   610  N ND2 . ASN A 1 78  ? -4.298  -7.784  8.030   1.00 28.79 ? 75  ASN A ND2 1 
ATOM   611  N N   . TRP A 1 79  ? -7.167  -4.282  4.759   1.00 18.99 ? 76  TRP A N   1 
ATOM   612  C CA  . TRP A 1 79  ? -7.238  -3.232  3.757   1.00 16.03 ? 76  TRP A CA  1 
ATOM   613  C C   . TRP A 1 79  ? -8.386  -2.265  4.034   1.00 19.30 ? 76  TRP A C   1 
ATOM   614  O O   . TRP A 1 79  ? -9.245  -2.070  3.230   1.00 18.57 ? 76  TRP A O   1 
ATOM   615  C CB  . TRP A 1 79  ? -7.606  -3.950  2.419   1.00 18.39 ? 76  TRP A CB  1 
ATOM   616  C CG  . TRP A 1 79  ? -7.291  -3.161  1.187   1.00 18.28 ? 76  TRP A CG  1 
ATOM   617  C CD1 . TRP A 1 79  ? -7.303  -1.812  0.982   1.00 17.58 ? 76  TRP A CD1 1 
ATOM   618  C CD2 . TRP A 1 79  ? -6.964  -3.749  -0.096  1.00 19.23 ? 76  TRP A CD2 1 
ATOM   619  N NE1 . TRP A 1 79  ? -6.953  -1.511  -0.311  1.00 21.33 ? 76  TRP A NE1 1 
ATOM   620  C CE2 . TRP A 1 79  ? -6.617  -2.694  -0.927  1.00 19.23 ? 76  TRP A CE2 1 
ATOM   621  C CE3 . TRP A 1 79  ? -6.743  -5.088  -0.450  1.00 20.58 ? 76  TRP A CE3 1 
ATOM   622  C CZ2 . TRP A 1 79  ? -6.273  -2.910  -2.286  1.00 22.01 ? 76  TRP A CZ2 1 
ATOM   623  C CZ3 . TRP A 1 79  ? -6.350  -5.299  -1.777  1.00 20.59 ? 76  TRP A CZ3 1 
ATOM   624  C CH2 . TRP A 1 79  ? -6.069  -4.219  -2.609  1.00 18.93 ? 76  TRP A CH2 1 
ATOM   625  N N   . PRO A 1 80  ? -8.389  -1.649  5.240   1.00 18.81 ? 77  PRO A N   1 
ATOM   626  C CA  . PRO A 1 80  ? -9.548  -0.740  5.461   1.00 20.36 ? 77  PRO A CA  1 
ATOM   627  C C   . PRO A 1 80  ? -9.409  0.639   4.889   1.00 19.68 ? 77  PRO A C   1 
ATOM   628  O O   . PRO A 1 80  ? -8.424  1.180   4.395   1.00 21.93 ? 77  PRO A O   1 
ATOM   629  C CB  . PRO A 1 80  ? -9.343  -0.652  7.000   1.00 20.36 ? 77  PRO A CB  1 
ATOM   630  C CG  . PRO A 1 80  ? -7.885  -0.769  7.324   1.00 23.68 ? 77  PRO A CG  1 
ATOM   631  C CD  . PRO A 1 80  ? -7.244  -1.385  6.101   1.00 22.10 ? 77  PRO A CD  1 
ATOM   632  N N   . THR A 1 81  ? -10.586 1.235   4.528   1.00 20.72 ? 78  THR A N   1 
ATOM   633  C CA  . THR A 1 81  ? -10.666 2.583   4.037   1.00 20.95 ? 78  THR A CA  1 
ATOM   634  C C   . THR A 1 81  ? -10.860 3.582   5.204   1.00 22.38 ? 78  THR A C   1 
ATOM   635  O O   . THR A 1 81  ? -11.671 3.251   6.071   1.00 22.74 ? 78  THR A O   1 
ATOM   636  C CB  . THR A 1 81  ? -11.862 2.718   3.043   1.00 23.05 ? 78  THR A CB  1 
ATOM   637  O OG1 . THR A 1 81  ? -11.920 4.086   2.680   1.00 26.14 ? 78  THR A OG1 1 
ATOM   638  C CG2 . THR A 1 81  ? -13.145 2.222   3.646   1.00 26.18 ? 78  THR A CG2 1 
ATOM   639  N N   . LEU A 1 82  ? -10.209 4.688   5.186   1.00 23.07 ? 79  LEU A N   1 
ATOM   640  C CA  . LEU A 1 82  ? -10.405 5.752   6.195   1.00 28.32 ? 79  LEU A CA  1 
ATOM   641  C C   . LEU A 1 82  ? -10.889 7.053   5.552   1.00 26.60 ? 79  LEU A C   1 
ATOM   642  O O   . LEU A 1 82  ? -10.748 8.178   6.041   1.00 27.87 ? 79  LEU A O   1 
ATOM   643  C CB  . LEU A 1 82  ? -9.108  5.991   6.962   1.00 29.18 ? 79  LEU A CB  1 
ATOM   644  C CG  . LEU A 1 82  ? -8.788  5.116   8.165   1.00 32.21 ? 79  LEU A CG  1 
ATOM   645  C CD1 . LEU A 1 82  ? -9.941  4.742   9.103   1.00 32.19 ? 79  LEU A CD1 1 
ATOM   646  C CD2 . LEU A 1 82  ? -8.155  3.808   7.693   1.00 35.01 ? 79  LEU A CD2 1 
ATOM   647  N N   . ALA A 1 83  ? -11.311 6.963   4.292   1.00 28.09 ? 80  ALA A N   1 
ATOM   648  C CA  . ALA A 1 83  ? -11.804 8.123   3.579   1.00 27.30 ? 80  ALA A CA  1 
ATOM   649  C C   . ALA A 1 83  ? -13.260 8.344   4.003   1.00 27.02 ? 80  ALA A C   1 
ATOM   650  O O   . ALA A 1 83  ? -13.957 7.488   4.503   1.00 24.76 ? 80  ALA A O   1 
ATOM   651  C CB  . ALA A 1 83  ? -11.767 7.921   2.068   1.00 28.59 ? 80  ALA A CB  1 
ATOM   652  N N   . CYS A 1 84  ? -13.670 9.595   3.857   1.00 30.15 ? 81  CYS A N   1 
ATOM   653  C CA  . CYS A 1 84  ? -15.074 9.953   4.135   1.00 31.43 ? 81  CYS A CA  1 
ATOM   654  C C   . CYS A 1 84  ? -15.839 9.964   2.838   1.00 33.31 ? 81  CYS A C   1 
ATOM   655  O O   . CYS A 1 84  ? -15.306 10.446  1.817   1.00 37.07 ? 81  CYS A O   1 
ATOM   656  C CB  . CYS A 1 84  ? -15.041 11.381  4.720   1.00 30.62 ? 81  CYS A CB  1 
ATOM   657  S SG  . CYS A 1 84  ? -14.315 11.393  6.388   1.00 29.00 ? 81  CYS A SG  1 
ATOM   658  N N   . PRO A 1 85  ? -17.066 9.486   2.875   1.00 34.33 ? 82  PRO A N   1 
ATOM   659  C CA  . PRO A 1 85  ? -17.781 9.097   4.069   1.00 33.29 ? 82  PRO A CA  1 
ATOM   660  C C   . PRO A 1 85  ? -17.532 7.695   4.597   1.00 33.13 ? 82  PRO A C   1 
ATOM   661  O O   . PRO A 1 85  ? -17.234 6.784   3.803   1.00 31.84 ? 82  PRO A O   1 
ATOM   662  C CB  . PRO A 1 85  ? -19.254 9.102   3.605   1.00 33.80 ? 82  PRO A CB  1 
ATOM   663  C CG  . PRO A 1 85  ? -19.123 8.763   2.138   1.00 35.67 ? 82  PRO A CG  1 
ATOM   664  C CD  . PRO A 1 85  ? -17.994 9.662   1.690   1.00 34.53 ? 82  PRO A CD  1 
ATOM   665  N N   . SER A 1 86  ? -17.781 7.440   5.871   1.00 30.21 ? 83  SER A N   1 
ATOM   666  C CA  . SER A 1 86  ? -17.693 6.094   6.402   1.00 29.45 ? 83  SER A CA  1 
ATOM   667  C C   . SER A 1 86  ? -18.453 5.169   5.412   1.00 31.54 ? 83  SER A C   1 
ATOM   668  O O   . SER A 1 86  ? -19.474 5.482   4.818   1.00 29.47 ? 83  SER A O   1 
ATOM   669  C CB  . SER A 1 86  ? -18.210 5.981   7.827   1.00 29.74 ? 83  SER A CB  1 
ATOM   670  O OG  . SER A 1 86  ? -17.364 6.759   8.653   1.00 31.58 ? 83  SER A OG  1 
ATOM   671  N N   . GLY A 1 87  ? -17.778 4.020   5.280   1.00 27.54 ? 84  GLY A N   1 
ATOM   672  C CA  . GLY A 1 87  ? -18.243 2.982   4.383   1.00 25.57 ? 84  GLY A CA  1 
ATOM   673  C C   . GLY A 1 87  ? -17.707 1.611   4.758   1.00 25.22 ? 84  GLY A C   1 
ATOM   674  O O   . GLY A 1 87  ? -16.891 1.481   5.671   1.00 25.42 ? 84  GLY A O   1 
ATOM   675  N N   . SER A 1 88  ? -18.160 0.572   4.053   1.00 22.26 ? 85  SER A N   1 
ATOM   676  C CA  . SER A 1 88  ? -17.814 -0.765  4.340   1.00 24.37 ? 85  SER A CA  1 
ATOM   677  C C   . SER A 1 88  ? -16.386 -1.077  3.773   1.00 23.06 ? 85  SER A C   1 
ATOM   678  O O   . SER A 1 88  ? -15.906 -2.067  4.295   1.00 25.45 ? 85  SER A O   1 
ATOM   679  C CB  . SER A 1 88  ? -18.693 -1.827  3.661   1.00 25.71 ? 85  SER A CB  1 
ATOM   680  O OG  . SER A 1 88  ? -18.816 -1.565  2.277   1.00 25.40 ? 85  SER A OG  1 
ATOM   681  N N   . GLY A 1 89  ? -15.929 -0.292  2.849   1.00 22.90 ? 86  GLY A N   1 
ATOM   682  C CA  . GLY A 1 89  ? -14.654 -0.655  2.195   1.00 24.59 ? 86  GLY A CA  1 
ATOM   683  C C   . GLY A 1 89  ? -14.905 -0.888  0.700   1.00 22.70 ? 86  GLY A C   1 
ATOM   684  O O   . GLY A 1 89  ? -13.963 -0.680  -0.074  1.00 18.70 ? 86  GLY A O   1 
ATOM   685  N N   . SER A 1 90  ? -16.098 -1.314  0.309   1.00 21.77 ? 87  SER A N   1 
ATOM   686  C CA  . SER A 1 90  ? -16.295 -1.674  -1.135  1.00 22.48 ? 87  SER A CA  1 
ATOM   687  C C   . SER A 1 90  ? -15.989 -0.601  -2.156  1.00 21.48 ? 87  SER A C   1 
ATOM   688  O O   . SER A 1 90  ? -15.490 -0.865  -3.259  1.00 23.72 ? 87  SER A O   1 
ATOM   689  C CB  . SER A 1 90  ? -17.747 -2.138  -1.306  1.00 23.75 ? 87  SER A CB  1 
ATOM   690  O OG  . SER A 1 90  ? -17.986 -3.287  -0.514  1.00 29.56 ? 87  SER A OG  1 
ATOM   691  N N   . THR A 1 91  ? -16.238 0.661   -1.824  1.00 18.67 ? 88  THR A N   1 
ATOM   692  C CA  . THR A 1 91  ? -15.869 1.771   -2.678  1.00 21.53 ? 88  THR A CA  1 
ATOM   693  C C   . THR A 1 91  ? -14.349 1.773   -2.978  1.00 24.74 ? 88  THR A C   1 
ATOM   694  O O   . THR A 1 91  ? -13.999 1.988   -4.140  1.00 23.13 ? 88  THR A O   1 
ATOM   695  C CB  . THR A 1 91  ? -16.319 3.123   -2.086  1.00 25.47 ? 88  THR A CB  1 
ATOM   696  O OG1 . THR A 1 91  ? -17.771 3.133   -2.112  1.00 27.90 ? 88  THR A OG1 1 
ATOM   697  C CG2 . THR A 1 91  ? -15.923 4.190   -3.087  1.00 28.24 ? 88  THR A CG2 1 
ATOM   698  N N   . PHE A 1 92  ? -13.560 1.562   -1.926  1.00 21.58 ? 89  PHE A N   1 
ATOM   699  C CA  . PHE A 1 92  ? -12.113 1.640   -2.068  1.00 22.04 ? 89  PHE A CA  1 
ATOM   700  C C   . PHE A 1 92  ? -11.600 0.473   -2.956  1.00 19.32 ? 89  PHE A C   1 
ATOM   701  O O   . PHE A 1 92  ? -10.846 0.680   -3.910  1.00 21.48 ? 89  PHE A O   1 
ATOM   702  C CB  . PHE A 1 92  ? -11.492 1.541   -0.681  1.00 23.82 ? 89  PHE A CB  1 
ATOM   703  C CG  . PHE A 1 92  ? -9.996  1.708   -0.572  1.00 24.95 ? 89  PHE A CG  1 
ATOM   704  C CD1 . PHE A 1 92  ? -9.263  2.375   -1.519  1.00 26.17 ? 89  PHE A CD1 1 
ATOM   705  C CD2 . PHE A 1 92  ? -9.369  1.264   0.582   1.00 27.66 ? 89  PHE A CD2 1 
ATOM   706  C CE1 . PHE A 1 92  ? -7.897  2.586   -1.404  1.00 26.54 ? 89  PHE A CE1 1 
ATOM   707  C CE2 . PHE A 1 92  ? -7.990  1.481   0.741   1.00 25.73 ? 89  PHE A CE2 1 
ATOM   708  C CZ  . PHE A 1 92  ? -7.283  2.136   -0.243  1.00 26.31 ? 89  PHE A CZ  1 
ATOM   709  N N   . TRP A 1 93  ? -11.986 -0.680  -2.612  1.00 17.75 ? 90  TRP A N   1 
ATOM   710  C CA  . TRP A 1 93  ? -11.610 -1.917  -3.249  1.00 19.83 ? 90  TRP A CA  1 
ATOM   711  C C   . TRP A 1 93  ? -12.135 -1.800  -4.703  1.00 22.22 ? 90  TRP A C   1 
ATOM   712  O O   . TRP A 1 93  ? -11.276 -2.004  -5.579  1.00 21.10 ? 90  TRP A O   1 
ATOM   713  C CB  . TRP A 1 93  ? -12.225 -3.154  -2.570  1.00 18.20 ? 90  TRP A CB  1 
ATOM   714  C CG  . TRP A 1 93  ? -11.850 -3.229  -1.086  1.00 18.69 ? 90  TRP A CG  1 
ATOM   715  C CD1 . TRP A 1 93  ? -10.683 -2.802  -0.499  1.00 20.24 ? 90  TRP A CD1 1 
ATOM   716  C CD2 . TRP A 1 93  ? -12.661 -3.749  -0.038  1.00 18.63 ? 90  TRP A CD2 1 
ATOM   717  N NE1 . TRP A 1 93  ? -10.764 -3.011  0.842   1.00 20.38 ? 90  TRP A NE1 1 
ATOM   718  C CE2 . TRP A 1 93  ? -11.940 -3.627  1.149   1.00 20.70 ? 90  TRP A CE2 1 
ATOM   719  C CE3 . TRP A 1 93  ? -13.941 -4.330  0.020   1.00 20.45 ? 90  TRP A CE3 1 
ATOM   720  C CZ2 . TRP A 1 93  ? -12.437 -3.994  2.413   1.00 20.76 ? 90  TRP A CZ2 1 
ATOM   721  C CZ3 . TRP A 1 93  ? -14.427 -4.728  1.250   1.00 22.93 ? 90  TRP A CZ3 1 
ATOM   722  C CH2 . TRP A 1 93  ? -13.691 -4.556  2.433   1.00 21.17 ? 90  TRP A CH2 1 
ATOM   723  N N   . SER A 1 94  ? -13.332 -1.305  -5.013  1.00 19.48 ? 91  SER A N   1 
ATOM   724  C CA  . SER A 1 94  ? -13.869 -1.230  -6.374  1.00 21.45 ? 91  SER A CA  1 
ATOM   725  C C   . SER A 1 94  ? -12.901 -0.404  -7.180  1.00 21.33 ? 91  SER A C   1 
ATOM   726  O O   . SER A 1 94  ? -12.528 -0.651  -8.338  1.00 22.40 ? 91  SER A O   1 
ATOM   727  C CB  . SER A 1 94  ? -15.277 -0.519  -6.450  1.00 22.45 ? 91  SER A CB  1 
ATOM   728  O OG  . SER A 1 94  ? -15.501 -0.157  -7.818  1.00 28.63 ? 91  SER A OG  1 
ATOM   729  N N   . HIS A 1 95  ? -12.492 0.725   -6.611  1.00 20.35 ? 92  HIS A N   1 
ATOM   730  C CA  . HIS A 1 95  ? -11.656 1.711   -7.191  1.00 22.69 ? 92  HIS A CA  1 
ATOM   731  C C   . HIS A 1 95  ? -10.247 1.111   -7.492  1.00 20.88 ? 92  HIS A C   1 
ATOM   732  O O   . HIS A 1 95  ? -9.712  1.313   -8.601  1.00 22.45 ? 92  HIS A O   1 
ATOM   733  C CB  . HIS A 1 95  ? -11.462 2.884   -6.223  1.00 24.98 ? 92  HIS A CB  1 
ATOM   734  C CG  . HIS A 1 95  ? -10.573 3.909   -6.837  1.00 29.81 ? 92  HIS A CG  1 
ATOM   735  N ND1 . HIS A 1 95  ? -10.913 4.558   -8.011  1.00 30.84 ? 92  HIS A ND1 1 
ATOM   736  C CD2 . HIS A 1 95  ? -9.350  4.378   -6.487  1.00 30.83 ? 92  HIS A CD2 1 
ATOM   737  C CE1 . HIS A 1 95  ? -9.958  5.409   -8.331  1.00 32.34 ? 92  HIS A CE1 1 
ATOM   738  N NE2 . HIS A 1 95  ? -8.992  5.296   -7.433  1.00 32.77 ? 92  HIS A NE2 1 
ATOM   739  N N   . GLU A 1 96  ? -9.754  0.361   -6.526  1.00 21.07 ? 93  GLU A N   1 
ATOM   740  C CA  . GLU A 1 96  ? -8.390  -0.220  -6.776  1.00 20.96 ? 93  GLU A CA  1 
ATOM   741  C C   . GLU A 1 96  ? -8.479  -1.230  -7.927  1.00 23.31 ? 93  GLU A C   1 
ATOM   742  O O   . GLU A 1 96  ? -7.555  -1.296  -8.784  1.00 21.02 ? 93  GLU A O   1 
ATOM   743  C CB  . GLU A 1 96  ? -7.850  -0.850  -5.505  1.00 21.36 ? 93  GLU A CB  1 
ATOM   744  C CG  . GLU A 1 96  ? -7.550  0.258   -4.463  1.00 21.23 ? 93  GLU A CG  1 
ATOM   745  C CD  . GLU A 1 96  ? -6.498  1.194   -4.946  1.00 23.86 ? 93  GLU A CD  1 
ATOM   746  O OE1 . GLU A 1 96  ? -6.632  2.430   -4.885  1.00 24.89 ? 93  GLU A OE1 1 
ATOM   747  O OE2 . GLU A 1 96  ? -5.448  0.739   -5.450  1.00 23.40 ? 93  GLU A OE2 1 
ATOM   748  N N   . TRP A 1 97  ? -9.495  -2.100  -7.917  1.00 19.18 ? 94  TRP A N   1 
ATOM   749  C CA  . TRP A 1 97  ? -9.608  -3.034  -9.036  1.00 21.85 ? 94  TRP A CA  1 
ATOM   750  C C   . TRP A 1 97  ? -9.767  -2.318  -10.367 1.00 24.92 ? 94  TRP A C   1 
ATOM   751  O O   . TRP A 1 97  ? -9.112  -2.683  -11.390 1.00 22.95 ? 94  TRP A O   1 
ATOM   752  C CB  . TRP A 1 97  ? -10.768 -3.993  -8.760  1.00 22.39 ? 94  TRP A CB  1 
ATOM   753  C CG  . TRP A 1 97  ? -11.191 -4.763  -9.992  1.00 24.86 ? 94  TRP A CG  1 
ATOM   754  C CD1 . TRP A 1 97  ? -12.280 -4.594  -10.775 1.00 25.09 ? 94  TRP A CD1 1 
ATOM   755  C CD2 . TRP A 1 97  ? -10.446 -5.847  -10.568 1.00 25.52 ? 94  TRP A CD2 1 
ATOM   756  N NE1 . TRP A 1 97  ? -12.278 -5.503  -11.814 1.00 26.27 ? 94  TRP A NE1 1 
ATOM   757  C CE2 . TRP A 1 97  ? -11.152 -6.285  -11.697 1.00 26.07 ? 94  TRP A CE2 1 
ATOM   758  C CE3 . TRP A 1 97  ? -9.242  -6.481  -10.205 1.00 25.62 ? 94  TRP A CE3 1 
ATOM   759  C CZ2 . TRP A 1 97  ? -10.709 -7.336  -12.500 1.00 27.33 ? 94  TRP A CZ2 1 
ATOM   760  C CZ3 . TRP A 1 97  ? -8.796  -7.529  -10.990 1.00 27.37 ? 94  TRP A CZ3 1 
ATOM   761  C CH2 . TRP A 1 97  ? -9.538  -7.935  -12.128 1.00 25.24 ? 94  TRP A CH2 1 
ATOM   762  N N   . GLU A 1 98  ? -10.742 -1.356  -10.435 1.00 23.68 ? 95  GLU A N   1 
ATOM   763  C CA  . GLU A 1 98  ? -10.963 -0.744  -11.748 1.00 27.20 ? 95  GLU A CA  1 
ATOM   764  C C   . GLU A 1 98  ? -9.756  -0.033  -12.287 1.00 26.56 ? 95  GLU A C   1 
ATOM   765  O O   . GLU A 1 98  ? -9.422  -0.135  -13.488 1.00 26.68 ? 95  GLU A O   1 
ATOM   766  C CB  . GLU A 1 98  ? -12.256 0.119   -11.685 1.00 27.80 ? 95  GLU A CB  1 
ATOM   767  C CG  . GLU A 1 98  ? -13.365 -0.922  -11.352 1.00 33.42 ? 95  GLU A CG  1 
ATOM   768  C CD  . GLU A 1 98  ? -14.770 -0.344  -11.384 1.00 35.30 ? 95  GLU A CD  1 
ATOM   769  O OE1 . GLU A 1 98  ? -15.728 -1.065  -11.031 1.00 33.95 ? 95  GLU A OE1 1 
ATOM   770  O OE2 . GLU A 1 98  ? -14.857 0.858   -11.776 1.00 38.12 ? 95  GLU A OE2 1 
ATOM   771  N N   . LYS A 1 99  ? -9.029  0.690   -11.460 1.00 24.60 ? 96  LYS A N   1 
ATOM   772  C CA  . LYS A 1 99  ? -7.967  1.540   -11.952 1.00 25.35 ? 96  LYS A CA  1 
ATOM   773  C C   . LYS A 1 99  ? -6.686  0.682   -12.153 1.00 25.91 ? 96  LYS A C   1 
ATOM   774  O O   . LYS A 1 99  ? -5.915  1.083   -13.004 1.00 27.51 ? 96  LYS A O   1 
ATOM   775  C CB  . LYS A 1 99  ? -7.739  2.701   -11.005 1.00 26.52 ? 96  LYS A CB  1 
ATOM   776  C CG  . LYS A 1 99  ? -6.534  3.548   -11.363 1.00 28.54 ? 96  LYS A CG  1 
ATOM   777  C CD  . LYS A 1 99  ? -6.507  4.852   -10.611 1.00 33.47 ? 96  LYS A CD  1 
ATOM   778  C CE  . LYS A 1 99  ? -5.364  5.772   -11.008 1.00 34.83 ? 96  LYS A CE  1 
ATOM   779  N NZ  . LYS A 1 99  ? -5.546  7.092   -10.316 1.00 37.48 ? 96  LYS A NZ  1 
ATOM   780  N N   . HIS A 1 100 ? -6.466  -0.228  -11.236 1.00 22.98 ? 97  HIS A N   1 
ATOM   781  C CA  . HIS A 1 100 ? -5.141  -0.869  -11.165 1.00 23.68 ? 97  HIS A CA  1 
ATOM   782  C C   . HIS A 1 100 ? -5.262  -2.347  -11.382 1.00 20.68 ? 97  HIS A C   1 
ATOM   783  O O   . HIS A 1 100 ? -4.461  -2.835  -12.219 1.00 23.66 ? 97  HIS A O   1 
ATOM   784  C CB  . HIS A 1 100 ? -4.434  -0.639  -9.832  1.00 19.89 ? 97  HIS A CB  1 
ATOM   785  C CG  . HIS A 1 100 ? -3.983  0.738   -9.624  1.00 20.50 ? 97  HIS A CG  1 
ATOM   786  N ND1 . HIS A 1 100 ? -3.022  1.365   -10.315 1.00 20.05 ? 97  HIS A ND1 1 
ATOM   787  C CD2 . HIS A 1 100 ? -4.403  1.684   -8.691  1.00 22.38 ? 97  HIS A CD2 1 
ATOM   788  C CE1 . HIS A 1 100 ? -2.786  2.584   -9.922  1.00 23.49 ? 97  HIS A CE1 1 
ATOM   789  N NE2 . HIS A 1 100 ? -3.618  2.792   -8.909  1.00 21.44 ? 97  HIS A NE2 1 
ATOM   790  N N   . GLY A 1 101 ? -6.114  -3.115  -10.752 1.00 17.25 ? 98  GLY A N   1 
ATOM   791  C CA  . GLY A 1 101 ? -6.218  -4.552  -10.856 1.00 18.46 ? 98  GLY A CA  1 
ATOM   792  C C   . GLY A 1 101 ? -6.577  -4.934  -12.320 1.00 22.61 ? 98  GLY A C   1 
ATOM   793  O O   . GLY A 1 101 ? -6.020  -5.924  -12.828 1.00 20.78 ? 98  GLY A O   1 
ATOM   794  N N   . THR A 1 102 ? -7.415  -4.194  -13.014 1.00 20.67 ? 99  THR A N   1 
ATOM   795  C CA  . THR A 1 102 ? -7.793  -4.526  -14.371 1.00 21.54 ? 99  THR A CA  1 
ATOM   796  C C   . THR A 1 102 ? -6.514  -4.546  -15.258 1.00 24.79 ? 99  THR A C   1 
ATOM   797  O O   . THR A 1 102 ? -6.578  -5.321  -16.196 1.00 26.03 ? 99  THR A O   1 
ATOM   798  C CB  . THR A 1 102 ? -8.701  -3.507  -15.015 1.00 19.59 ? 99  THR A CB  1 
ATOM   799  O OG1 . THR A 1 102 ? -8.341  -2.145  -14.840 1.00 23.55 ? 99  THR A OG1 1 
ATOM   800  C CG2 . THR A 1 102 ? -10.106 -3.882  -14.463 1.00 22.15 ? 99  THR A CG2 1 
ATOM   801  N N   . CYS A 1 103 ? -5.537  -3.760  -14.921 1.00 26.01 ? 100 CYS A N   1 
ATOM   802  C CA  . CYS A 1 103 ? -4.282  -3.778  -15.705 1.00 26.00 ? 100 CYS A CA  1 
ATOM   803  C C   . CYS A 1 103 ? -3.354  -4.908  -15.376 1.00 27.44 ? 100 CYS A C   1 
ATOM   804  O O   . CYS A 1 103 ? -2.285  -4.999  -16.044 1.00 28.63 ? 100 CYS A O   1 
ATOM   805  C CB  . CYS A 1 103 ? -3.594  -2.460  -15.474 1.00 24.66 ? 100 CYS A CB  1 
ATOM   806  S SG  . CYS A 1 103 ? -4.599  -1.051  -15.916 1.00 25.01 ? 100 CYS A SG  1 
ATOM   807  N N   . ALA A 1 104 ? -3.634  -5.789  -14.441 1.00 26.30 ? 101 ALA A N   1 
ATOM   808  C CA  . ALA A 1 104 ? -2.839  -6.929  -14.110 1.00 28.24 ? 101 ALA A CA  1 
ATOM   809  C C   . ALA A 1 104 ? -3.591  -8.212  -14.438 1.00 29.17 ? 101 ALA A C   1 
ATOM   810  O O   . ALA A 1 104 ? -3.392  -9.226  -13.773 1.00 35.36 ? 101 ALA A O   1 
ATOM   811  C CB  . ALA A 1 104 ? -2.378  -6.866  -12.650 1.00 27.84 ? 101 ALA A CB  1 
ATOM   812  N N   . GLU A 1 105 ? -4.399  -8.188  -15.524 1.00 26.55 ? 102 GLU A N   1 
ATOM   813  C CA  . GLU A 1 105 ? -5.208  -9.353  -15.861 1.00 29.32 ? 102 GLU A CA  1 
ATOM   814  C C   . GLU A 1 105 ? -4.448  -10.383 -16.699 1.00 29.36 ? 102 GLU A C   1 
ATOM   815  O O   . GLU A 1 105 ? -4.717  -11.586 -16.683 1.00 28.81 ? 102 GLU A O   1 
ATOM   816  C CB  . GLU A 1 105 ? -6.465  -8.937  -16.634 1.00 33.85 ? 102 GLU A CB  1 
ATOM   817  C CG  . GLU A 1 105 ? -7.457  -8.038  -15.924 1.00 38.24 ? 102 GLU A CG  1 
ATOM   818  C CD  . GLU A 1 105 ? -8.654  -7.695  -16.826 1.00 41.12 ? 102 GLU A CD  1 
ATOM   819  O OE1 . GLU A 1 105 ? -9.711  -7.323  -16.267 1.00 41.14 ? 102 GLU A OE1 1 
ATOM   820  O OE2 . GLU A 1 105 ? -8.616  -7.766  -18.075 1.00 43.22 ? 102 GLU A OE2 1 
ATOM   821  N N   . SER A 1 106 ? -3.308  -9.947  -17.240 1.00 31.60 ? 103 SER A N   1 
ATOM   822  C CA  . SER A 1 106 ? -2.353  -10.819 -17.911 1.00 32.22 ? 103 SER A CA  1 
ATOM   823  C C   . SER A 1 106 ? -1.647  -11.778 -16.976 1.00 32.96 ? 103 SER A C   1 
ATOM   824  O O   . SER A 1 106 ? -1.284  -12.913 -17.318 1.00 33.87 ? 103 SER A O   1 
ATOM   825  C CB  . SER A 1 106 ? -1.354  -9.988  -18.731 1.00 33.74 ? 103 SER A CB  1 
ATOM   826  O OG  . SER A 1 106 ? -0.435  -9.296  -17.900 1.00 35.59 ? 103 SER A OG  1 
ATOM   827  N N   . VAL A 1 107 ? -1.346  -11.339 -15.742 1.00 28.60 ? 104 VAL A N   1 
ATOM   828  C CA  . VAL A 1 107 ? -0.653  -12.123 -14.752 1.00 31.51 ? 104 VAL A CA  1 
ATOM   829  C C   . VAL A 1 107 ? -1.549  -12.710 -13.672 1.00 30.65 ? 104 VAL A C   1 
ATOM   830  O O   . VAL A 1 107 ? -1.522  -13.866 -13.269 1.00 29.57 ? 104 VAL A O   1 
ATOM   831  C CB  . VAL A 1 107 ? 0.394   -11.220 -14.029 1.00 32.89 ? 104 VAL A CB  1 
ATOM   832  C CG1 . VAL A 1 107 ? 1.233   -12.154 -13.199 1.00 34.12 ? 104 VAL A CG1 1 
ATOM   833  C CG2 . VAL A 1 107 ? 1.156   -10.394 -15.050 1.00 36.08 ? 104 VAL A CG2 1 
ATOM   834  N N   . LEU A 1 108 ? -2.376  -11.796 -13.097 1.00 30.40 ? 105 LEU A N   1 
ATOM   835  C CA  . LEU A 1 108 ? -3.358  -12.224 -12.092 1.00 28.41 ? 105 LEU A CA  1 
ATOM   836  C C   . LEU A 1 108 ? -4.713  -12.241 -12.798 1.00 30.61 ? 105 LEU A C   1 
ATOM   837  O O   . LEU A 1 108 ? -5.245  -11.162 -13.098 1.00 28.98 ? 105 LEU A O   1 
ATOM   838  C CB  . LEU A 1 108 ? -3.268  -11.208 -10.931 1.00 27.02 ? 105 LEU A CB  1 
ATOM   839  C CG  . LEU A 1 108 ? -1.893  -11.238 -10.201 1.00 27.98 ? 105 LEU A CG  1 
ATOM   840  C CD1 . LEU A 1 108 ? -1.737  -10.078 -9.225  1.00 26.97 ? 105 LEU A CD1 1 
ATOM   841  C CD2 . LEU A 1 108 ? -1.668  -12.575 -9.520  1.00 26.97 ? 105 LEU A CD2 1 
ATOM   842  N N   . THR A 1 109 ? -5.220  -13.424 -13.138 1.00 31.37 ? 106 THR A N   1 
ATOM   843  C CA  . THR A 1 109 ? -6.164  -13.560 -14.236 1.00 33.02 ? 106 THR A CA  1 
ATOM   844  C C   . THR A 1 109 ? -7.561  -13.049 -13.803 1.00 32.31 ? 106 THR A C   1 
ATOM   845  O O   . THR A 1 109 ? -8.236  -12.587 -14.721 1.00 35.19 ? 106 THR A O   1 
ATOM   846  C CB  . THR A 1 109 ? -6.375  -14.958 -14.817 1.00 34.76 ? 106 THR A CB  1 
ATOM   847  O OG1 . THR A 1 109 ? -6.143  -15.976 -13.844 1.00 35.71 ? 106 THR A OG1 1 
ATOM   848  C CG2 . THR A 1 109 ? -5.433  -15.199 -15.996 1.00 36.37 ? 106 THR A CG2 1 
ATOM   849  N N   . ASN A 1 110 ? -7.943  -13.235 -12.554 1.00 30.17 ? 107 ASN A N   1 
ATOM   850  C CA  . ASN A 1 110 ? -9.245  -12.727 -12.101 1.00 27.78 ? 107 ASN A CA  1 
ATOM   851  C C   . ASN A 1 110 ? -9.141  -11.977 -10.789 1.00 28.72 ? 107 ASN A C   1 
ATOM   852  O O   . ASN A 1 110 ? -8.201  -12.137 -10.015 1.00 27.34 ? 107 ASN A O   1 
ATOM   853  C CB  . ASN A 1 110 ? -10.204 -13.917 -11.986 1.00 28.43 ? 107 ASN A CB  1 
ATOM   854  C CG  . ASN A 1 110 ? -9.679  -14.942 -11.032 1.00 31.85 ? 107 ASN A CG  1 
ATOM   855  O OD1 . ASN A 1 110 ? -9.157  -14.671 -9.959  1.00 32.03 ? 107 ASN A OD1 1 
ATOM   856  N ND2 . ASN A 1 110 ? -9.748  -16.218 -11.412 1.00 35.13 ? 107 ASN A ND2 1 
ATOM   857  N N   . GLN A 1 111 ? -10.207 -11.236 -10.451 1.00 24.93 ? 108 GLN A N   1 
ATOM   858  C CA  . GLN A 1 111 ? -10.309 -10.453 -9.234  1.00 24.57 ? 108 GLN A CA  1 
ATOM   859  C C   . GLN A 1 111 ? -9.843  -11.243 -8.014  1.00 20.90 ? 108 GLN A C   1 
ATOM   860  O O   . GLN A 1 111 ? -9.121  -10.712 -7.166  1.00 21.42 ? 108 GLN A O   1 
ATOM   861  C CB  . GLN A 1 111 ? -11.725 -9.869  -8.973  1.00 24.42 ? 108 GLN A CB  1 
ATOM   862  C CG  . GLN A 1 111 ? -12.377 -9.355  -10.263 1.00 26.36 ? 108 GLN A CG  1 
ATOM   863  C CD  . GLN A 1 111 ? -13.649 -8.483  -9.837  1.00 31.05 ? 108 GLN A CD  1 
ATOM   864  O OE1 . GLN A 1 111 ? -13.930 -8.319  -8.688  1.00 29.50 ? 108 GLN A OE1 1 
ATOM   865  N NE2 . GLN A 1 111 ? -14.196 -8.074  -10.980 1.00 29.81 ? 108 GLN A NE2 1 
ATOM   866  N N   . HIS A 1 112 ? -10.313 -12.449 -7.819  1.00 21.59 ? 109 HIS A N   1 
ATOM   867  C CA  . HIS A 1 112 ? -9.975  -13.244 -6.649  1.00 23.22 ? 109 HIS A CA  1 
ATOM   868  C C   . HIS A 1 112 ? -8.448  -13.413 -6.594  1.00 26.80 ? 109 HIS A C   1 
ATOM   869  O O   . HIS A 1 112 ? -7.862  -13.225 -5.519  1.00 23.88 ? 109 HIS A O   1 
ATOM   870  C CB  . HIS A 1 112 ? -10.697 -14.576 -6.708  1.00 25.37 ? 109 HIS A CB  1 
ATOM   871  C CG  . HIS A 1 112 ? -10.419 -15.405 -5.506  1.00 28.11 ? 109 HIS A CG  1 
ATOM   872  N ND1 . HIS A 1 112 ? -11.282 -15.614 -4.455  1.00 29.73 ? 109 HIS A ND1 1 
ATOM   873  C CD2 . HIS A 1 112 ? -9.311  -16.071 -5.165  1.00 27.81 ? 109 HIS A CD2 1 
ATOM   874  C CE1 . HIS A 1 112 ? -10.716 -16.390 -3.558  1.00 28.63 ? 109 HIS A CE1 1 
ATOM   875  N NE2 . HIS A 1 112 ? -9.499  -16.669 -3.981  1.00 30.49 ? 109 HIS A NE2 1 
ATOM   876  N N   . ALA A 1 113 ? -7.821  -13.801 -7.730  1.00 25.05 ? 110 ALA A N   1 
ATOM   877  C CA  . ALA A 1 113 ? -6.348  -13.888 -7.663  1.00 25.49 ? 110 ALA A CA  1 
ATOM   878  C C   . ALA A 1 113 ? -5.663  -12.571 -7.344  1.00 23.63 ? 110 ALA A C   1 
ATOM   879  O O   . ALA A 1 113 ? -4.748  -12.605 -6.511  1.00 25.82 ? 110 ALA A O   1 
ATOM   880  C CB  . ALA A 1 113 ? -5.754  -14.515 -8.933  1.00 27.95 ? 110 ALA A CB  1 
ATOM   881  N N   . TYR A 1 114 ? -6.131  -11.426 -7.838  1.00 21.69 ? 111 TYR A N   1 
ATOM   882  C CA  . TYR A 1 114 ? -5.572  -10.113 -7.579  1.00 21.04 ? 111 TYR A CA  1 
ATOM   883  C C   . TYR A 1 114 ? -5.624  -9.739  -6.080  1.00 22.30 ? 111 TYR A C   1 
ATOM   884  O O   . TYR A 1 114 ? -4.632  -9.418  -5.422  1.00 21.08 ? 111 TYR A O   1 
ATOM   885  C CB  . TYR A 1 114 ? -6.234  -8.968  -8.353  1.00 21.73 ? 111 TYR A CB  1 
ATOM   886  C CG  . TYR A 1 114 ? -5.816  -7.545  -8.150  1.00 20.96 ? 111 TYR A CG  1 
ATOM   887  C CD1 . TYR A 1 114 ? -4.588  -7.080  -8.633  1.00 20.23 ? 111 TYR A CD1 1 
ATOM   888  C CD2 . TYR A 1 114 ? -6.525  -6.651  -7.354  1.00 19.46 ? 111 TYR A CD2 1 
ATOM   889  C CE1 . TYR A 1 114 ? -4.194  -5.774  -8.450  1.00 20.01 ? 111 TYR A CE1 1 
ATOM   890  C CE2 . TYR A 1 114 ? -6.138  -5.341  -7.172  1.00 19.05 ? 111 TYR A CE2 1 
ATOM   891  C CZ  . TYR A 1 114 ? -4.954  -4.892  -7.709  1.00 18.97 ? 111 TYR A CZ  1 
ATOM   892  O OH  . TYR A 1 114 ? -4.460  -3.623  -7.504  1.00 20.94 ? 111 TYR A OH  1 
ATOM   893  N N   . PHE A 1 115 ? -6.835  -9.759  -5.519  1.00 19.74 ? 112 PHE A N   1 
ATOM   894  C CA  . PHE A 1 115 ? -7.010  -9.449  -4.097  1.00 21.80 ? 112 PHE A CA  1 
ATOM   895  C C   . PHE A 1 115 ? -6.279  -10.453 -3.219  1.00 21.48 ? 112 PHE A C   1 
ATOM   896  O O   . PHE A 1 115 ? -5.686  -10.000 -2.225  1.00 19.76 ? 112 PHE A O   1 
ATOM   897  C CB  . PHE A 1 115 ? -8.492  -9.279  -3.773  1.00 19.60 ? 112 PHE A CB  1 
ATOM   898  C CG  . PHE A 1 115 ? -9.062  -8.018  -4.355  1.00 18.54 ? 112 PHE A CG  1 
ATOM   899  C CD1 . PHE A 1 115 ? -9.961  -8.056  -5.410  1.00 21.05 ? 112 PHE A CD1 1 
ATOM   900  C CD2 . PHE A 1 115 ? -8.755  -6.769  -3.829  1.00 20.99 ? 112 PHE A CD2 1 
ATOM   901  C CE1 . PHE A 1 115 ? -10.509 -6.925  -5.983  1.00 19.96 ? 112 PHE A CE1 1 
ATOM   902  C CE2 . PHE A 1 115 ? -9.298  -5.606  -4.390  1.00 21.56 ? 112 PHE A CE2 1 
ATOM   903  C CZ  . PHE A 1 115 ? -10.170 -5.683  -5.471  1.00 20.28 ? 112 PHE A CZ  1 
ATOM   904  N N   . LYS A 1 116 ? -6.335  -11.760 -3.455  1.00 20.84 ? 113 LYS A N   1 
ATOM   905  C CA  . LYS A 1 116 ? -5.621  -12.716 -2.643  1.00 24.07 ? 113 LYS A CA  1 
ATOM   906  C C   . LYS A 1 116 ? -4.090  -12.505 -2.743  1.00 24.69 ? 113 LYS A C   1 
ATOM   907  O O   . LYS A 1 116 ? -3.508  -12.600 -1.664  1.00 23.56 ? 113 LYS A O   1 
ATOM   908  C CB  . LYS A 1 116 ? -5.937  -14.133 -3.071  1.00 26.09 ? 113 LYS A CB  1 
ATOM   909  C CG  . LYS A 1 116 ? -5.255  -15.156 -2.184  1.00 29.75 ? 113 LYS A CG  1 
ATOM   910  C CD  . LYS A 1 116 ? -5.400  -16.578 -2.719  1.00 33.59 ? 113 LYS A CD  1 
ATOM   911  C CE  . LYS A 1 116 ? -4.557  -17.545 -1.877  1.00 37.63 ? 113 LYS A CE  1 
ATOM   912  N NZ  . LYS A 1 116 ? -4.929  -17.413 -0.432  1.00 40.58 ? 113 LYS A NZ  1 
ATOM   913  N N   . LYS A 1 117 ? -3.513  -12.144 -3.869  1.00 24.02 ? 114 LYS A N   1 
ATOM   914  C CA  . LYS A 1 117 ? -2.115  -11.757 -3.975  1.00 24.72 ? 114 LYS A CA  1 
ATOM   915  C C   . LYS A 1 117 ? -1.708  -10.620 -3.051  1.00 23.96 ? 114 LYS A C   1 
ATOM   916  O O   . LYS A 1 117 ? -0.747  -10.692 -2.286  1.00 23.08 ? 114 LYS A O   1 
ATOM   917  C CB  . LYS A 1 117 ? -1.701  -11.295 -5.375  1.00 25.22 ? 114 LYS A CB  1 
ATOM   918  C CG  . LYS A 1 117 ? -0.208  -11.027 -5.588  1.00 29.09 ? 114 LYS A CG  1 
ATOM   919  C CD  . LYS A 1 117 ? 0.736   -11.931 -4.834  1.00 31.79 ? 114 LYS A CD  1 
ATOM   920  C CE  . LYS A 1 117 ? 0.471   -13.408 -4.975  1.00 36.44 ? 114 LYS A CE  1 
ATOM   921  N NZ  . LYS A 1 117 ? 1.419   -14.053 -5.989  1.00 40.04 ? 114 LYS A NZ  1 
ATOM   922  N N   . ALA A 1 118 ? -2.557  -9.557  -2.973  1.00 20.62 ? 115 ALA A N   1 
ATOM   923  C CA  . ALA A 1 118 ? -2.227  -8.431  -2.098  1.00 19.53 ? 115 ALA A CA  1 
ATOM   924  C C   . ALA A 1 118 ? -2.339  -8.848  -0.633  1.00 16.79 ? 115 ALA A C   1 
ATOM   925  O O   . ALA A 1 118 ? -1.430  -8.394  0.094   1.00 16.77 ? 115 ALA A O   1 
ATOM   926  C CB  . ALA A 1 118 ? -3.236  -7.292  -2.363  1.00 19.70 ? 115 ALA A CB  1 
ATOM   927  N N   . LEU A 1 119 ? -3.277  -9.684  -0.259  1.00 16.52 ? 116 LEU A N   1 
ATOM   928  C CA  . LEU A 1 119 ? -3.423  -10.131 1.137   1.00 21.46 ? 116 LEU A CA  1 
ATOM   929  C C   . LEU A 1 119 ? -2.214  -11.057 1.396   1.00 23.06 ? 116 LEU A C   1 
ATOM   930  O O   . LEU A 1 119 ? -1.704  -10.911 2.520   1.00 20.57 ? 116 LEU A O   1 
ATOM   931  C CB  . LEU A 1 119 ? -4.755  -10.822 1.316   1.00 21.98 ? 116 LEU A CB  1 
ATOM   932  C CG  . LEU A 1 119 ? -6.026  -9.982  1.629   1.00 24.78 ? 116 LEU A CG  1 
ATOM   933  C CD1 . LEU A 1 119 ? -5.967  -8.519  1.262   1.00 30.47 ? 116 LEU A CD1 1 
ATOM   934  C CD2 . LEU A 1 119 ? -7.213  -10.659 0.912   1.00 26.21 ? 116 LEU A CD2 1 
ATOM   935  N N   . ASP A 1 120 ? -1.751  -11.928 0.497   1.00 22.65 ? 117 ASP A N   1 
ATOM   936  C CA  . ASP A 1 120 ? -0.614  -12.793 0.844   1.00 25.60 ? 117 ASP A CA  1 
ATOM   937  C C   . ASP A 1 120 ? 0.687   -12.003 1.032   1.00 21.07 ? 117 ASP A C   1 
ATOM   938  O O   . ASP A 1 120 ? 1.420   -12.322 1.961   1.00 23.31 ? 117 ASP A O   1 
ATOM   939  C CB  . ASP A 1 120 ? -0.324  -13.878 -0.204  1.00 29.42 ? 117 ASP A CB  1 
ATOM   940  C CG  . ASP A 1 120 ? -1.411  -14.913 -0.328  1.00 31.77 ? 117 ASP A CG  1 
ATOM   941  O OD1 . ASP A 1 120 ? -1.556  -15.422 -1.453  1.00 32.91 ? 117 ASP A OD1 1 
ATOM   942  O OD2 . ASP A 1 120 ? -2.112  -15.221 0.639   1.00 31.80 ? 117 ASP A OD2 1 
ATOM   943  N N   . LEU A 1 121 ? 0.848   -10.929 0.272   1.00 18.93 ? 118 LEU A N   1 
ATOM   944  C CA  . LEU A 1 121 ? 1.969   -10.013 0.402   1.00 20.76 ? 118 LEU A CA  1 
ATOM   945  C C   . LEU A 1 121 ? 1.961   -9.290  1.754   1.00 21.68 ? 118 LEU A C   1 
ATOM   946  O O   . LEU A 1 121 ? 3.003   -9.197  2.405   1.00 19.80 ? 118 LEU A O   1 
ATOM   947  C CB  . LEU A 1 121 ? 2.023   -9.007  -0.729  1.00 21.63 ? 118 LEU A CB  1 
ATOM   948  C CG  . LEU A 1 121 ? 2.497   -9.641  -2.085  1.00 21.69 ? 118 LEU A CG  1 
ATOM   949  C CD1 . LEU A 1 121 ? 2.122   -8.733  -3.233  1.00 23.01 ? 118 LEU A CD1 1 
ATOM   950  C CD2 . LEU A 1 121 ? 4.004   -9.814  -1.970  1.00 22.40 ? 118 LEU A CD2 1 
ATOM   951  N N   . LYS A 1 122 ? 0.808   -8.794  2.195   1.00 21.77 ? 119 LYS A N   1 
ATOM   952  C CA  . LYS A 1 122 ? 0.726   -8.161  3.535   1.00 24.10 ? 119 LYS A CA  1 
ATOM   953  C C   . LYS A 1 122 ? 1.156   -9.116  4.630   1.00 21.31 ? 119 LYS A C   1 
ATOM   954  O O   . LYS A 1 122 ? 1.960   -8.769  5.496   1.00 25.11 ? 119 LYS A O   1 
ATOM   955  C CB  . LYS A 1 122 ? -0.750  -7.762  3.763   1.00 24.63 ? 119 LYS A CB  1 
ATOM   956  C CG  . LYS A 1 122 ? -1.099  -7.139  5.118   1.00 28.40 ? 119 LYS A CG  1 
ATOM   957  C CD  . LYS A 1 122 ? -0.407  -5.816  5.331   1.00 28.94 ? 119 LYS A CD  1 
ATOM   958  C CE  . LYS A 1 122 ? -1.268  -4.974  6.293   1.00 33.04 ? 119 LYS A CE  1 
ATOM   959  N NZ  . LYS A 1 122 ? -1.326  -5.587  7.657   1.00 32.00 ? 119 LYS A NZ  1 
ATOM   960  N N   . ASN A 1 123 ? 0.763   -10.388 4.519   1.00 24.44 ? 120 ASN A N   1 
ATOM   961  C CA  . ASN A 1 123 ? 1.070   -11.390 5.521   1.00 27.92 ? 120 ASN A CA  1 
ATOM   962  C C   . ASN A 1 123 ? 2.540   -11.730 5.603   1.00 31.59 ? 120 ASN A C   1 
ATOM   963  O O   . ASN A 1 123 ? 2.896   -12.383 6.603   1.00 35.33 ? 120 ASN A O   1 
ATOM   964  C CB  . ASN A 1 123 ? 0.311   -12.694 5.253   1.00 29.44 ? 120 ASN A CB  1 
ATOM   965  C CG  . ASN A 1 123 ? -1.155  -12.496 5.617   1.00 31.24 ? 120 ASN A CG  1 
ATOM   966  O OD1 . ASN A 1 123 ? -1.441  -11.596 6.421   1.00 32.23 ? 120 ASN A OD1 1 
ATOM   967  N ND2 . ASN A 1 123 ? -1.953  -13.342 4.999   1.00 32.70 ? 120 ASN A ND2 1 
ATOM   968  N N   . GLN A 1 124 ? 3.353   -11.449 4.592   1.00 31.69 ? 121 GLN A N   1 
ATOM   969  C CA  . GLN A 1 124 ? 4.765   -11.737 4.760   1.00 34.08 ? 121 GLN A CA  1 
ATOM   970  C C   . GLN A 1 124 ? 5.586   -10.483 5.023   1.00 31.67 ? 121 GLN A C   1 
ATOM   971  O O   . GLN A 1 124 ? 6.776   -10.634 5.332   1.00 34.43 ? 121 GLN A O   1 
ATOM   972  C CB  . GLN A 1 124 ? 5.317   -12.450 3.513   1.00 39.21 ? 121 GLN A CB  1 
ATOM   973  C CG  . GLN A 1 124 ? 4.297   -13.314 2.789   1.00 42.49 ? 121 GLN A CG  1 
ATOM   974  C CD  . GLN A 1 124 ? 4.705   -13.600 1.363   1.00 45.72 ? 121 GLN A CD  1 
ATOM   975  O OE1 . GLN A 1 124 ? 5.814   -13.273 0.924   1.00 48.67 ? 121 GLN A OE1 1 
ATOM   976  N NE2 . GLN A 1 124 ? 3.834   -14.244 0.589   1.00 45.86 ? 121 GLN A NE2 1 
ATOM   977  N N   . ILE A 1 125 ? 5.034   -9.303  4.778   1.00 24.65 ? 122 ILE A N   1 
ATOM   978  C CA  . ILE A 1 125 ? 5.786   -8.088  5.017   1.00 26.65 ? 122 ILE A CA  1 
ATOM   979  C C   . ILE A 1 125 ? 5.047   -7.373  6.188   1.00 26.29 ? 122 ILE A C   1 
ATOM   980  O O   . ILE A 1 125 ? 4.134   -6.589  5.929   1.00 25.66 ? 122 ILE A O   1 
ATOM   981  C CB  . ILE A 1 125 ? 5.900   -7.068  3.881   1.00 26.72 ? 122 ILE A CB  1 
ATOM   982  C CG1 . ILE A 1 125 ? 6.440   -7.668  2.583   1.00 29.67 ? 122 ILE A CG1 1 
ATOM   983  C CG2 . ILE A 1 125 ? 6.790   -5.896  4.312   1.00 27.35 ? 122 ILE A CG2 1 
ATOM   984  C CD1 . ILE A 1 125 ? 6.173   -6.803  1.362   1.00 31.23 ? 122 ILE A CD1 1 
ATOM   985  N N   . ASP A 1 126 ? 5.388   -7.790  7.373   1.00 27.53 ? 123 ASP A N   1 
ATOM   986  C CA  . ASP A 1 126 ? 4.901   -7.116  8.586   1.00 25.85 ? 123 ASP A CA  1 
ATOM   987  C C   . ASP A 1 126 ? 5.724   -5.906  8.942   1.00 23.54 ? 123 ASP A C   1 
ATOM   988  O O   . ASP A 1 126 ? 6.686   -6.004  9.750   1.00 24.37 ? 123 ASP A O   1 
ATOM   989  C CB  . ASP A 1 126 ? 4.942   -8.143  9.704   1.00 28.02 ? 123 ASP A CB  1 
ATOM   990  C CG  . ASP A 1 126 ? 4.232   -7.756  10.981  1.00 29.12 ? 123 ASP A CG  1 
ATOM   991  O OD1 . ASP A 1 126 ? 3.842   -6.588  11.229  1.00 30.36 ? 123 ASP A OD1 1 
ATOM   992  O OD2 . ASP A 1 126 ? 4.131   -8.774  11.713  1.00 32.83 ? 123 ASP A OD2 1 
ATOM   993  N N   . LEU A 1 127 ? 5.373   -4.716  8.523   1.00 20.15 ? 124 LEU A N   1 
ATOM   994  C CA  . LEU A 1 127 ? 6.156   -3.513  8.619   1.00 18.94 ? 124 LEU A CA  1 
ATOM   995  C C   . LEU A 1 127 ? 6.220   -3.060  10.092  1.00 20.04 ? 124 LEU A C   1 
ATOM   996  O O   . LEU A 1 127 ? 7.214   -2.540  10.494  1.00 20.89 ? 124 LEU A O   1 
ATOM   997  C CB  . LEU A 1 127 ? 5.650   -2.392  7.744   1.00 21.86 ? 124 LEU A CB  1 
ATOM   998  C CG  . LEU A 1 127 ? 5.853   -2.532  6.239   1.00 22.05 ? 124 LEU A CG  1 
ATOM   999  C CD1 . LEU A 1 127 ? 5.240   -1.298  5.539   1.00 15.74 ? 124 LEU A CD1 1 
ATOM   1000 C CD2 . LEU A 1 127 ? 7.356   -2.629  5.938   1.00 23.99 ? 124 LEU A CD2 1 
ATOM   1001 N N   . LEU A 1 128 ? 5.037   -3.121  10.720  1.00 20.05 ? 125 LEU A N   1 
ATOM   1002 C CA  . LEU A 1 128 ? 5.081   -2.724  12.150  1.00 22.72 ? 125 LEU A CA  1 
ATOM   1003 C C   . LEU A 1 128 ? 6.096   -3.489  13.024  1.00 20.47 ? 125 LEU A C   1 
ATOM   1004 O O   . LEU A 1 128 ? 7.017   -2.945  13.636  1.00 22.18 ? 125 LEU A O   1 
ATOM   1005 C CB  . LEU A 1 128 ? 3.604   -2.855  12.606  1.00 24.10 ? 125 LEU A CB  1 
ATOM   1006 C CG  . LEU A 1 128 ? 3.416   -2.273  14.035  1.00 24.46 ? 125 LEU A CG  1 
ATOM   1007 C CD1 . LEU A 1 128 ? 3.734   -0.791  13.996  1.00 26.26 ? 125 LEU A CD1 1 
ATOM   1008 C CD2 . LEU A 1 128 ? 1.960   -2.501  14.424  1.00 25.59 ? 125 LEU A CD2 1 
ATOM   1009 N N   . SER A 1 129 ? 5.947   -4.829  12.945  1.00 22.68 ? 126 SER A N   1 
ATOM   1010 C CA  . SER A 1 129 ? 6.858   -5.730  13.686  1.00 24.51 ? 126 SER A CA  1 
ATOM   1011 C C   . SER A 1 129 ? 8.328   -5.420  13.353  1.00 24.37 ? 126 SER A C   1 
ATOM   1012 O O   . SER A 1 129 ? 9.162   -5.250  14.242  1.00 23.11 ? 126 SER A O   1 
ATOM   1013 C CB  . SER A 1 129 ? 6.592   -7.192  13.331  1.00 27.50 ? 126 SER A CB  1 
ATOM   1014 O OG  . SER A 1 129 ? 5.356   -7.592  13.921  1.00 34.15 ? 126 SER A OG  1 
ATOM   1015 N N   . ILE A 1 130 ? 8.583   -5.361  12.019  1.00 21.55 ? 127 ILE A N   1 
ATOM   1016 C CA  . ILE A 1 130 ? 9.949   -4.979  11.613  1.00 21.58 ? 127 ILE A CA  1 
ATOM   1017 C C   . ILE A 1 130 ? 10.383  -3.681  12.264  1.00 23.05 ? 127 ILE A C   1 
ATOM   1018 O O   . ILE A 1 130 ? 11.539  -3.622  12.751  1.00 24.70 ? 127 ILE A O   1 
ATOM   1019 C CB  . ILE A 1 130 ? 10.036  -4.715  10.091  1.00 23.66 ? 127 ILE A CB  1 
ATOM   1020 C CG1 . ILE A 1 130 ? 10.004  -5.984  9.243   1.00 26.49 ? 127 ILE A CG1 1 
ATOM   1021 C CG2 . ILE A 1 130 ? 11.237  -3.903  9.690   1.00 21.34 ? 127 ILE A CG2 1 
ATOM   1022 C CD1 . ILE A 1 130 ? 9.345   -5.675  7.891   1.00 27.85 ? 127 ILE A CD1 1 
ATOM   1023 N N   . LEU A 1 131 ? 9.643   -2.583  12.142  1.00 17.31 ? 128 LEU A N   1 
ATOM   1024 C CA  . LEU A 1 131 ? 10.006  -1.324  12.732  1.00 16.49 ? 128 LEU A CA  1 
ATOM   1025 C C   . LEU A 1 131 ? 10.135  -1.474  14.268  1.00 17.94 ? 128 LEU A C   1 
ATOM   1026 O O   . LEU A 1 131 ? 11.089  -0.907  14.842  1.00 19.15 ? 128 LEU A O   1 
ATOM   1027 C CB  . LEU A 1 131 ? 8.958   -0.282  12.324  1.00 18.39 ? 128 LEU A CB  1 
ATOM   1028 C CG  . LEU A 1 131 ? 8.924   -0.002  10.803  1.00 20.97 ? 128 LEU A CG  1 
ATOM   1029 C CD1 . LEU A 1 131 ? 7.819   1.001   10.411  1.00 21.43 ? 128 LEU A CD1 1 
ATOM   1030 C CD2 . LEU A 1 131 ? 10.261  0.589   10.363  1.00 18.94 ? 128 LEU A CD2 1 
ATOM   1031 N N   . GLN A 1 132 ? 9.200   -2.175  14.870  1.00 21.40 ? 129 GLN A N   1 
ATOM   1032 C CA  . GLN A 1 132 ? 9.270   -2.226  16.341  1.00 27.15 ? 129 GLN A CA  1 
ATOM   1033 C C   . GLN A 1 132 ? 10.591  -2.833  16.882  1.00 29.97 ? 129 GLN A C   1 
ATOM   1034 O O   . GLN A 1 132 ? 11.195  -2.513  17.892  1.00 30.92 ? 129 GLN A O   1 
ATOM   1035 C CB  . GLN A 1 132 ? 8.120   -3.014  16.949  1.00 30.82 ? 129 GLN A CB  1 
ATOM   1036 C CG  . GLN A 1 132 ? 6.698   -2.687  16.608  1.00 37.83 ? 129 GLN A CG  1 
ATOM   1037 C CD  . GLN A 1 132 ? 6.256   -1.253  16.768  1.00 41.65 ? 129 GLN A CD  1 
ATOM   1038 O OE1 . GLN A 1 132 ? 5.935   -0.813  17.879  1.00 41.49 ? 129 GLN A OE1 1 
ATOM   1039 N NE2 . GLN A 1 132 ? 6.227   -0.538  15.630  1.00 42.30 ? 129 GLN A NE2 1 
ATOM   1040 N N   . GLY A 1 133 ? 11.001  -3.835  16.103  1.00 28.02 ? 130 GLY A N   1 
ATOM   1041 C CA  . GLY A 1 133 ? 12.204  -4.608  16.254  1.00 27.57 ? 130 GLY A CA  1 
ATOM   1042 C C   . GLY A 1 133 ? 13.448  -3.752  16.166  1.00 26.73 ? 130 GLY A C   1 
ATOM   1043 O O   . GLY A 1 133 ? 14.448  -4.055  16.847  1.00 27.75 ? 130 GLY A O   1 
ATOM   1044 N N   . ALA A 1 134 ? 13.455  -2.655  15.438  1.00 22.37 ? 131 ALA A N   1 
ATOM   1045 C CA  . ALA A 1 134 ? 14.476  -1.664  15.457  1.00 21.95 ? 131 ALA A CA  1 
ATOM   1046 C C   . ALA A 1 134 ? 14.203  -0.512  16.434  1.00 18.75 ? 131 ALA A C   1 
ATOM   1047 O O   . ALA A 1 134 ? 14.778  0.526   16.232  1.00 22.71 ? 131 ALA A O   1 
ATOM   1048 C CB  . ALA A 1 134 ? 14.647  -1.114  14.046  1.00 26.03 ? 131 ALA A CB  1 
ATOM   1049 N N   . ASP A 1 135 ? 13.215  -0.742  17.315  1.00 22.11 ? 132 ASP A N   1 
ATOM   1050 C CA  . ASP A 1 135 ? 12.879  0.298   18.322  1.00 22.10 ? 132 ASP A CA  1 
ATOM   1051 C C   . ASP A 1 135 ? 12.281  1.490   17.630  1.00 21.42 ? 132 ASP A C   1 
ATOM   1052 O O   . ASP A 1 135 ? 12.596  2.632   17.984  1.00 20.62 ? 132 ASP A O   1 
ATOM   1053 C CB  . ASP A 1 135 ? 14.125  0.610   19.172  1.00 23.43 ? 132 ASP A CB  1 
ATOM   1054 C CG  . ASP A 1 135 ? 13.775  1.290   20.508  1.00 24.47 ? 132 ASP A CG  1 
ATOM   1055 O OD1 . ASP A 1 135 ? 14.461  2.192   20.998  1.00 25.35 ? 132 ASP A OD1 1 
ATOM   1056 O OD2 . ASP A 1 135 ? 12.736  0.850   21.027  1.00 24.24 ? 132 ASP A OD2 1 
ATOM   1057 N N   . ILE A 1 136 ? 11.518  1.239   16.524  1.00 18.12 ? 133 ILE A N   1 
ATOM   1058 C CA  . ILE A 1 136 ? 10.892  2.416   15.861  1.00 18.47 ? 133 ILE A CA  1 
ATOM   1059 C C   . ILE A 1 136 ? 9.380   2.223   16.006  1.00 18.37 ? 133 ILE A C   1 
ATOM   1060 O O   . ILE A 1 136 ? 8.872   1.166   15.745  1.00 18.71 ? 133 ILE A O   1 
ATOM   1061 C CB  . ILE A 1 136 ? 11.308  2.526   14.385  1.00 19.53 ? 133 ILE A CB  1 
ATOM   1062 C CG1 . ILE A 1 136 ? 12.776  2.984   14.317  1.00 20.73 ? 133 ILE A CG1 1 
ATOM   1063 C CG2 . ILE A 1 136 ? 10.493  3.607   13.664  1.00 19.74 ? 133 ILE A CG2 1 
ATOM   1064 C CD1 . ILE A 1 136 ? 13.345  2.801   12.929  1.00 22.28 ? 133 ILE A CD1 1 
ATOM   1065 N N   . HIS A 1 137 ? 8.767   3.176   16.776  1.00 21.02 ? 134 HIS A N   1 
ATOM   1066 C CA  . HIS A 1 137 ? 7.385   2.962   17.269  1.00 18.92 ? 134 HIS A CA  1 
ATOM   1067 C C   . HIS A 1 137 ? 6.523   4.170   16.903  1.00 14.88 ? 134 HIS A C   1 
ATOM   1068 O O   . HIS A 1 137 ? 6.982   5.286   16.800  1.00 17.49 ? 134 HIS A O   1 
ATOM   1069 C CB  . HIS A 1 137 ? 7.380   3.041   18.838  1.00 20.76 ? 134 HIS A CB  1 
ATOM   1070 C CG  . HIS A 1 137 ? 8.313   2.000   19.375  1.00 20.07 ? 134 HIS A CG  1 
ATOM   1071 N ND1 . HIS A 1 137 ? 9.555   2.288   19.901  1.00 21.98 ? 134 HIS A ND1 1 
ATOM   1072 C CD2 . HIS A 1 137 ? 8.130   0.657   19.340  1.00 18.96 ? 134 HIS A CD2 1 
ATOM   1073 C CE1 . HIS A 1 137 ? 10.070  1.099   20.233  1.00 20.54 ? 134 HIS A CE1 1 
ATOM   1074 N NE2 . HIS A 1 137 ? 9.277   0.118   19.909  1.00 22.87 ? 134 HIS A NE2 1 
ATOM   1075 N N   . PRO A 1 138 ? 5.225   3.857   16.657  1.00 15.79 ? 135 PRO A N   1 
ATOM   1076 C CA  . PRO A 1 138 ? 4.320   4.962   16.367  1.00 17.98 ? 135 PRO A CA  1 
ATOM   1077 C C   . PRO A 1 138 ? 3.996   5.721   17.665  1.00 20.46 ? 135 PRO A C   1 
ATOM   1078 O O   . PRO A 1 138 ? 2.805   5.651   18.070  1.00 22.02 ? 135 PRO A O   1 
ATOM   1079 C CB  . PRO A 1 138 ? 3.119   4.207   15.816  1.00 16.88 ? 135 PRO A CB  1 
ATOM   1080 C CG  . PRO A 1 138 ? 3.099   2.856   16.437  1.00 17.90 ? 135 PRO A CG  1 
ATOM   1081 C CD  . PRO A 1 138 ? 4.585   2.556   16.790  1.00 14.85 ? 135 PRO A CD  1 
ATOM   1082 N N   . ASP A 1 139 ? 4.918   6.502   18.140  1.00 19.37 ? 136 ASP A N   1 
ATOM   1083 C CA  . ASP A 1 139 ? 4.734   7.101   19.504  1.00 20.88 ? 136 ASP A CA  1 
ATOM   1084 C C   . ASP A 1 139 ? 4.915   8.572   19.377  1.00 19.66 ? 136 ASP A C   1 
ATOM   1085 O O   . ASP A 1 139 ? 5.265   9.261   20.353  1.00 21.32 ? 136 ASP A O   1 
ATOM   1086 C CB  . ASP A 1 139 ? 5.778   6.582   20.481  1.00 22.57 ? 136 ASP A CB  1 
ATOM   1087 C CG  . ASP A 1 139 ? 7.215   6.852   20.088  1.00 25.22 ? 136 ASP A CG  1 
ATOM   1088 O OD1 . ASP A 1 139 ? 7.527   7.296   18.966  1.00 20.70 ? 136 ASP A OD1 1 
ATOM   1089 O OD2 . ASP A 1 139 ? 8.070   6.657   20.997  1.00 25.14 ? 136 ASP A OD2 1 
ATOM   1090 N N   . GLY A 1 140 ? 4.782   9.107   18.177  1.00 18.32 ? 137 GLY A N   1 
ATOM   1091 C CA  . GLY A 1 140 ? 5.073   10.460  17.805  1.00 15.98 ? 137 GLY A CA  1 
ATOM   1092 C C   . GLY A 1 140 ? 6.459   11.034  17.865  1.00 21.45 ? 137 GLY A C   1 
ATOM   1093 O O   . GLY A 1 140 ? 6.635   12.242  17.673  1.00 23.07 ? 137 GLY A O   1 
ATOM   1094 N N   . GLU A 1 141 ? 7.511   10.241  18.032  1.00 20.33 ? 138 GLU A N   1 
ATOM   1095 C CA  . GLU A 1 141 ? 8.899   10.672  17.873  1.00 20.47 ? 138 GLU A CA  1 
ATOM   1096 C C   . GLU A 1 141 ? 9.219   11.020  16.412  1.00 21.90 ? 138 GLU A C   1 
ATOM   1097 O O   . GLU A 1 141 ? 8.499   10.418  15.589  1.00 20.49 ? 138 GLU A O   1 
ATOM   1098 C CB  . GLU A 1 141 ? 9.860   9.591   18.364  1.00 20.80 ? 138 GLU A CB  1 
ATOM   1099 C CG  . GLU A 1 141 ? 9.707   9.208   19.837  1.00 22.89 ? 138 GLU A CG  1 
ATOM   1100 C CD  . GLU A 1 141 ? 10.658  8.094   20.196  1.00 20.35 ? 138 GLU A CD  1 
ATOM   1101 O OE1 . GLU A 1 141 ? 11.876  8.308   20.025  1.00 26.04 ? 138 GLU A OE1 1 
ATOM   1102 O OE2 . GLU A 1 141 ? 10.395  6.953   20.544  1.00 20.63 ? 138 GLU A OE2 1 
ATOM   1103 N N   . SER A 1 142 ? 10.260  11.816  16.195  1.00 23.04 ? 139 SER A N   1 
ATOM   1104 C CA  . SER A 1 142 ? 10.790  11.901  14.822  1.00 25.64 ? 139 SER A CA  1 
ATOM   1105 C C   . SER A 1 142 ? 11.951  10.892  14.680  1.00 24.67 ? 139 SER A C   1 
ATOM   1106 O O   . SER A 1 142 ? 12.724  10.731  15.612  1.00 22.31 ? 139 SER A O   1 
ATOM   1107 C CB  . SER A 1 142 ? 11.356  13.310  14.625  1.00 29.08 ? 139 SER A CB  1 
ATOM   1108 O OG  . SER A 1 142 ? 10.326  14.173  14.156  1.00 35.55 ? 139 SER A OG  1 
ATOM   1109 N N   . TYR A 1 143 ? 12.034  10.203  13.535  1.00 21.38 ? 140 TYR A N   1 
ATOM   1110 C CA  . TYR A 1 143 ? 13.076  9.161   13.374  1.00 21.19 ? 140 TYR A CA  1 
ATOM   1111 C C   . TYR A 1 143 ? 13.839  9.488   12.099  1.00 22.71 ? 140 TYR A C   1 
ATOM   1112 O O   . TYR A 1 143 ? 13.301  10.066  11.165  1.00 19.65 ? 140 TYR A O   1 
ATOM   1113 C CB  . TYR A 1 143 ? 12.448  7.776   13.262  1.00 21.38 ? 140 TYR A CB  1 
ATOM   1114 C CG  . TYR A 1 143 ? 11.696  7.240   14.449  1.00 21.71 ? 140 TYR A CG  1 
ATOM   1115 C CD1 . TYR A 1 143 ? 10.324  7.503   14.689  1.00 21.45 ? 140 TYR A CD1 1 
ATOM   1116 C CD2 . TYR A 1 143 ? 12.345  6.522   15.438  1.00 20.07 ? 140 TYR A CD2 1 
ATOM   1117 C CE1 . TYR A 1 143 ? 9.656   6.990   15.781  1.00 20.82 ? 140 TYR A CE1 1 
ATOM   1118 C CE2 . TYR A 1 143 ? 11.722  5.999   16.552  1.00 19.26 ? 140 TYR A CE2 1 
ATOM   1119 C CZ  . TYR A 1 143 ? 10.361  6.287   16.725  1.00 20.67 ? 140 TYR A CZ  1 
ATOM   1120 O OH  . TYR A 1 143 ? 9.775   5.734   17.820  1.00 19.59 ? 140 TYR A OH  1 
ATOM   1121 N N   . ASP A 1 144 ? 15.141  9.107   12.082  1.00 23.86 ? 141 ASP A N   1 
ATOM   1122 C CA  . ASP A 1 144 ? 15.892  9.472   10.841  1.00 24.58 ? 141 ASP A CA  1 
ATOM   1123 C C   . ASP A 1 144 ? 15.407  8.618   9.689   1.00 20.53 ? 141 ASP A C   1 
ATOM   1124 O O   . ASP A 1 144 ? 15.179  7.421   9.896   1.00 20.48 ? 141 ASP A O   1 
ATOM   1125 C CB  . ASP A 1 144 ? 17.376  9.256   11.152  1.00 29.45 ? 141 ASP A CB  1 
ATOM   1126 C CG  . ASP A 1 144 ? 18.014  10.492  11.720  1.00 34.34 ? 141 ASP A CG  1 
ATOM   1127 O OD1 . ASP A 1 144 ? 19.181  10.336  12.156  1.00 38.95 ? 141 ASP A OD1 1 
ATOM   1128 O OD2 . ASP A 1 144 ? 17.468  11.603  11.797  1.00 35.83 ? 141 ASP A OD2 1 
ATOM   1129 N N   . LEU A 1 145 ? 15.284  9.174   8.503   1.00 22.78 ? 142 LEU A N   1 
ATOM   1130 C CA  . LEU A 1 145 ? 14.731  8.414   7.361   1.00 23.08 ? 142 LEU A CA  1 
ATOM   1131 C C   . LEU A 1 145 ? 15.636  7.223   7.089   1.00 20.09 ? 142 LEU A C   1 
ATOM   1132 O O   . LEU A 1 145 ? 15.137  6.130   6.885   1.00 18.68 ? 142 LEU A O   1 
ATOM   1133 C CB  . LEU A 1 145 ? 14.680  9.340   6.170   1.00 24.93 ? 142 LEU A CB  1 
ATOM   1134 C CG  . LEU A 1 145 ? 13.975  8.927   4.863   1.00 28.73 ? 142 LEU A CG  1 
ATOM   1135 C CD1 . LEU A 1 145 ? 14.957  8.142   3.996   1.00 31.00 ? 142 LEU A CD1 1 
ATOM   1136 C CD2 . LEU A 1 145 ? 12.699  8.114   5.032   1.00 28.06 ? 142 LEU A CD2 1 
ATOM   1137 N N   . VAL A 1 146 ? 16.948  7.466   7.131   1.00 22.74 ? 143 VAL A N   1 
ATOM   1138 C CA  . VAL A 1 146 ? 17.875  6.320   6.915   1.00 23.36 ? 143 VAL A CA  1 
ATOM   1139 C C   . VAL A 1 146 ? 17.675  5.176   7.844   1.00 19.77 ? 143 VAL A C   1 
ATOM   1140 O O   . VAL A 1 146 ? 17.778  3.980   7.439   1.00 20.59 ? 143 VAL A O   1 
ATOM   1141 C CB  . VAL A 1 146 ? 19.342  6.851   6.827   1.00 24.84 ? 143 VAL A CB  1 
ATOM   1142 C CG1 . VAL A 1 146 ? 19.473  8.196   6.143   1.00 27.56 ? 143 VAL A CG1 1 
ATOM   1143 C CG2 . VAL A 1 146 ? 20.042  6.945   8.168   1.00 29.93 ? 143 VAL A CG2 1 
ATOM   1144 N N   . ASN A 1 147 ? 17.330  5.298   9.172   1.00 21.10 ? 144 ASN A N   1 
ATOM   1145 C CA  . ASN A 1 147 ? 17.086  4.171   10.043  1.00 22.72 ? 144 ASN A CA  1 
ATOM   1146 C C   . ASN A 1 147 ? 15.889  3.312   9.690   1.00 19.54 ? 144 ASN A C   1 
ATOM   1147 O O   . ASN A 1 147 ? 15.788  2.105   9.910   1.00 19.97 ? 144 ASN A O   1 
ATOM   1148 C CB  . ASN A 1 147 ? 16.862  4.790   11.473  1.00 26.34 ? 144 ASN A CB  1 
ATOM   1149 C CG  . ASN A 1 147 ? 18.216  5.251   11.973  1.00 32.93 ? 144 ASN A CG  1 
ATOM   1150 O OD1 . ASN A 1 147 ? 19.213  4.579   11.569  1.00 37.33 ? 144 ASN A OD1 1 
ATOM   1151 N ND2 . ASN A 1 147 ? 18.465  6.291   12.718  1.00 34.15 ? 144 ASN A ND2 1 
ATOM   1152 N N   . ILE A 1 148 ? 14.733  3.985   9.455   1.00 19.89 ? 145 ILE A N   1 
ATOM   1153 C CA  . ILE A 1 148 ? 13.566  3.256   8.955   1.00 19.65 ? 145 ILE A CA  1 
ATOM   1154 C C   . ILE A 1 148 ? 13.872  2.488   7.637   1.00 16.23 ? 145 ILE A C   1 
ATOM   1155 O O   . ILE A 1 148 ? 13.428  1.365   7.543   1.00 20.47 ? 145 ILE A O   1 
ATOM   1156 C CB  . ILE A 1 148 ? 12.412  4.204   8.715   1.00 22.33 ? 145 ILE A CB  1 
ATOM   1157 C CG1 . ILE A 1 148 ? 11.978  4.930   10.017  1.00 22.47 ? 145 ILE A CG1 1 
ATOM   1158 C CG2 . ILE A 1 148 ? 11.207  3.430   8.220   1.00 20.32 ? 145 ILE A CG2 1 
ATOM   1159 C CD1 . ILE A 1 148 ? 11.279  6.234   9.677   1.00 26.54 ? 145 ILE A CD1 1 
ATOM   1160 N N   . ARG A 1 149 ? 14.373  3.200   6.644   1.00 19.57 ? 146 ARG A N   1 
ATOM   1161 C CA  . ARG A 1 149 ? 14.886  2.505   5.412   1.00 21.52 ? 146 ARG A CA  1 
ATOM   1162 C C   . ARG A 1 149 ? 15.741  1.333   5.755   1.00 21.53 ? 146 ARG A C   1 
ATOM   1163 O O   . ARG A 1 149 ? 15.412  0.241   5.224   1.00 21.66 ? 146 ARG A O   1 
ATOM   1164 C CB  . ARG A 1 149 ? 15.460  3.562   4.471   1.00 23.74 ? 146 ARG A CB  1 
ATOM   1165 C CG  . ARG A 1 149 ? 15.648  3.041   3.047   1.00 27.40 ? 146 ARG A CG  1 
ATOM   1166 C CD  . ARG A 1 149 ? 16.308  4.034   2.098   1.00 33.06 ? 146 ARG A CD  1 
ATOM   1167 N NE  . ARG A 1 149 ? 17.738  4.147   2.402   1.00 35.01 ? 146 ARG A NE  1 
ATOM   1168 C CZ  . ARG A 1 149 ? 18.299  5.373   2.377   1.00 38.14 ? 146 ARG A CZ  1 
ATOM   1169 N NH1 . ARG A 1 149 ? 17.519  6.397   2.009   1.00 36.00 ? 146 ARG A NH1 1 
ATOM   1170 N NH2 . ARG A 1 149 ? 19.576  5.543   2.678   1.00 36.69 ? 146 ARG A NH2 1 
ATOM   1171 N N   . ASN A 1 150 ? 16.895  1.435   6.386   1.00 23.11 ? 147 ASN A N   1 
ATOM   1172 C CA  . ASN A 1 150 ? 17.784  0.343   6.729   1.00 22.87 ? 147 ASN A CA  1 
ATOM   1173 C C   . ASN A 1 150 ? 17.132  -0.713  7.543   1.00 21.70 ? 147 ASN A C   1 
ATOM   1174 O O   . ASN A 1 150 ? 17.311  -1.925  7.324   1.00 20.70 ? 147 ASN A O   1 
ATOM   1175 C CB  . ASN A 1 150 ? 18.991  0.879   7.532   1.00 26.63 ? 147 ASN A CB  1 
ATOM   1176 C CG  . ASN A 1 150 ? 19.849  1.789   6.676   1.00 29.64 ? 147 ASN A CG  1 
ATOM   1177 O OD1 . ASN A 1 150 ? 19.716  1.840   5.447   1.00 33.87 ? 147 ASN A OD1 1 
ATOM   1178 N ND2 . ASN A 1 150 ? 20.786  2.502   7.286   1.00 34.02 ? 147 ASN A ND2 1 
ATOM   1179 N N   . ALA A 1 151 ? 16.156  -0.336  8.455   1.00 17.95 ? 148 ALA A N   1 
ATOM   1180 C CA  . ALA A 1 151 ? 15.534  -1.441  9.182   1.00 18.31 ? 148 ALA A CA  1 
ATOM   1181 C C   . ALA A 1 151 ? 14.731  -2.384  8.302   1.00 16.80 ? 148 ALA A C   1 
ATOM   1182 O O   . ALA A 1 151 ? 14.621  -3.572  8.507   1.00 20.38 ? 148 ALA A O   1 
ATOM   1183 C CB  . ALA A 1 151 ? 14.630  -0.883  10.277  1.00 21.63 ? 148 ALA A CB  1 
ATOM   1184 N N   . ILE A 1 152 ? 13.961  -1.816  7.352   1.00 17.34 ? 149 ILE A N   1 
ATOM   1185 C CA  . ILE A 1 152 ? 13.158  -2.593  6.432   1.00 17.93 ? 149 ILE A CA  1 
ATOM   1186 C C   . ILE A 1 152 ? 14.153  -3.353  5.471   1.00 17.28 ? 149 ILE A C   1 
ATOM   1187 O O   . ILE A 1 152 ? 13.858  -4.527  5.332   1.00 20.05 ? 149 ILE A O   1 
ATOM   1188 C CB  . ILE A 1 152 ? 12.214  -1.700  5.611   1.00 17.86 ? 149 ILE A CB  1 
ATOM   1189 C CG1 . ILE A 1 152 ? 11.135  -1.165  6.622   1.00 21.33 ? 149 ILE A CG1 1 
ATOM   1190 C CG2 . ILE A 1 152 ? 11.498  -2.536  4.544   1.00 19.22 ? 149 ILE A CG2 1 
ATOM   1191 C CD1 . ILE A 1 152 ? 10.396  0.101   6.143   1.00 20.66 ? 149 ILE A CD1 1 
ATOM   1192 N N   . LYS A 1 153 ? 15.097  -2.572  5.022   1.00 19.37 ? 150 LYS A N   1 
ATOM   1193 C CA  . LYS A 1 153 ? 16.011  -3.268  4.027   1.00 23.10 ? 150 LYS A CA  1 
ATOM   1194 C C   . LYS A 1 153 ? 16.736  -4.421  4.673   1.00 23.51 ? 150 LYS A C   1 
ATOM   1195 O O   . LYS A 1 153 ? 16.736  -5.556  4.184   1.00 24.14 ? 150 LYS A O   1 
ATOM   1196 C CB  . LYS A 1 153 ? 16.955  -2.211  3.493   1.00 25.87 ? 150 LYS A CB  1 
ATOM   1197 C CG  . LYS A 1 153 ? 17.664  -2.794  2.276   1.00 32.24 ? 150 LYS A CG  1 
ATOM   1198 C CD  . LYS A 1 153 ? 18.907  -2.044  1.842   1.00 34.79 ? 150 LYS A CD  1 
ATOM   1199 C CE  . LYS A 1 153 ? 19.741  -3.016  0.986   1.00 38.37 ? 150 LYS A CE  1 
ATOM   1200 N NZ  . LYS A 1 153 ? 18.921  -3.763  -0.024  1.00 41.78 ? 150 LYS A NZ  1 
ATOM   1201 N N   . SER A 1 154 ? 17.250  -4.256  5.923   1.00 24.78 ? 151 SER A N   1 
ATOM   1202 C CA  . SER A 1 154 ? 17.845  -5.385  6.626   1.00 25.70 ? 151 SER A CA  1 
ATOM   1203 C C   . SER A 1 154 ? 16.868  -6.504  6.813   1.00 25.85 ? 151 SER A C   1 
ATOM   1204 O O   . SER A 1 154 ? 17.305  -7.664  6.784   1.00 27.14 ? 151 SER A O   1 
ATOM   1205 C CB  . SER A 1 154 ? 18.383  -5.095  8.057   1.00 28.87 ? 151 SER A CB  1 
ATOM   1206 O OG  . SER A 1 154 ? 19.486  -4.235  7.831   1.00 34.09 ? 151 SER A OG  1 
ATOM   1207 N N   . ALA A 1 155 ? 15.562  -6.264  7.075   1.00 22.34 ? 152 ALA A N   1 
ATOM   1208 C CA  . ALA A 1 155 ? 14.697  -7.368  7.345   1.00 22.09 ? 152 ALA A CA  1 
ATOM   1209 C C   . ALA A 1 155 ? 14.220  -8.055  6.038   1.00 21.70 ? 152 ALA A C   1 
ATOM   1210 O O   . ALA A 1 155 ? 14.112  -9.281  6.116   1.00 25.90 ? 152 ALA A O   1 
ATOM   1211 C CB  . ALA A 1 155 ? 13.423  -6.942  8.078   1.00 23.91 ? 152 ALA A CB  1 
ATOM   1212 N N   . ILE A 1 156 ? 13.999  -7.267  4.983   1.00 21.26 ? 153 ILE A N   1 
ATOM   1213 C CA  . ILE A 1 156 ? 13.356  -7.981  3.863   1.00 24.65 ? 153 ILE A CA  1 
ATOM   1214 C C   . ILE A 1 156 ? 14.440  -8.218  2.823   1.00 23.16 ? 153 ILE A C   1 
ATOM   1215 O O   . ILE A 1 156 ? 14.121  -8.989  1.898   1.00 25.51 ? 153 ILE A O   1 
ATOM   1216 C CB  . ILE A 1 156 ? 12.094  -7.311  3.277   1.00 26.18 ? 153 ILE A CB  1 
ATOM   1217 C CG1 . ILE A 1 156 ? 12.436  -5.968  2.665   1.00 26.44 ? 153 ILE A CG1 1 
ATOM   1218 C CG2 . ILE A 1 156 ? 11.098  -7.113  4.427   1.00 28.22 ? 153 ILE A CG2 1 
ATOM   1219 C CD1 . ILE A 1 156 ? 11.311  -5.464  1.728   1.00 29.83 ? 153 ILE A CD1 1 
ATOM   1220 N N   . GLY A 1 157 ? 15.478  -7.469  2.807   1.00 21.98 ? 154 GLY A N   1 
ATOM   1221 C CA  . GLY A 1 157 ? 16.561  -7.685  1.855   1.00 23.94 ? 154 GLY A CA  1 
ATOM   1222 C C   . GLY A 1 157 ? 16.467  -6.864  0.626   1.00 25.96 ? 154 GLY A C   1 
ATOM   1223 O O   . GLY A 1 157 ? 17.284  -7.000  -0.283  1.00 24.84 ? 154 GLY A O   1 
ATOM   1224 N N   . TYR A 1 158 ? 15.429  -6.038  0.460   1.00 21.39 ? 155 TYR A N   1 
ATOM   1225 C CA  . TYR A 1 158 ? 15.251  -5.125  -0.653  1.00 21.57 ? 155 TYR A CA  1 
ATOM   1226 C C   . TYR A 1 158 ? 14.928  -3.723  -0.133  1.00 22.58 ? 155 TYR A C   1 
ATOM   1227 O O   . TYR A 1 158 ? 14.431  -3.673  0.998   1.00 23.03 ? 155 TYR A O   1 
ATOM   1228 C CB  . TYR A 1 158 ? 14.106  -5.622  -1.548  1.00 24.57 ? 155 TYR A CB  1 
ATOM   1229 C CG  . TYR A 1 158 ? 14.370  -7.024  -2.104  1.00 24.15 ? 155 TYR A CG  1 
ATOM   1230 C CD1 . TYR A 1 158 ? 13.892  -8.128  -1.447  1.00 23.07 ? 155 TYR A CD1 1 
ATOM   1231 C CD2 . TYR A 1 158 ? 15.138  -7.222  -3.233  1.00 29.17 ? 155 TYR A CD2 1 
ATOM   1232 C CE1 . TYR A 1 158 ? 14.138  -9.413  -1.888  1.00 29.62 ? 155 TYR A CE1 1 
ATOM   1233 C CE2 . TYR A 1 158 ? 15.363  -8.514  -3.705  1.00 29.31 ? 155 TYR A CE2 1 
ATOM   1234 C CZ  . TYR A 1 158 ? 14.869  -9.590  -3.047  1.00 29.98 ? 155 TYR A CZ  1 
ATOM   1235 O OH  . TYR A 1 158 ? 15.104  -10.877 -3.490  1.00 35.88 ? 155 TYR A OH  1 
ATOM   1236 N N   . THR A 1 159 ? 15.270  -2.724  -0.912  1.00 20.41 ? 156 THR A N   1 
ATOM   1237 C CA  . THR A 1 159 ? 15.133  -1.366  -0.404  1.00 22.97 ? 156 THR A CA  1 
ATOM   1238 C C   . THR A 1 159 ? 13.686  -0.925  -0.652  1.00 22.24 ? 156 THR A C   1 
ATOM   1239 O O   . THR A 1 159 ? 13.225  -1.033  -1.792  1.00 20.35 ? 156 THR A O   1 
ATOM   1240 C CB  . THR A 1 159 ? 16.089  -0.436  -1.107  1.00 23.39 ? 156 THR A CB  1 
ATOM   1241 O OG1 . THR A 1 159 ? 17.393  -1.087  -1.028  1.00 28.17 ? 156 THR A OG1 1 
ATOM   1242 C CG2 . THR A 1 159 ? 16.172  0.924   -0.444  1.00 23.95 ? 156 THR A CG2 1 
ATOM   1243 N N   . PRO A 1 160 ? 13.017  -0.500  0.409   1.00 22.49 ? 157 PRO A N   1 
ATOM   1244 C CA  . PRO A 1 160 ? 11.686  0.066   0.210   1.00 22.21 ? 157 PRO A CA  1 
ATOM   1245 C C   . PRO A 1 160 ? 11.793  1.491   -0.268  1.00 20.10 ? 157 PRO A C   1 
ATOM   1246 O O   . PRO A 1 160 ? 12.813  2.158   -0.093  1.00 20.16 ? 157 PRO A O   1 
ATOM   1247 C CB  . PRO A 1 160 ? 11.119  -0.041  1.647   1.00 19.32 ? 157 PRO A CB  1 
ATOM   1248 C CG  . PRO A 1 160 ? 12.313  0.320   2.483   1.00 20.66 ? 157 PRO A CG  1 
ATOM   1249 C CD  . PRO A 1 160 ? 13.519  -0.336  1.798   1.00 20.88 ? 157 PRO A CD  1 
ATOM   1250 N N   . TRP A 1 161 ? 10.635  2.078   -0.611  1.00 19.36 ? 158 TRP A N   1 
ATOM   1251 C CA  . TRP A 1 161 ? 10.585  3.499   -0.884  1.00 18.63 ? 158 TRP A CA  1 
ATOM   1252 C C   . TRP A 1 161 ? 9.522   4.121   0.170   1.00 17.62 ? 158 TRP A C   1 
ATOM   1253 O O   . TRP A 1 161 ? 8.506   3.482   0.253   1.00 19.62 ? 158 TRP A O   1 
ATOM   1254 C CB  . TRP A 1 161 ? 10.122  3.902   -2.254  1.00 22.50 ? 158 TRP A CB  1 
ATOM   1255 C CG  . TRP A 1 161 ? 9.818   5.330   -2.499  1.00 27.87 ? 158 TRP A CG  1 
ATOM   1256 C CD1 . TRP A 1 161 ? 8.502   5.829   -2.542  1.00 28.02 ? 158 TRP A CD1 1 
ATOM   1257 C CD2 . TRP A 1 161 ? 10.663  6.457   -2.671  1.00 30.89 ? 158 TRP A CD2 1 
ATOM   1258 N NE1 . TRP A 1 161 ? 8.529   7.172   -2.737  1.00 32.03 ? 158 TRP A NE1 1 
ATOM   1259 C CE2 . TRP A 1 161 ? 9.833   7.586   -2.838  1.00 32.02 ? 158 TRP A CE2 1 
ATOM   1260 C CE3 . TRP A 1 161 ? 12.038  6.634   -2.756  1.00 34.58 ? 158 TRP A CE3 1 
ATOM   1261 C CZ2 . TRP A 1 161 ? 10.333  8.870   -3.060  1.00 34.23 ? 158 TRP A CZ2 1 
ATOM   1262 C CZ3 . TRP A 1 161 ? 12.553  7.910   -2.956  1.00 37.62 ? 158 TRP A CZ3 1 
ATOM   1263 C CH2 . TRP A 1 161 ? 11.690  9.006   -3.132  1.00 36.89 ? 158 TRP A CH2 1 
ATOM   1264 N N   . ILE A 1 162 ? 10.014  5.137   0.822   1.00 19.94 ? 159 ILE A N   1 
ATOM   1265 C CA  . ILE A 1 162 ? 9.188   5.787   1.862   1.00 19.31 ? 159 ILE A CA  1 
ATOM   1266 C C   . ILE A 1 162 ? 8.607   7.064   1.293   1.00 18.02 ? 159 ILE A C   1 
ATOM   1267 O O   . ILE A 1 162 ? 9.262   8.001   0.817   1.00 20.02 ? 159 ILE A O   1 
ATOM   1268 C CB  . ILE A 1 162 ? 10.061  6.123   3.090   1.00 21.91 ? 159 ILE A CB  1 
ATOM   1269 C CG1 . ILE A 1 162 ? 10.754  4.892   3.659   1.00 23.18 ? 159 ILE A CG1 1 
ATOM   1270 C CG2 . ILE A 1 162 ? 9.220   6.822   4.147   1.00 23.04 ? 159 ILE A CG2 1 
ATOM   1271 C CD1 . ILE A 1 162 ? 9.995   3.598   3.796   1.00 28.01 ? 159 ILE A CD1 1 
ATOM   1272 N N   . GLN A 1 163 ? 7.220   7.171   1.412   1.00 19.36 ? 160 GLN A N   1 
ATOM   1273 C CA  . GLN A 1 163 ? 6.601   8.416   0.958   1.00 17.86 ? 160 GLN A CA  1 
ATOM   1274 C C   . GLN A 1 163 ? 6.026   9.163   2.241   1.00 16.58 ? 160 GLN A C   1 
ATOM   1275 O O   . GLN A 1 163 ? 5.554   8.332   3.033   1.00 17.17 ? 160 GLN A O   1 
ATOM   1276 C CB  . GLN A 1 163 ? 5.404   7.936   0.149   1.00 20.19 ? 160 GLN A CB  1 
ATOM   1277 C CG  . GLN A 1 163 ? 4.608   9.064   -0.436  1.00 24.13 ? 160 GLN A CG  1 
ATOM   1278 C CD  . GLN A 1 163 ? 3.432   8.703   -1.300  1.00 27.90 ? 160 GLN A CD  1 
ATOM   1279 O OE1 . GLN A 1 163 ? 3.052   9.661   -2.040  1.00 34.34 ? 160 GLN A OE1 1 
ATOM   1280 N NE2 . GLN A 1 163 ? 2.844   7.523   -1.296  1.00 26.34 ? 160 GLN A NE2 1 
ATOM   1281 N N   . CYS A 1 164 ? 6.247   10.422  2.178   1.00 17.85 ? 161 CYS A N   1 
ATOM   1282 C CA  . CYS A 1 164 ? 5.875   11.180  3.417   1.00 20.67 ? 161 CYS A CA  1 
ATOM   1283 C C   . CYS A 1 164 ? 4.638   11.998  2.992   1.00 22.64 ? 161 CYS A C   1 
ATOM   1284 O O   . CYS A 1 164 ? 4.448   12.217  1.800   1.00 24.38 ? 161 CYS A O   1 
ATOM   1285 C CB  . CYS A 1 164 ? 7.027   12.070  3.820   1.00 20.11 ? 161 CYS A CB  1 
ATOM   1286 S SG  . CYS A 1 164 ? 8.270   10.985  4.549   1.00 18.35 ? 161 CYS A SG  1 
ATOM   1287 N N   . ASN A 1 165 ? 3.851   12.445  3.967   1.00 21.86 ? 162 ASN A N   1 
ATOM   1288 C CA  . ASN A 1 165 ? 2.934   13.565  3.687   1.00 21.66 ? 162 ASN A CA  1 
ATOM   1289 C C   . ASN A 1 165 ? 3.211   14.542  4.864   1.00 23.37 ? 162 ASN A C   1 
ATOM   1290 O O   . ASN A 1 165 ? 4.216   14.435  5.577   1.00 24.59 ? 162 ASN A O   1 
ATOM   1291 C CB  . ASN A 1 165 ? 1.464   13.222  3.498   1.00 21.39 ? 162 ASN A CB  1 
ATOM   1292 C CG  . ASN A 1 165 ? 0.830   12.570  4.714   1.00 21.32 ? 162 ASN A CG  1 
ATOM   1293 O OD1 . ASN A 1 165 ? -0.371  12.248  4.708   1.00 24.06 ? 162 ASN A OD1 1 
ATOM   1294 N ND2 . ASN A 1 165 ? 1.577   12.247  5.743   1.00 15.63 ? 162 ASN A ND2 1 
ATOM   1295 N N   . VAL A 1 166 ? 2.258   15.495  4.931   1.00 22.60 ? 163 VAL A N   1 
ATOM   1296 C CA  . VAL A 1 166 ? 2.494   16.471  6.056   1.00 28.05 ? 163 VAL A CA  1 
ATOM   1297 C C   . VAL A 1 166 ? 1.310   16.539  6.986   1.00 27.88 ? 163 VAL A C   1 
ATOM   1298 O O   . VAL A 1 166 ? 0.180   16.364  6.553   1.00 28.85 ? 163 VAL A O   1 
ATOM   1299 C CB  . VAL A 1 166 ? 2.875   17.756  5.324   1.00 31.71 ? 163 VAL A CB  1 
ATOM   1300 C CG1 . VAL A 1 166 ? 2.101   18.966  5.753   1.00 33.50 ? 163 VAL A CG1 1 
ATOM   1301 C CG2 . VAL A 1 166 ? 4.391   17.953  5.455   1.00 33.62 ? 163 VAL A CG2 1 
ATOM   1302 N N   . ASP A 1 167 ? 1.503   16.576  8.304   1.00 27.26 ? 164 ASP A N   1 
ATOM   1303 C CA  . ASP A 1 167 ? 0.343   16.553  9.207   1.00 25.12 ? 164 ASP A CA  1 
ATOM   1304 C C   . ASP A 1 167 ? -0.280  17.942  9.275   1.00 26.33 ? 164 ASP A C   1 
ATOM   1305 O O   . ASP A 1 167 ? 0.166   18.870  8.593   1.00 24.55 ? 164 ASP A O   1 
ATOM   1306 C CB  . ASP A 1 167 ? 0.734   16.083  10.603  1.00 24.99 ? 164 ASP A CB  1 
ATOM   1307 C CG  . ASP A 1 167 ? 1.609   17.008  11.379  1.00 20.65 ? 164 ASP A CG  1 
ATOM   1308 O OD1 . ASP A 1 167 ? 2.160   16.552  12.439  1.00 21.87 ? 164 ASP A OD1 1 
ATOM   1309 O OD2 . ASP A 1 167 ? 1.911   18.191  11.109  1.00 21.77 ? 164 ASP A OD2 1 
ATOM   1310 N N   . GLN A 1 168 ? -1.219  18.111  10.211  1.00 28.53 ? 165 GLN A N   1 
ATOM   1311 C CA  . GLN A 1 168 ? -2.011  19.353  10.200  1.00 31.74 ? 165 GLN A CA  1 
ATOM   1312 C C   . GLN A 1 168 ? -1.123  20.516  10.563  1.00 31.43 ? 165 GLN A C   1 
ATOM   1313 O O   . GLN A 1 168 ? -1.389  21.613  10.083  1.00 32.46 ? 165 GLN A O   1 
ATOM   1314 C CB  . GLN A 1 168 ? -3.183  19.306  11.178  1.00 35.78 ? 165 GLN A CB  1 
ATOM   1315 C CG  . GLN A 1 168 ? -4.369  20.180  10.713  1.00 39.99 ? 165 GLN A CG  1 
ATOM   1316 C CD  . GLN A 1 168 ? -5.350  20.370  11.841  1.00 44.52 ? 165 GLN A CD  1 
ATOM   1317 O OE1 . GLN A 1 168 ? -4.930  20.197  13.004  1.00 47.24 ? 165 GLN A OE1 1 
ATOM   1318 N NE2 . GLN A 1 168 ? -6.577  20.728  11.524  1.00 45.01 ? 165 GLN A NE2 1 
ATOM   1319 N N   . SER A 1 169 ? -0.073  20.317  11.353  1.00 33.86 ? 166 SER A N   1 
ATOM   1320 C CA  . SER A 1 169 ? 0.824   21.394  11.720  1.00 36.75 ? 166 SER A CA  1 
ATOM   1321 C C   . SER A 1 169 ? 1.980   21.596  10.756  1.00 38.79 ? 166 SER A C   1 
ATOM   1322 O O   . SER A 1 169 ? 2.919   22.321  11.132  1.00 40.13 ? 166 SER A O   1 
ATOM   1323 C CB  . SER A 1 169 ? 1.440   21.088  13.087  1.00 39.66 ? 166 SER A CB  1 
ATOM   1324 O OG  . SER A 1 169 ? 0.524   20.399  13.914  1.00 42.49 ? 166 SER A OG  1 
ATOM   1325 N N   . GLY A 1 170 ? 1.995   20.936  9.606   1.00 35.93 ? 167 GLY A N   1 
ATOM   1326 C CA  . GLY A 1 170 ? 2.994   21.078  8.594   1.00 35.79 ? 167 GLY A CA  1 
ATOM   1327 C C   . GLY A 1 170 ? 4.233   20.194  8.748   1.00 36.53 ? 167 GLY A C   1 
ATOM   1328 O O   . GLY A 1 170 ? 5.239   20.405  8.056   1.00 38.75 ? 167 GLY A O   1 
ATOM   1329 N N   . ASN A 1 171 ? 4.188   19.190  9.621   1.00 33.63 ? 168 ASN A N   1 
ATOM   1330 C CA  . ASN A 1 171 ? 5.374   18.392  9.893   1.00 31.46 ? 168 ASN A CA  1 
ATOM   1331 C C   . ASN A 1 171 ? 5.406   17.190  8.939   1.00 30.52 ? 168 ASN A C   1 
ATOM   1332 O O   . ASN A 1 171 ? 4.357   16.608  8.693   1.00 26.92 ? 168 ASN A O   1 
ATOM   1333 C CB  . ASN A 1 171 ? 5.265   17.886  11.321  1.00 33.93 ? 168 ASN A CB  1 
ATOM   1334 C CG  . ASN A 1 171 ? 5.606   19.014  12.298  1.00 35.49 ? 168 ASN A CG  1 
ATOM   1335 O OD1 . ASN A 1 171 ? 4.832   19.151  13.221  1.00 37.90 ? 168 ASN A OD1 1 
ATOM   1336 N ND2 . ASN A 1 171 ? 6.682   19.744  12.067  1.00 36.03 ? 168 ASN A ND2 1 
ATOM   1337 N N   . SER A 1 172 ? 6.586   16.845  8.450   1.00 28.76 ? 169 SER A N   1 
ATOM   1338 C CA  . SER A 1 172 ? 6.698   15.778  7.437   1.00 28.00 ? 169 SER A CA  1 
ATOM   1339 C C   . SER A 1 172 ? 6.689   14.436  8.110   1.00 26.68 ? 169 SER A C   1 
ATOM   1340 O O   . SER A 1 172 ? 7.585   14.294  8.924   1.00 30.24 ? 169 SER A O   1 
ATOM   1341 C CB  . SER A 1 172 ? 8.076   15.881  6.746   1.00 28.77 ? 169 SER A CB  1 
ATOM   1342 O OG  . SER A 1 172 ? 8.232   14.782  5.831   1.00 30.58 ? 169 SER A OG  1 
ATOM   1343 N N   . GLN A 1 173 ? 5.871   13.457  7.897   1.00 23.30 ? 170 GLN A N   1 
ATOM   1344 C CA  . GLN A 1 173 ? 5.710   12.211  8.564   1.00 21.13 ? 170 GLN A CA  1 
ATOM   1345 C C   . GLN A 1 173 ? 5.687   10.967  7.640   1.00 19.69 ? 170 GLN A C   1 
ATOM   1346 O O   . GLN A 1 173 ? 5.346   11.084  6.492   1.00 19.99 ? 170 GLN A O   1 
ATOM   1347 C CB  . GLN A 1 173 ? 4.363   12.151  9.356   1.00 23.88 ? 170 GLN A CB  1 
ATOM   1348 C CG  . GLN A 1 173 ? 3.140   12.280  8.516   1.00 21.04 ? 170 GLN A CG  1 
ATOM   1349 C CD  . GLN A 1 173 ? 1.777   12.603  9.183   1.00 22.59 ? 170 GLN A CD  1 
ATOM   1350 O OE1 . GLN A 1 173 ? 0.800   12.768  8.434   1.00 22.85 ? 170 GLN A OE1 1 
ATOM   1351 N NE2 . GLN A 1 173 ? 1.812   12.673  10.490  1.00 16.03 ? 170 GLN A NE2 1 
ATOM   1352 N N   . LEU A 1 174 ? 5.981   9.833   8.190   1.00 18.83 ? 171 LEU A N   1 
ATOM   1353 C CA  . LEU A 1 174 ? 5.904   8.512   7.564   1.00 19.96 ? 171 LEU A CA  1 
ATOM   1354 C C   . LEU A 1 174 ? 4.469   8.242   7.135   1.00 20.58 ? 171 LEU A C   1 
ATOM   1355 O O   . LEU A 1 174 ? 3.583   8.173   7.983   1.00 21.79 ? 171 LEU A O   1 
ATOM   1356 C CB  . LEU A 1 174 ? 6.406   7.448   8.524   1.00 22.26 ? 171 LEU A CB  1 
ATOM   1357 C CG  . LEU A 1 174 ? 6.213   5.940   8.445   1.00 28.94 ? 171 LEU A CG  1 
ATOM   1358 C CD1 . LEU A 1 174 ? 5.680   5.374   7.152   1.00 26.84 ? 171 LEU A CD1 1 
ATOM   1359 C CD2 . LEU A 1 174 ? 7.425   5.165   8.954   1.00 26.86 ? 171 LEU A CD2 1 
ATOM   1360 N N   . TYR A 1 175 ? 4.261   8.072   5.839   1.00 19.05 ? 172 TYR A N   1 
ATOM   1361 C CA  . TYR A 1 175 ? 2.907   7.899   5.319   1.00 17.39 ? 172 TYR A CA  1 
ATOM   1362 C C   . TYR A 1 175 ? 2.594   6.543   4.800   1.00 16.96 ? 172 TYR A C   1 
ATOM   1363 O O   . TYR A 1 175 ? 1.761   5.675   5.071   1.00 17.03 ? 172 TYR A O   1 
ATOM   1364 C CB  . TYR A 1 175 ? 2.612   9.120   4.431   1.00 17.32 ? 172 TYR A CB  1 
ATOM   1365 C CG  . TYR A 1 175 ? 1.259   9.122   3.748   1.00 20.27 ? 172 TYR A CG  1 
ATOM   1366 C CD1 . TYR A 1 175 ? 0.124   8.651   4.351   1.00 23.16 ? 172 TYR A CD1 1 
ATOM   1367 C CD2 . TYR A 1 175 ? 1.147   9.556   2.420   1.00 23.51 ? 172 TYR A CD2 1 
ATOM   1368 C CE1 . TYR A 1 175 ? -1.119  8.671   3.743   1.00 25.34 ? 172 TYR A CE1 1 
ATOM   1369 C CE2 . TYR A 1 175 ? -0.084  9.551   1.766   1.00 27.10 ? 172 TYR A CE2 1 
ATOM   1370 C CZ  . TYR A 1 175 ? -1.207  9.112   2.437   1.00 29.18 ? 172 TYR A CZ  1 
ATOM   1371 O OH  . TYR A 1 175 ? -2.432  9.108   1.808   1.00 32.32 ? 172 TYR A OH  1 
ATOM   1372 N N   . GLN A 1 176 ? 3.466   6.100   3.803   1.00 19.37 ? 173 GLN A N   1 
ATOM   1373 C CA  . GLN A 1 176 ? 3.300   4.891   3.033   1.00 17.55 ? 173 GLN A CA  1 
ATOM   1374 C C   . GLN A 1 176 ? 4.691   4.224   2.595   1.00 12.87 ? 173 GLN A C   1 
ATOM   1375 O O   . GLN A 1 176 ? 5.609   5.003   2.638   1.00 18.24 ? 173 GLN A O   1 
ATOM   1376 C CB  . GLN A 1 176 ? 2.585   5.080   1.686   1.00 22.52 ? 173 GLN A CB  1 
ATOM   1377 C CG  . GLN A 1 176 ? 1.104   5.480   2.022   1.00 24.36 ? 173 GLN A CG  1 
ATOM   1378 C CD  . GLN A 1 176 ? 0.350   5.692   0.727   1.00 27.78 ? 173 GLN A CD  1 
ATOM   1379 O OE1 . GLN A 1 176 ? -0.697  5.049   0.623   1.00 29.64 ? 173 GLN A OE1 1 
ATOM   1380 N NE2 . GLN A 1 176 ? 0.850   6.490   -0.195  1.00 27.29 ? 173 GLN A NE2 1 
ATOM   1381 N N   . VAL A 1 177 ? 4.553   2.951   2.533   1.00 14.50 ? 174 VAL A N   1 
ATOM   1382 C CA  . VAL A 1 177 ? 5.915   2.273   2.246   1.00 14.85 ? 174 VAL A CA  1 
ATOM   1383 C C   . VAL A 1 177 ? 5.557   1.543   0.977   1.00 12.54 ? 174 VAL A C   1 
ATOM   1384 O O   . VAL A 1 177 ? 4.609   0.787   0.912   1.00 15.03 ? 174 VAL A O   1 
ATOM   1385 C CB  . VAL A 1 177 ? 6.279   1.407   3.434   1.00 15.79 ? 174 VAL A CB  1 
ATOM   1386 C CG1 . VAL A 1 177 ? 7.546   0.557   3.179   1.00 17.52 ? 174 VAL A CG1 1 
ATOM   1387 C CG2 . VAL A 1 177 ? 6.581   2.294   4.669   1.00 17.41 ? 174 VAL A CG2 1 
ATOM   1388 N N   . TYR A 1 178 ? 6.502   1.634   -0.018  1.00 15.77 ? 175 TYR A N   1 
ATOM   1389 C CA  . TYR A 1 178 ? 6.326   0.846   -1.256  1.00 16.93 ? 175 TYR A CA  1 
ATOM   1390 C C   . TYR A 1 178 ? 7.435   -0.248  -1.378  1.00 15.78 ? 175 TYR A C   1 
ATOM   1391 O O   . TYR A 1 178 ? 8.565   0.168   -1.067  1.00 18.65 ? 175 TYR A O   1 
ATOM   1392 C CB  . TYR A 1 178 ? 6.630   1.781   -2.423  1.00 16.73 ? 175 TYR A CB  1 
ATOM   1393 C CG  . TYR A 1 178 ? 5.705   2.839   -2.909  1.00 21.71 ? 175 TYR A CG  1 
ATOM   1394 C CD1 . TYR A 1 178 ? 5.208   3.697   -1.893  1.00 21.26 ? 175 TYR A CD1 1 
ATOM   1395 C CD2 . TYR A 1 178 ? 5.181   3.144   -4.141  1.00 20.91 ? 175 TYR A CD2 1 
ATOM   1396 C CE1 . TYR A 1 178 ? 4.320   4.741   -2.076  1.00 25.39 ? 175 TYR A CE1 1 
ATOM   1397 C CE2 . TYR A 1 178 ? 4.307   4.179   -4.385  1.00 23.41 ? 175 TYR A CE2 1 
ATOM   1398 C CZ  . TYR A 1 178 ? 3.856   4.988   -3.349  1.00 25.59 ? 175 TYR A CZ  1 
ATOM   1399 O OH  . TYR A 1 178 ? 2.979   6.020   -3.617  1.00 26.79 ? 175 TYR A OH  1 
ATOM   1400 N N   . ILE A 1 179 ? 6.994   -1.479  -1.609  1.00 17.52 ? 176 ILE A N   1 
ATOM   1401 C CA  . ILE A 1 179 ? 8.035   -2.527  -1.859  1.00 18.26 ? 176 ILE A CA  1 
ATOM   1402 C C   . ILE A 1 179 ? 7.745   -3.012  -3.270  1.00 21.98 ? 176 ILE A C   1 
ATOM   1403 O O   . ILE A 1 179 ? 6.617   -2.979  -3.754  1.00 19.54 ? 176 ILE A O   1 
ATOM   1404 C CB  . ILE A 1 179 ? 7.886   -3.623  -0.804  1.00 20.91 ? 176 ILE A CB  1 
ATOM   1405 C CG1 . ILE A 1 179 ? 8.555   -3.062  0.474   1.00 21.82 ? 176 ILE A CG1 1 
ATOM   1406 C CG2 . ILE A 1 179 ? 8.367   -4.980  -1.253  1.00 24.71 ? 176 ILE A CG2 1 
ATOM   1407 C CD1 . ILE A 1 179 ? 7.978   -3.734  1.714   1.00 27.77 ? 176 ILE A CD1 1 
ATOM   1408 N N   . CYS A 1 180 ? 8.803   -3.398  -4.051  1.00 18.32 ? 177 CYS A N   1 
ATOM   1409 C CA  . CYS A 1 180 ? 8.438   -3.851  -5.396  1.00 19.67 ? 177 CYS A CA  1 
ATOM   1410 C C   . CYS A 1 180 ? 8.448   -5.343  -5.562  1.00 18.98 ? 177 CYS A C   1 
ATOM   1411 O O   . CYS A 1 180 ? 9.087   -6.072  -4.828  1.00 21.77 ? 177 CYS A O   1 
ATOM   1412 C CB  . CYS A 1 180 ? 9.396   -3.181  -6.382  1.00 21.32 ? 177 CYS A CB  1 
ATOM   1413 S SG  . CYS A 1 180 ? 9.309   -1.467  -6.637  1.00 22.17 ? 177 CYS A SG  1 
ATOM   1414 N N   . VAL A 1 181 ? 7.618   -5.840  -6.452  1.00 19.17 ? 178 VAL A N   1 
ATOM   1415 C CA  . VAL A 1 181 ? 7.276   -7.188  -6.735  1.00 22.43 ? 178 VAL A CA  1 
ATOM   1416 C C   . VAL A 1 181 ? 7.506   -7.367  -8.260  1.00 22.17 ? 178 VAL A C   1 
ATOM   1417 O O   . VAL A 1 181 ? 7.293   -6.435  -9.014  1.00 17.77 ? 178 VAL A O   1 
ATOM   1418 C CB  . VAL A 1 181 ? 5.793   -7.476  -6.391  1.00 25.09 ? 178 VAL A CB  1 
ATOM   1419 C CG1 . VAL A 1 181 ? 5.480   -8.957  -6.522  1.00 24.96 ? 178 VAL A CG1 1 
ATOM   1420 C CG2 . VAL A 1 181 ? 5.497   -7.016  -4.952  1.00 24.95 ? 178 VAL A CG2 1 
ATOM   1421 N N   . ASP A 1 182 ? 8.020   -8.563  -8.598  1.00 24.73 ? 179 ASP A N   1 
ATOM   1422 C CA  . ASP A 1 182 ? 8.323   -8.715  -10.048 1.00 28.95 ? 179 ASP A CA  1 
ATOM   1423 C C   . ASP A 1 182 ? 7.031   -8.729  -10.852 1.00 29.98 ? 179 ASP A C   1 
ATOM   1424 O O   . ASP A 1 182 ? 5.919   -8.918  -10.346 1.00 27.23 ? 179 ASP A O   1 
ATOM   1425 C CB  . ASP A 1 182 ? 9.192   -9.951  -10.236 1.00 33.99 ? 179 ASP A CB  1 
ATOM   1426 C CG  . ASP A 1 182 ? 8.369   -11.184 -10.483 1.00 40.09 ? 179 ASP A CG  1 
ATOM   1427 O OD1 . ASP A 1 182 ? 7.936   -11.989 -9.653  1.00 42.48 ? 179 ASP A OD1 1 
ATOM   1428 O OD2 . ASP A 1 182 ? 8.009   -11.323 -11.706 1.00 45.54 ? 179 ASP A OD2 1 
ATOM   1429 N N   . GLY A 1 183 ? 7.120   -8.573  -12.157 1.00 29.12 ? 180 GLY A N   1 
ATOM   1430 C CA  . GLY A 1 183 ? 6.076   -8.603  -13.141 1.00 29.34 ? 180 GLY A CA  1 
ATOM   1431 C C   . GLY A 1 183 ? 5.194   -9.832  -13.159 1.00 31.30 ? 180 GLY A C   1 
ATOM   1432 O O   . GLY A 1 183 ? 4.067   -9.704  -13.637 1.00 31.70 ? 180 GLY A O   1 
ATOM   1433 N N   . SER A 1 184 ? 5.610   -10.999 -12.741 1.00 33.02 ? 181 SER A N   1 
ATOM   1434 C CA  . SER A 1 184 ? 4.919   -12.211 -12.440 1.00 37.56 ? 181 SER A CA  1 
ATOM   1435 C C   . SER A 1 184 ? 4.095   -12.227 -11.153 1.00 39.90 ? 181 SER A C   1 
ATOM   1436 O O   . SER A 1 184 ? 3.287   -13.143 -10.952 1.00 40.79 ? 181 SER A O   1 
ATOM   1437 C CB  . SER A 1 184 ? 5.950   -13.349 -12.200 1.00 40.12 ? 181 SER A CB  1 
ATOM   1438 O OG  . SER A 1 184 ? 6.660   -13.646 -13.381 1.00 45.96 ? 181 SER A OG  1 
ATOM   1439 N N   . GLY A 1 185 ? 4.392   -11.330 -10.224 1.00 40.34 ? 182 GLY A N   1 
ATOM   1440 C CA  . GLY A 1 185 ? 3.760   -11.315 -8.917  1.00 41.42 ? 182 GLY A CA  1 
ATOM   1441 C C   . GLY A 1 185 ? 4.271   -12.393 -7.980  1.00 42.98 ? 182 GLY A C   1 
ATOM   1442 O O   . GLY A 1 185 ? 3.661   -12.658 -6.941  1.00 42.92 ? 182 GLY A O   1 
ATOM   1443 N N   . SER A 1 186 ? 5.430   -12.992 -8.270  1.00 43.81 ? 183 SER A N   1 
ATOM   1444 C CA  . SER A 1 186 ? 5.934   -14.115 -7.508  1.00 44.56 ? 183 SER A CA  1 
ATOM   1445 C C   . SER A 1 186 ? 6.959   -13.701 -6.446  1.00 43.28 ? 183 SER A C   1 
ATOM   1446 O O   . SER A 1 186 ? 7.009   -14.389 -5.419  1.00 46.24 ? 183 SER A O   1 
ATOM   1447 C CB  . SER A 1 186 ? 6.640   -15.156 -8.376  1.00 46.20 ? 183 SER A CB  1 
ATOM   1448 O OG  . SER A 1 186 ? 6.252   -15.186 -9.723  1.00 50.21 ? 183 SER A OG  1 
ATOM   1449 N N   . SER A 1 187 ? 7.806   -12.704 -6.695  1.00 39.91 ? 184 SER A N   1 
ATOM   1450 C CA  . SER A 1 187 ? 8.841   -12.393 -5.738  1.00 37.42 ? 184 SER A CA  1 
ATOM   1451 C C   . SER A 1 187 ? 9.279   -10.941 -5.617  1.00 32.92 ? 184 SER A C   1 
ATOM   1452 O O   . SER A 1 187 ? 9.385   -10.201 -6.590  1.00 34.55 ? 184 SER A O   1 
ATOM   1453 C CB  . SER A 1 187 ? 10.100  -13.234 -6.019  1.00 39.85 ? 184 SER A CB  1 
ATOM   1454 O OG  . SER A 1 187 ? 10.552  -13.027 -7.347  1.00 42.65 ? 184 SER A OG  1 
ATOM   1455 N N   . LEU A 1 188 ? 9.629   -10.563 -4.379  1.00 29.39 ? 185 LEU A N   1 
ATOM   1456 C CA  . LEU A 1 188 ? 10.195  -9.244  -4.124  1.00 28.77 ? 185 LEU A CA  1 
ATOM   1457 C C   . LEU A 1 188 ? 11.415  -9.010  -5.001  1.00 29.46 ? 185 LEU A C   1 
ATOM   1458 O O   . LEU A 1 188 ? 12.261  -9.901  -5.145  1.00 31.22 ? 185 LEU A O   1 
ATOM   1459 C CB  . LEU A 1 188 ? 10.516  -8.977  -2.641  1.00 27.59 ? 185 LEU A CB  1 
ATOM   1460 C CG  . LEU A 1 188 ? 9.275   -9.228  -1.742  1.00 29.53 ? 185 LEU A CG  1 
ATOM   1461 C CD1 . LEU A 1 188 ? 9.715   -8.879  -0.305  1.00 31.64 ? 185 LEU A CD1 1 
ATOM   1462 C CD2 . LEU A 1 188 ? 8.027   -8.528  -2.251  1.00 29.34 ? 185 LEU A CD2 1 
ATOM   1463 N N   . ILE A 1 189 ? 11.551  -7.864  -5.603  1.00 27.05 ? 186 ILE A N   1 
ATOM   1464 C CA  . ILE A 1 189 ? 12.735  -7.406  -6.313  1.00 27.47 ? 186 ILE A CA  1 
ATOM   1465 C C   . ILE A 1 189 ? 13.103  -6.000  -5.892  1.00 29.49 ? 186 ILE A C   1 
ATOM   1466 O O   . ILE A 1 189 ? 12.295  -5.304  -5.259  1.00 27.57 ? 186 ILE A O   1 
ATOM   1467 C CB  . ILE A 1 189 ? 12.485  -7.345  -7.843  1.00 28.75 ? 186 ILE A CB  1 
ATOM   1468 C CG1 . ILE A 1 189 ? 11.274  -6.433  -8.131  1.00 29.29 ? 186 ILE A CG1 1 
ATOM   1469 C CG2 . ILE A 1 189 ? 12.258  -8.745  -8.375  1.00 29.07 ? 186 ILE A CG2 1 
ATOM   1470 C CD1 . ILE A 1 189 ? 11.101  -6.150  -9.604  1.00 31.09 ? 186 ILE A CD1 1 
ATOM   1471 N N   . GLU A 1 190 ? 14.335  -5.561  -6.104  1.00 26.18 ? 187 GLU A N   1 
ATOM   1472 C CA  . GLU A 1 190 ? 14.677  -4.168  -6.047  1.00 26.71 ? 187 GLU A CA  1 
ATOM   1473 C C   . GLU A 1 190 ? 13.836  -3.464  -7.112  1.00 28.35 ? 187 GLU A C   1 
ATOM   1474 O O   . GLU A 1 190 ? 13.677  -3.990  -8.243  1.00 26.79 ? 187 GLU A O   1 
ATOM   1475 C CB  . GLU A 1 190 ? 16.169  -3.936  -6.361  1.00 29.36 ? 187 GLU A CB  1 
ATOM   1476 C CG  . GLU A 1 190 ? 17.108  -4.557  -5.362  1.00 33.01 ? 187 GLU A CG  1 
ATOM   1477 C CD  . GLU A 1 190 ? 17.183  -3.841  -4.022  1.00 34.56 ? 187 GLU A CD  1 
ATOM   1478 O OE1 . GLU A 1 190 ? 16.676  -2.726  -3.841  1.00 34.84 ? 187 GLU A OE1 1 
ATOM   1479 O OE2 . GLU A 1 190 ? 17.802  -4.395  -3.105  1.00 37.72 ? 187 GLU A OE2 1 
ATOM   1480 N N   . CYS A 1 191 ? 13.279  -2.323  -6.762  1.00 26.09 ? 188 CYS A N   1 
ATOM   1481 C CA  . CYS A 1 191 ? 12.421  -1.577  -7.684  1.00 26.32 ? 188 CYS A CA  1 
ATOM   1482 C C   . CYS A 1 191 ? 13.326  -1.207  -8.868  1.00 27.41 ? 188 CYS A C   1 
ATOM   1483 O O   . CYS A 1 191 ? 14.442  -0.769  -8.608  1.00 28.73 ? 188 CYS A O   1 
ATOM   1484 C CB  . CYS A 1 191 ? 11.997  -0.293  -6.955  1.00 26.06 ? 188 CYS A CB  1 
ATOM   1485 S SG  . CYS A 1 191 ? 10.775  -0.679  -5.615  1.00 23.76 ? 188 CYS A SG  1 
ATOM   1486 N N   . PRO A 1 192 ? 12.749  -1.230  -10.063 1.00 26.52 ? 189 PRO A N   1 
ATOM   1487 C CA  . PRO A 1 192 ? 13.507  -0.735  -11.221 1.00 27.11 ? 189 PRO A CA  1 
ATOM   1488 C C   . PRO A 1 192 ? 13.624  0.764   -11.223 1.00 28.37 ? 189 PRO A C   1 
ATOM   1489 O O   . PRO A 1 192 ? 14.548  1.430   -11.700 1.00 29.14 ? 189 PRO A O   1 
ATOM   1490 C CB  . PRO A 1 192 ? 12.694  -1.287  -12.389 1.00 25.42 ? 189 PRO A CB  1 
ATOM   1491 C CG  . PRO A 1 192 ? 12.323  -2.657  -11.887 1.00 26.52 ? 189 PRO A CG  1 
ATOM   1492 C CD  . PRO A 1 192 ? 11.726  -2.230  -10.505 1.00 26.15 ? 189 PRO A CD  1 
ATOM   1493 N N   . ILE A 1 193 ? 12.613  1.443   -10.613 1.00 25.79 ? 190 ILE A N   1 
ATOM   1494 C CA  . ILE A 1 193 ? 12.557  2.899   -10.520 1.00 26.77 ? 190 ILE A CA  1 
ATOM   1495 C C   . ILE A 1 193 ? 11.665  3.275   -9.329  1.00 25.23 ? 190 ILE A C   1 
ATOM   1496 O O   . ILE A 1 193 ? 10.796  2.446   -9.059  1.00 25.09 ? 190 ILE A O   1 
ATOM   1497 C CB  . ILE A 1 193 ? 11.938  3.430   -11.855 1.00 28.49 ? 190 ILE A CB  1 
ATOM   1498 C CG1 . ILE A 1 193 ? 11.845  4.959   -11.903 1.00 28.29 ? 190 ILE A CG1 1 
ATOM   1499 C CG2 . ILE A 1 193 ? 10.576  2.831   -12.188 1.00 29.49 ? 190 ILE A CG2 1 
ATOM   1500 C CD1 . ILE A 1 193 ? 11.616  5.549   -13.292 1.00 29.43 ? 190 ILE A CD1 1 
ATOM   1501 N N   . PHE A 1 194 ? 11.895  4.434   -8.777  1.00 28.19 ? 191 PHE A N   1 
ATOM   1502 C CA  . PHE A 1 194 ? 11.164  4.855   -7.589  1.00 29.38 ? 191 PHE A CA  1 
ATOM   1503 C C   . PHE A 1 194 ? 10.291  6.037   -7.986  1.00 29.11 ? 191 PHE A C   1 
ATOM   1504 O O   . PHE A 1 194 ? 10.584  6.749   -8.951  1.00 30.36 ? 191 PHE A O   1 
ATOM   1505 C CB  . PHE A 1 194 ? 12.170  5.203   -6.471  1.00 28.40 ? 191 PHE A CB  1 
ATOM   1506 C CG  . PHE A 1 194 ? 12.877  4.149   -5.685  1.00 29.50 ? 191 PHE A CG  1 
ATOM   1507 C CD1 . PHE A 1 194 ? 12.238  3.057   -5.179  1.00 29.21 ? 191 PHE A CD1 1 
ATOM   1508 C CD2 . PHE A 1 194 ? 14.225  4.275   -5.389  1.00 33.21 ? 191 PHE A CD2 1 
ATOM   1509 C CE1 . PHE A 1 194 ? 12.854  2.070   -4.442  1.00 31.82 ? 191 PHE A CE1 1 
ATOM   1510 C CE2 . PHE A 1 194 ? 14.866  3.310   -4.621  1.00 32.17 ? 191 PHE A CE2 1 
ATOM   1511 C CZ  . PHE A 1 194 ? 14.182  2.223   -4.132  1.00 33.13 ? 191 PHE A CZ  1 
ATOM   1512 N N   . PRO A 1 195 ? 9.193   6.234   -7.270  1.00 31.76 ? 192 PRO A N   1 
ATOM   1513 C CA  . PRO A 1 195 ? 8.308   7.356   -7.530  1.00 33.93 ? 192 PRO A CA  1 
ATOM   1514 C C   . PRO A 1 195 ? 8.929   8.662   -7.069  1.00 35.57 ? 192 PRO A C   1 
ATOM   1515 O O   . PRO A 1 195 ? 10.019  8.710   -6.483  1.00 35.54 ? 192 PRO A O   1 
ATOM   1516 C CB  . PRO A 1 195 ? 6.995   6.981   -6.878  1.00 32.55 ? 192 PRO A CB  1 
ATOM   1517 C CG  . PRO A 1 195 ? 7.210   5.721   -6.125  1.00 30.55 ? 192 PRO A CG  1 
ATOM   1518 C CD  . PRO A 1 195 ? 8.660   5.324   -6.239  1.00 29.32 ? 192 PRO A CD  1 
ATOM   1519 N N   . GLY A 1 196 ? 8.275   9.773   -7.413  1.00 38.76 ? 193 GLY A N   1 
ATOM   1520 C CA  . GLY A 1 196 ? 8.828   11.080  -6.998  1.00 39.97 ? 193 GLY A CA  1 
ATOM   1521 C C   . GLY A 1 196 ? 8.523   11.292  -5.516  1.00 39.62 ? 193 GLY A C   1 
ATOM   1522 O O   . GLY A 1 196 ? 7.943   10.452  -4.839  1.00 43.75 ? 193 GLY A O   1 
ATOM   1523 N N   . GLY A 1 197 ? 9.065   12.354  -4.945  1.00 39.30 ? 194 GLY A N   1 
ATOM   1524 C CA  . GLY A 1 197 ? 8.518   12.835  -3.671  1.00 37.84 ? 194 GLY A CA  1 
ATOM   1525 C C   . GLY A 1 197 ? 9.667   13.190  -2.735  1.00 38.12 ? 194 GLY A C   1 
ATOM   1526 O O   . GLY A 1 197 ? 10.846  12.858  -2.952  1.00 38.69 ? 194 GLY A O   1 
ATOM   1527 N N   . LYS A 1 198 ? 9.296   13.825  -1.623  1.00 36.76 ? 195 LYS A N   1 
ATOM   1528 C CA  . LYS A 1 198 ? 10.277  14.332  -0.684  1.00 38.11 ? 195 LYS A CA  1 
ATOM   1529 C C   . LYS A 1 198 ? 9.864   13.963  0.753   1.00 34.74 ? 195 LYS A C   1 
ATOM   1530 O O   . LYS A 1 198 ? 8.704   14.053  1.131   1.00 31.72 ? 195 LYS A O   1 
ATOM   1531 C CB  . LYS A 1 198 ? 10.350  15.854  -0.818  1.00 41.77 ? 195 LYS A CB  1 
ATOM   1532 C CG  . LYS A 1 198 ? 11.538  16.526  -0.151  1.00 46.64 ? 195 LYS A CG  1 
ATOM   1533 C CD  . LYS A 1 198 ? 11.119  17.832  0.507   1.00 49.40 ? 195 LYS A CD  1 
ATOM   1534 C CE  . LYS A 1 198 ? 12.037  18.978  0.097   1.00 52.37 ? 195 LYS A CE  1 
ATOM   1535 N NZ  . LYS A 1 198 ? 11.847  19.268  -1.366  1.00 53.59 ? 195 LYS A NZ  1 
ATOM   1536 N N   . CYS A 1 199 ? 10.867  13.598  1.538   1.00 31.90 ? 196 CYS A N   1 
ATOM   1537 C CA  . CYS A 1 199 ? 10.567  13.253  2.944   1.00 30.94 ? 196 CYS A CA  1 
ATOM   1538 C C   . CYS A 1 199 ? 11.411  14.151  3.822   1.00 34.78 ? 196 CYS A C   1 
ATOM   1539 O O   . CYS A 1 199 ? 10.939  14.623  4.867   1.00 36.70 ? 196 CYS A O   1 
ATOM   1540 C CB  . CYS A 1 199 ? 10.797  11.782  3.087   1.00 25.77 ? 196 CYS A CB  1 
ATOM   1541 S SG  . CYS A 1 199 ? 9.555   10.516  3.070   1.00 21.76 ? 196 CYS A SG  1 
ATOM   1542 N N   . GLY A 1 200 ? 12.657  14.445  3.418   1.00 35.84 ? 197 GLY A N   1 
ATOM   1543 C CA  . GLY A 1 200 ? 13.454  15.187  4.422   1.00 37.60 ? 197 GLY A CA  1 
ATOM   1544 C C   . GLY A 1 200 ? 13.879  14.263  5.574   1.00 35.60 ? 197 GLY A C   1 
ATOM   1545 O O   . GLY A 1 200 ? 13.460  13.122  5.721   1.00 35.86 ? 197 GLY A O   1 
ATOM   1546 N N   . THR A 1 201 ? 14.813  14.734  6.396   1.00 33.35 ? 198 THR A N   1 
ATOM   1547 C CA  . THR A 1 201 ? 15.822  13.885  7.012   1.00 33.64 ? 198 THR A CA  1 
ATOM   1548 C C   . THR A 1 201 ? 15.287  13.142  8.236   1.00 31.80 ? 198 THR A C   1 
ATOM   1549 O O   . THR A 1 201 ? 15.799  12.091  8.564   1.00 26.67 ? 198 THR A O   1 
ATOM   1550 C CB  . THR A 1 201 ? 17.043  14.718  7.470   1.00 36.64 ? 198 THR A CB  1 
ATOM   1551 O OG1 . THR A 1 201 ? 17.840  14.017  8.460   1.00 40.95 ? 198 THR A OG1 1 
ATOM   1552 C CG2 . THR A 1 201 ? 16.595  15.987  8.183   1.00 37.56 ? 198 THR A CG2 1 
ATOM   1553 N N   . SER A 1 202 ? 14.300  13.744  8.897   1.00 27.76 ? 199 SER A N   1 
ATOM   1554 C CA  . SER A 1 202 ? 13.812  13.266  10.173  1.00 28.25 ? 199 SER A CA  1 
ATOM   1555 C C   . SER A 1 202 ? 12.282  13.329  10.075  1.00 25.87 ? 199 SER A C   1 
ATOM   1556 O O   . SER A 1 202 ? 11.824  14.397  9.669   1.00 27.26 ? 199 SER A O   1 
ATOM   1557 C CB  . SER A 1 202 ? 14.289  14.180  11.331  1.00 30.39 ? 199 SER A CB  1 
ATOM   1558 O OG  . SER A 1 202 ? 13.912  13.611  12.574  1.00 34.01 ? 199 SER A OG  1 
ATOM   1559 N N   . ILE A 1 203 ? 11.570  12.243  10.316  1.00 25.63 ? 200 ILE A N   1 
ATOM   1560 C CA  . ILE A 1 203 ? 10.125  12.300  10.107  1.00 24.23 ? 200 ILE A CA  1 
ATOM   1561 C C   . ILE A 1 203 ? 9.374   11.690  11.287  1.00 22.30 ? 200 ILE A C   1 
ATOM   1562 O O   . ILE A 1 203 ? 9.792   10.763  11.971  1.00 20.86 ? 200 ILE A O   1 
ATOM   1563 C CB  . ILE A 1 203 ? 9.676   11.608  8.825   1.00 25.54 ? 200 ILE A CB  1 
ATOM   1564 C CG1 . ILE A 1 203 ? 10.101  10.150  8.795   1.00 24.91 ? 200 ILE A CG1 1 
ATOM   1565 C CG2 . ILE A 1 203 ? 10.133  12.336  7.563   1.00 25.35 ? 200 ILE A CG2 1 
ATOM   1566 C CD1 . ILE A 1 203 ? 9.593   9.334   7.592   1.00 26.78 ? 200 ILE A CD1 1 
ATOM   1567 N N   . GLU A 1 204 ? 8.222   12.283  11.556  1.00 21.73 ? 201 GLU A N   1 
ATOM   1568 C CA  . GLU A 1 204 ? 7.368   11.716  12.611  1.00 22.37 ? 201 GLU A CA  1 
ATOM   1569 C C   . GLU A 1 204 ? 6.819   10.343  12.309  1.00 20.08 ? 201 GLU A C   1 
ATOM   1570 O O   . GLU A 1 204 ? 6.406   10.121  11.146  1.00 20.02 ? 201 GLU A O   1 
ATOM   1571 C CB  . GLU A 1 204 ? 6.106   12.604  12.798  1.00 25.52 ? 201 GLU A CB  1 
ATOM   1572 C CG  . GLU A 1 204 ? 6.271   13.944  13.489  1.00 33.72 ? 201 GLU A CG  1 
ATOM   1573 C CD  . GLU A 1 204 ? 4.981   14.759  13.224  1.00 36.70 ? 201 GLU A CD  1 
ATOM   1574 O OE1 . GLU A 1 204 ? 4.158   14.470  12.334  1.00 38.42 ? 201 GLU A OE1 1 
ATOM   1575 O OE2 . GLU A 1 204 ? 4.899   15.713  14.044  1.00 38.01 ? 201 GLU A OE2 1 
ATOM   1576 N N   . PHE A 1 205 ? 6.489   9.541   13.306  1.00 15.82 ? 202 PHE A N   1 
ATOM   1577 C CA  . PHE A 1 205 ? 5.595   8.385   13.195  1.00 16.01 ? 202 PHE A CA  1 
ATOM   1578 C C   . PHE A 1 205 ? 4.395   8.625   14.200  1.00 18.71 ? 202 PHE A C   1 
ATOM   1579 O O   . PHE A 1 205 ? 4.589   8.207   15.325  1.00 17.98 ? 202 PHE A O   1 
ATOM   1580 C CB  . PHE A 1 205 ? 6.441   7.147   13.489  1.00 18.46 ? 202 PHE A CB  1 
ATOM   1581 C CG  . PHE A 1 205 ? 5.923   5.795   13.156  1.00 18.57 ? 202 PHE A CG  1 
ATOM   1582 C CD1 . PHE A 1 205 ? 4.739   5.547   12.473  1.00 17.88 ? 202 PHE A CD1 1 
ATOM   1583 C CD2 . PHE A 1 205 ? 6.695   4.674   13.443  1.00 16.75 ? 202 PHE A CD2 1 
ATOM   1584 C CE1 . PHE A 1 205 ? 4.363   4.263   12.187  1.00 19.54 ? 202 PHE A CE1 1 
ATOM   1585 C CE2 . PHE A 1 205 ? 6.279   3.380   13.201  1.00 20.14 ? 202 PHE A CE2 1 
ATOM   1586 C CZ  . PHE A 1 205 ? 5.095   3.142   12.547  1.00 20.33 ? 202 PHE A CZ  1 
ATOM   1587 N N   . PRO A 1 206 ? 3.285   9.001   13.623  1.00 19.89 ? 203 PRO A N   1 
ATOM   1588 C CA  . PRO A 1 206 ? 2.148   9.542   14.489  1.00 20.89 ? 203 PRO A CA  1 
ATOM   1589 C C   . PRO A 1 206 ? 1.495   8.391   15.156  1.00 18.99 ? 203 PRO A C   1 
ATOM   1590 O O   . PRO A 1 206 ? 1.358   7.251   14.703  1.00 18.35 ? 203 PRO A O   1 
ATOM   1591 C CB  . PRO A 1 206 ? 1.143   10.131  13.492  1.00 20.02 ? 203 PRO A CB  1 
ATOM   1592 C CG  . PRO A 1 206 ? 1.499   9.315   12.246  1.00 22.35 ? 203 PRO A CG  1 
ATOM   1593 C CD  . PRO A 1 206 ? 3.010   9.371   12.233  1.00 20.56 ? 203 PRO A CD  1 
ATOM   1594 N N   . THR A 1 207 ? 0.942   8.725   16.401  1.00 14.60 ? 204 THR A N   1 
ATOM   1595 C CA  . THR A 1 207 ? 0.115   7.741   17.035  1.00 16.69 ? 204 THR A CA  1 
ATOM   1596 C C   . THR A 1 207 ? -1.192  7.559   16.258  1.00 18.18 ? 204 THR A C   1 
ATOM   1597 O O   . THR A 1 207 ? -1.591  8.434   15.501  1.00 20.76 ? 204 THR A O   1 
ATOM   1598 C CB  . THR A 1 207 ? -0.312  8.169   18.474  1.00 19.78 ? 204 THR A CB  1 
ATOM   1599 O OG1 . THR A 1 207 ? -0.984  9.429   18.217  1.00 21.04 ? 204 THR A OG1 1 
ATOM   1600 C CG2 . THR A 1 207 ? 0.910   8.424   19.329  1.00 16.06 ? 204 THR A CG2 1 
ATOM   1601 N N   . PHE A 1 208 ? -1.780  6.434   16.485  1.00 19.58 ? 205 PHE A N   1 
ATOM   1602 C CA  . PHE A 1 208 ? -3.123  6.099   16.005  1.00 23.22 ? 205 PHE A CA  1 
ATOM   1603 C C   . PHE A 1 208 ? -3.836  5.341   17.087  1.00 25.63 ? 205 PHE A C   1 
ATOM   1604 O O   . PHE A 1 208 ? -3.415  4.364   17.728  1.00 28.39 ? 205 PHE A O   1 
ATOM   1605 C CB  . PHE A 1 208 ? -3.126  5.258   14.704  1.00 19.59 ? 205 PHE A CB  1 
ATOM   1606 C CG  . PHE A 1 208 ? -4.503  5.002   14.132  1.00 17.17 ? 205 PHE A CG  1 
ATOM   1607 C CD1 . PHE A 1 208 ? -5.149  6.065   13.535  1.00 16.96 ? 205 PHE A CD1 1 
ATOM   1608 C CD2 . PHE A 1 208 ? -5.064  3.768   14.143  1.00 18.81 ? 205 PHE A CD2 1 
ATOM   1609 C CE1 . PHE A 1 208 ? -6.409  5.799   12.977  1.00 16.03 ? 205 PHE A CE1 1 
ATOM   1610 C CE2 . PHE A 1 208 ? -6.338  3.535   13.574  1.00 17.82 ? 205 PHE A CE2 1 
ATOM   1611 C CZ  . PHE A 1 208 ? -6.996  4.585   13.002  1.00 17.38 ? 205 PHE A CZ  1 
ATOM   1612 O OXT . PHE A 1 208 ? -4.994  5.698   17.323  1.00 27.57 ? 205 PHE A OXT 1 
HETATM 1613 O O   . HOH B 2 .   ? -5.709  0.606   4.220   1.00 24.22 ? 206 HOH A O   1 
HETATM 1614 O O   . HOH B 2 .   ? 4.639   -2.244  1.345   1.00 19.64 ? 207 HOH A O   1 
HETATM 1615 O O   . HOH B 2 .   ? -22.822 -8.755  -10.183 1.00 21.50 ? 208 HOH A O   1 
HETATM 1616 O O   . HOH B 2 .   ? 2.370   -5.002  9.877   1.00 38.12 ? 209 HOH A O   1 
HETATM 1617 O O   . HOH B 2 .   ? 12.102  1.582   23.585  1.00 30.30 ? 210 HOH A O   1 
HETATM 1618 O O   . HOH B 2 .   ? -4.877  3.887   -6.348  1.00 32.11 ? 211 HOH A O   1 
HETATM 1619 O O   . HOH B 2 .   ? -19.047 -2.556  -9.460  1.00 27.21 ? 212 HOH A O   1 
HETATM 1620 O O   . HOH B 2 .   ? 10.849  -5.628  -18.735 1.00 27.47 ? 213 HOH A O   1 
HETATM 1621 O O   . HOH B 2 .   ? 11.447  -3.360  -2.996  1.00 28.28 ? 214 HOH A O   1 
HETATM 1622 O O   . HOH B 2 .   ? -10.896 -0.607  -15.879 1.00 32.47 ? 215 HOH A O   1 
HETATM 1623 O O   . HOH B 2 .   ? -12.641 -11.934 -12.182 1.00 30.98 ? 216 HOH A O   1 
HETATM 1624 O O   . HOH B 2 .   ? -12.649 -13.907 -9.421  1.00 25.48 ? 217 HOH A O   1 
HETATM 1625 O O   . HOH B 2 .   ? -19.930 -9.242  -12.443 1.00 28.64 ? 218 HOH A O   1 
HETATM 1626 O O   . HOH B 2 .   ? -1.483  0.546   -12.440 1.00 23.50 ? 219 HOH A O   1 
HETATM 1627 O O   . HOH B 2 .   ? -5.578  -8.572  -11.528 1.00 41.57 ? 220 HOH A O   1 
HETATM 1628 O O   . HOH B 2 .   ? 4.227   -8.432  -16.309 1.00 30.97 ? 221 HOH A O   1 
HETATM 1629 O O   . HOH B 2 .   ? -3.300  -14.794 -5.842  1.00 32.47 ? 222 HOH A O   1 
HETATM 1630 O O   . HOH B 2 .   ? -13.005 -1.026  5.185   1.00 31.27 ? 223 HOH A O   1 
HETATM 1631 O O   . HOH B 2 .   ? -4.691  -1.973  -5.711  1.00 27.73 ? 224 HOH A O   1 
HETATM 1632 O O   . HOH B 2 .   ? -18.953 -5.744  2.456   1.00 44.18 ? 225 HOH A O   1 
HETATM 1633 O O   . HOH B 2 .   ? -3.942  9.169   18.251  1.00 28.22 ? 226 HOH A O   1 
HETATM 1634 O O   . HOH B 2 .   ? 2.182   -4.990  7.155   1.00 32.82 ? 227 HOH A O   1 
HETATM 1635 O O   . HOH B 2 .   ? 12.047  4.457   20.257  1.00 32.03 ? 228 HOH A O   1 
HETATM 1636 O O   . HOH B 2 .   ? -6.666  13.603  8.660   1.00 40.49 ? 229 HOH A O   1 
HETATM 1637 O O   . HOH B 2 .   ? 18.005  10.377  7.566   1.00 30.07 ? 230 HOH A O   1 
HETATM 1638 O O   . HOH B 2 .   ? 9.741   -8.467  -13.354 1.00 41.27 ? 231 HOH A O   1 
HETATM 1639 O O   . HOH B 2 .   ? 7.141   11.909  -0.182  1.00 32.60 ? 232 HOH A O   1 
HETATM 1640 O O   . HOH B 2 .   ? 16.036  -7.555  -7.703  1.00 39.55 ? 233 HOH A O   1 
HETATM 1641 O O   . HOH B 2 .   ? -1.846  -9.244  7.670   1.00 42.63 ? 234 HOH A O   1 
HETATM 1642 O O   . HOH B 2 .   ? -14.719 1.963   16.704  1.00 48.13 ? 235 HOH A O   1 
HETATM 1643 O O   . HOH B 2 .   ? -7.108  -16.991 -6.591  1.00 38.08 ? 236 HOH A O   1 
HETATM 1644 O O   . HOH B 2 .   ? 20.232  11.043  9.220   1.00 37.77 ? 237 HOH A O   1 
HETATM 1645 O O   . HOH B 2 .   ? 13.853  -5.033  12.630  1.00 35.65 ? 238 HOH A O   1 
HETATM 1646 O O   . HOH B 2 .   ? 9.365   18.237  9.020   1.00 42.57 ? 239 HOH A O   1 
HETATM 1647 O O   . HOH B 2 .   ? -14.612 4.984   5.893   1.00 36.29 ? 240 HOH A O   1 
HETATM 1648 O O   . HOH B 2 .   ? -4.568  0.206   8.662   1.00 39.46 ? 241 HOH A O   1 
HETATM 1649 O O   . HOH B 2 .   ? 15.570  -5.058  10.836  1.00 31.59 ? 242 HOH A O   1 
HETATM 1650 O O   . HOH B 2 .   ? 8.052   14.572  17.040  1.00 43.57 ? 243 HOH A O   1 
HETATM 1651 O O   . HOH B 2 .   ? -9.885  7.459   17.853  1.00 44.88 ? 244 HOH A O   1 
HETATM 1652 O O   . HOH B 2 .   ? -10.634 5.591   -11.909 1.00 51.19 ? 245 HOH A O   1 
HETATM 1653 O O   . HOH B 2 .   ? 17.126  0.502   -11.568 1.00 34.63 ? 246 HOH A O   1 
HETATM 1654 O O   . HOH B 2 .   ? -6.627  7.128   -7.332  1.00 46.89 ? 247 HOH A O   1 
HETATM 1655 O O   . HOH B 2 .   ? -13.299 -1.979  -14.369 1.00 38.85 ? 248 HOH A O   1 
HETATM 1656 O O   . HOH B 2 .   ? 17.458  0.864   11.757  1.00 41.94 ? 249 HOH A O   1 
HETATM 1657 O O   . HOH B 2 .   ? -5.848  12.587  5.250   1.00 51.29 ? 250 HOH A O   1 
HETATM 1658 O O   . HOH B 2 .   ? -2.197  -7.150  -17.926 1.00 39.94 ? 251 HOH A O   1 
HETATM 1659 O O   . HOH B 2 .   ? 7.628   5.256   -10.664 1.00 43.86 ? 252 HOH A O   1 
HETATM 1660 O O   . HOH B 2 .   ? -6.354  7.970   16.591  1.00 37.13 ? 253 HOH A O   1 
HETATM 1661 O O   . HOH B 2 .   ? 4.363   5.528   -10.836 1.00 43.42 ? 254 HOH A O   1 
HETATM 1662 O O   . HOH B 2 .   ? 20.185  -8.323  6.521   1.00 35.80 ? 255 HOH A O   1 
HETATM 1663 O O   . HOH B 2 .   ? -4.523  2.230   6.450   1.00 37.62 ? 256 HOH A O   1 
HETATM 1664 O O   . HOH B 2 .   ? -17.448 -8.212  -13.502 1.00 35.74 ? 257 HOH A O   1 
HETATM 1665 O O   . HOH B 2 .   ? -18.597 -1.083  -7.140  1.00 47.18 ? 258 HOH A O   1 
HETATM 1666 O O   . HOH B 2 .   ? 0.016   4.835   18.594  1.00 37.87 ? 259 HOH A O   1 
HETATM 1667 O O   . HOH B 2 .   ? 1.516   7.223   -16.491 1.00 40.85 ? 260 HOH A O   1 
HETATM 1668 O O   . HOH B 2 .   ? 9.193   16.299  10.618  1.00 44.00 ? 261 HOH A O   1 
HETATM 1669 O O   . HOH B 2 .   ? 2.278   -8.723  -18.448 1.00 31.64 ? 262 HOH A O   1 
HETATM 1670 O O   . HOH B 2 .   ? -5.766  -1.593  10.465  1.00 56.89 ? 263 HOH A O   1 
HETATM 1671 O O   . HOH B 2 .   ? -9.821  -2.414  9.932   1.00 40.84 ? 264 HOH A O   1 
HETATM 1672 O O   . HOH B 2 .   ? 2.593   -2.612  10.017  1.00 82.10 ? 265 HOH A O   1 
HETATM 1673 O O   . HOH B 2 .   ? -19.727 -9.941  0.403   1.00 52.90 ? 266 HOH A O   1 
HETATM 1674 O O   . HOH B 2 .   ? -7.860  -3.580  11.508  1.00 44.49 ? 267 HOH A O   1 
HETATM 1675 O O   . HOH B 2 .   ? 15.224  -4.927  -10.131 1.00 35.28 ? 268 HOH A O   1 
HETATM 1676 O O   . HOH B 2 .   ? 1.951   -7.637  7.952   1.00 61.11 ? 269 HOH A O   1 
HETATM 1677 O O   . HOH B 2 .   ? 19.752  1.140   10.673  1.00 71.94 ? 270 HOH A O   1 
HETATM 1678 O O   . HOH B 2 .   ? 12.189  10.526  0.384   1.00 67.83 ? 271 HOH A O   1 
HETATM 1679 O O   . HOH B 2 .   ? -3.929  6.736   -5.552  1.00 65.20 ? 272 HOH A O   1 
HETATM 1680 O O   . HOH B 2 .   ? 5.319   -1.745  -25.137 1.00 41.76 ? 273 HOH A O   1 
HETATM 1681 O O   . HOH B 2 .   ? 11.126  -2.420  20.714  1.00 47.75 ? 274 HOH A O   1 
HETATM 1682 O O   . HOH B 2 .   ? 14.191  -1.674  -4.158  1.00 37.00 ? 275 HOH A O   1 
HETATM 1683 O O   . HOH B 2 .   ? 4.217   -4.244  -24.496 1.00 39.92 ? 276 HOH A O   1 
HETATM 1684 O O   . HOH B 2 .   ? 9.406   10.616  -0.488  1.00 44.44 ? 277 HOH A O   1 
HETATM 1685 O O   . HOH B 2 .   ? 12.680  6.692   0.550   1.00 39.89 ? 278 HOH A O   1 
HETATM 1686 O O   . HOH B 2 .   ? -4.476  -3.590  8.980   1.00 42.19 ? 279 HOH A O   1 
HETATM 1687 O O   . HOH B 2 .   ? -19.965 -14.456 -8.882  1.00 48.97 ? 280 HOH A O   1 
HETATM 1688 O O   . HOH B 2 .   ? -8.323  9.423   14.411  1.00 37.48 ? 281 HOH A O   1 
HETATM 1689 O O   . HOH B 2 .   ? 13.033  -7.854  11.999  1.00 74.09 ? 282 HOH A O   1 
HETATM 1690 O O   . HOH B 2 .   ? -11.497 -13.659 4.799   1.00 38.47 ? 283 HOH A O   1 
HETATM 1691 O O   . HOH B 2 .   ? -2.426  18.258  6.275   1.00 44.40 ? 284 HOH A O   1 
HETATM 1692 O O   . HOH B 2 .   ? -1.304  15.735  3.971   1.00 41.24 ? 285 HOH A O   1 
HETATM 1693 O O   . HOH B 2 .   ? 12.248  -1.075  23.378  1.00 60.19 ? 286 HOH A O   1 
HETATM 1694 O O   . HOH B 2 .   ? -8.578  7.285   -13.426 1.00 61.33 ? 287 HOH A O   1 
HETATM 1695 O O   . HOH B 2 .   ? -4.304  -2.037  17.528  1.00 52.60 ? 288 HOH A O   1 
HETATM 1696 O O   . HOH B 2 .   ? -2.949  5.903   -8.568  1.00 76.29 ? 289 HOH A O   1 
HETATM 1697 O O   . HOH B 2 .   ? -1.460  -15.308 -3.991  1.00 45.61 ? 290 HOH A O   1 
HETATM 1698 O O   . HOH B 2 .   ? 14.950  4.382   17.709  1.00 37.73 ? 291 HOH A O   1 
HETATM 1699 O O   . HOH B 2 .   ? -12.501 -1.993  11.346  1.00 54.40 ? 292 HOH A O   1 
HETATM 1700 O O   . HOH B 2 .   ? 11.725  12.608  18.566  1.00 31.19 ? 293 HOH A O   1 
HETATM 1701 O O   . HOH B 2 .   ? -5.137  -5.585  -19.101 1.00 47.37 ? 294 HOH A O   1 
HETATM 1702 O O   . HOH B 2 .   ? 0.313   -0.531  17.298  1.00 49.04 ? 295 HOH A O   1 
HETATM 1703 O O   . HOH B 2 .   ? -3.697  -15.899 -11.652 1.00 54.54 ? 296 HOH A O   1 
HETATM 1704 O O   . HOH B 2 .   ? 7.693   -9.682  7.751   1.00 53.13 ? 297 HOH A O   1 
HETATM 1705 O O   . HOH B 2 .   ? 14.421  4.336   -0.355  1.00 49.61 ? 298 HOH A O   1 
HETATM 1706 O O   . HOH B 2 .   ? -3.556  -9.719  4.780   1.00 51.26 ? 299 HOH A O   1 
HETATM 1707 O O   . HOH B 2 .   ? 9.384   4.080   -22.713 1.00 48.11 ? 300 HOH A O   1 
HETATM 1708 O O   . HOH B 2 .   ? 16.164  12.659  3.727   1.00 52.34 ? 301 HOH A O   1 
HETATM 1709 O O   . HOH B 2 .   ? -11.813 -18.277 -6.537  1.00 53.36 ? 302 HOH A O   1 
HETATM 1710 O O   . HOH B 2 .   ? 0.652   -15.446 3.232   1.00 49.70 ? 303 HOH A O   1 
HETATM 1711 O O   . HOH B 2 .   ? -12.442 17.231  6.039   1.00 56.01 ? 304 HOH A O   1 
HETATM 1712 O O   . HOH B 2 .   ? -7.966  5.318   3.169   1.00 47.61 ? 305 HOH A O   1 
HETATM 1713 O O   . HOH B 2 .   ? -8.530  -17.031 -8.828  1.00 63.98 ? 306 HOH A O   1 
HETATM 1714 O O   . HOH B 2 .   ? -17.415 -1.130  -15.695 1.00 53.09 ? 307 HOH A O   1 
HETATM 1715 O O   . HOH B 2 .   ? 13.022  -13.065 -4.086  1.00 85.81 ? 308 HOH A O   1 
HETATM 1716 O O   . HOH B 2 .   ? -3.539  2.063   -19.506 1.00 47.66 ? 309 HOH A O   1 
HETATM 1717 O O   . HOH B 2 .   ? 1.835   -6.195  13.378  1.00 63.83 ? 310 HOH A O   1 
HETATM 1718 O O   . HOH B 2 .   ? -20.006 -3.613  1.112   1.00 48.62 ? 311 HOH A O   1 
HETATM 1719 O O   . HOH B 2 .   ? -8.428  3.145   20.542  1.00 57.72 ? 312 HOH A O   1 
HETATM 1720 O O   . HOH B 2 .   ? 2.056   2.009   -10.184 1.00 52.18 ? 313 HOH A O   1 
HETATM 1721 O O   . HOH B 2 .   ? 18.680  -8.570  -6.490  1.00 59.05 ? 314 HOH A O   1 
HETATM 1722 O O   . HOH B 2 .   ? 14.896  3.002   -13.757 1.00 50.07 ? 315 HOH A O   1 
HETATM 1723 O O   . HOH B 2 .   ? -15.771 8.081   11.459  1.00 46.78 ? 316 HOH A O   1 
HETATM 1724 O O   . HOH B 2 .   ? -15.127 -13.398 4.269   1.00 35.66 ? 317 HOH A O   1 
HETATM 1725 O O   . HOH B 2 .   ? -0.868  20.941  6.587   1.00 52.85 ? 318 HOH A O   1 
HETATM 1726 O O   . HOH B 2 .   ? -6.417  5.715   -18.011 1.00 65.45 ? 319 HOH A O   1 
HETATM 1727 O O   . HOH B 2 .   ? -1.326  7.491   -2.650  1.00 55.84 ? 320 HOH A O   1 
HETATM 1728 O O   . HOH B 2 .   ? -16.254 6.153   1.157   1.00 55.41 ? 321 HOH A O   1 
HETATM 1729 O O   . HOH B 2 .   ? -4.590  -14.785 1.890   1.00 58.02 ? 322 HOH A O   1 
HETATM 1730 O O   . HOH B 2 .   ? 20.672  -0.144  0.023   1.00 75.73 ? 323 HOH A O   1 
HETATM 1731 O O   . HOH B 2 .   ? 13.314  11.037  20.037  1.00 59.11 ? 324 HOH A O   1 
HETATM 1732 O O   . HOH B 2 .   ? -4.260  -17.311 -6.710  1.00 64.29 ? 325 HOH A O   1 
HETATM 1733 O O   . HOH B 2 .   ? -5.590  5.613   20.249  1.00 49.40 ? 326 HOH A O   1 
HETATM 1734 O O   . HOH B 2 .   ? -1.165  -3.990  16.144  1.00 52.66 ? 327 HOH A O   1 
HETATM 1735 O O   . HOH B 2 .   ? -13.182 4.438   -9.257  1.00 59.29 ? 328 HOH A O   1 
HETATM 1736 O O   . HOH B 2 .   ? 1.188   -0.850  -19.602 1.00 59.78 ? 329 HOH A O   1 
HETATM 1737 O O   . HOH B 2 .   ? -1.812  6.496   -16.429 1.00 52.58 ? 330 HOH A O   1 
HETATM 1738 O O   . HOH B 2 .   ? 17.164  -1.233  -9.248  1.00 61.82 ? 331 HOH A O   1 
HETATM 1739 O O   . HOH B 2 .   ? 10.234  -5.714  20.106  1.00 50.82 ? 332 HOH A O   1 
HETATM 1740 O O   . HOH B 2 .   ? 6.191   -10.836 -26.592 1.00 46.76 ? 333 HOH A O   1 
HETATM 1741 O O   . HOH B 2 .   ? 23.446  3.408   6.867   1.00 50.15 ? 334 HOH A O   1 
HETATM 1742 O O   . HOH B 2 .   ? 20.277  2.981   0.417   1.00 70.26 ? 335 HOH A O   1 
HETATM 1743 O O   . HOH B 2 .   ? 18.348  10.809  4.848   1.00 53.28 ? 336 HOH A O   1 
HETATM 1744 O O   . HOH B 2 .   ? -5.431  -13.191 4.623   1.00 53.98 ? 337 HOH A O   1 
HETATM 1745 O O   . HOH B 2 .   ? 15.987  5.125   15.012  1.00 52.76 ? 338 HOH A O   1 
HETATM 1746 O O   . HOH B 2 .   ? 3.024   13.351  15.109  1.00 64.52 ? 339 HOH A O   1 
HETATM 1747 O O   . HOH B 2 .   ? 2.757   17.200  15.053  1.00 54.33 ? 340 HOH A O   1 
HETATM 1748 O O   . HOH B 2 .   ? 0.137   4.312   -9.974  1.00 51.96 ? 341 HOH A O   1 
# 
